data_5NUP
#
_entry.id   5NUP
#
_cell.length_a   92.377
_cell.length_b   145.240
_cell.length_c   232.535
_cell.angle_alpha   90.00
_cell.angle_beta   90.00
_cell.angle_gamma   90.00
#
_symmetry.space_group_name_H-M   'P 21 21 21'
#
loop_
_entity.id
_entity.type
_entity.pdbx_description
1 polymer OmpK36
2 polymer 'ABC transporter permease'
3 non-polymer (HYDROXYETHYLOXY)TRI(ETHYLOXY)OCTANE
4 non-polymer DODECYL-BETA-D-MALTOSIDE
#
loop_
_entity_poly.entity_id
_entity_poly.type
_entity_poly.pdbx_seq_one_letter_code
_entity_poly.pdbx_strand_id
1 'polypeptide(L)'
;AEIYNKDGNKLDLYGKIDGLHYFSDDKSVDGDQTYMRVGVKGETQINDQLTGYGQWEYNVQANNTESSSDQAWTRLAFAG
LKFGDAGSFDYGRNYGVVYDVTSWTDVLPEFGGDTYGSDNFLQSRANGVATYRNSDFFGLVDGLNFALQYQGKNGSVSGE
GATNNGRGWSKQNGDGFGTSLTYDIWDGISAGFAYSHSKRTDEQNSVPALGRGDNAETYTGGLKYDANNIYLASRYTQTY
NATRAGSLGFANKAQNFEVVAQYQFDFGLRPSVAYLQSKGKDLERGYGDQDILKYVDVGATYYFNKNMSTYVDYKINLLD
DNSFTRNAGISTDDVVALGLVYQF
;
A,B,C
2 'polypeptide(L)'
;CASSSSGDRPQGRSDPLEGFNRTMFNFNFNVVDPYVLRPVAVAWRDYVPQPARNGLSNFTSNLEEPAVMVNYFLQGDPYK
GMVHFTRFFLNTILGMGGLIDVAGMANPQLQRVEPHRFGSTLGHYGVGYGPYVQLPFYGSFTLRDEGGDMADGLYPVLSW
LTWPMSIGKWAVEGIETRAQLLDSDGLLRQSSDPYILMREAYFQRHDFIANGGKLTPADNPNAQAIQDELKDIDSQ
;
D,E,F
#
loop_
_chem_comp.id
_chem_comp.type
_chem_comp.name
_chem_comp.formula
C8E non-polymer (HYDROXYETHYLOXY)TRI(ETHYLOXY)OCTANE 'C16 H34 O5'
LMT D-saccharide DODECYL-BETA-D-MALTOSIDE 'C24 H46 O11'
#
# COMPACT_ATOMS: atom_id res chain seq x y z
N ALA A 1 8.13 -12.29 -0.42
CA ALA A 1 9.47 -12.55 0.11
C ALA A 1 9.48 -12.50 1.65
N GLU A 2 10.15 -13.47 2.26
CA GLU A 2 10.27 -13.48 3.72
C GLU A 2 11.18 -12.33 4.10
N ILE A 3 10.58 -11.25 4.63
CA ILE A 3 11.31 -10.06 5.03
C ILE A 3 11.45 -9.97 6.55
N TYR A 4 10.83 -10.87 7.29
CA TYR A 4 10.91 -10.87 8.74
C TYR A 4 10.86 -12.31 9.23
N ASN A 5 11.81 -12.68 10.08
CA ASN A 5 11.70 -13.95 10.77
C ASN A 5 12.63 -13.92 11.98
N LYS A 6 12.12 -13.36 13.07
CA LYS A 6 12.86 -13.19 14.31
C LYS A 6 11.95 -13.67 15.43
N ASP A 7 12.40 -14.69 16.16
CA ASP A 7 11.74 -15.09 17.39
C ASP A 7 10.28 -15.49 17.16
N GLY A 8 10.09 -16.47 16.27
CA GLY A 8 8.78 -17.03 16.00
C GLY A 8 7.79 -16.08 15.37
N ASN A 9 8.28 -15.03 14.72
CA ASN A 9 7.43 -14.13 13.95
C ASN A 9 7.95 -14.08 12.52
N LYS A 10 7.07 -14.33 11.55
CA LYS A 10 7.45 -14.31 10.15
C LYS A 10 6.55 -13.36 9.38
N LEU A 11 7.15 -12.60 8.47
CA LEU A 11 6.35 -11.69 7.67
C LEU A 11 6.75 -11.85 6.22
N ASP A 12 5.76 -11.87 5.34
CA ASP A 12 5.98 -12.17 3.93
C ASP A 12 5.34 -11.05 3.11
N LEU A 13 6.18 -10.26 2.45
CA LEU A 13 5.70 -9.22 1.55
C LEU A 13 5.79 -9.79 0.14
N TYR A 14 4.64 -9.96 -0.52
CA TYR A 14 4.59 -10.63 -1.81
C TYR A 14 3.71 -9.85 -2.78
N GLY A 15 3.96 -10.09 -4.06
CA GLY A 15 3.09 -9.52 -5.07
C GLY A 15 3.67 -9.71 -6.45
N LYS A 16 2.99 -9.10 -7.41
CA LYS A 16 3.43 -9.21 -8.78
C LYS A 16 3.06 -7.93 -9.52
N ILE A 17 3.90 -7.56 -10.48
CA ILE A 17 3.60 -6.48 -11.40
C ILE A 17 3.49 -7.10 -12.76
N ASP A 18 2.37 -6.87 -13.42
CA ASP A 18 2.09 -7.55 -14.68
C ASP A 18 1.72 -6.52 -15.73
N GLY A 19 2.71 -6.18 -16.56
CA GLY A 19 2.50 -5.34 -17.72
C GLY A 19 1.79 -6.22 -18.73
N LEU A 20 0.56 -5.84 -19.08
CA LEU A 20 -0.33 -6.75 -19.80
C LEU A 20 -1.21 -5.93 -20.74
N HIS A 21 -1.39 -6.45 -21.97
CA HIS A 21 -2.15 -5.79 -23.03
C HIS A 21 -3.11 -6.76 -23.70
N TYR A 22 -4.33 -6.30 -23.97
CA TYR A 22 -5.39 -7.07 -24.61
C TYR A 22 -5.62 -6.52 -26.01
N PHE A 23 -5.71 -7.42 -27.00
CA PHE A 23 -6.19 -7.09 -28.33
C PHE A 23 -7.56 -7.73 -28.52
N SER A 24 -8.57 -6.93 -28.86
CA SER A 24 -9.90 -7.47 -29.07
C SER A 24 -10.75 -6.49 -29.84
N ASP A 25 -11.64 -7.03 -30.67
CA ASP A 25 -12.66 -6.24 -31.36
C ASP A 25 -13.66 -5.62 -30.41
N ASP A 26 -13.71 -6.11 -29.16
CA ASP A 26 -14.61 -5.59 -28.15
C ASP A 26 -13.94 -4.41 -27.49
N LYS A 27 -14.50 -3.22 -27.66
CA LYS A 27 -13.82 -2.05 -27.14
C LYS A 27 -13.88 -1.97 -25.62
N SER A 28 -14.61 -2.87 -24.94
CA SER A 28 -14.59 -2.96 -23.48
C SER A 28 -13.40 -3.74 -22.95
N VAL A 29 -12.78 -4.55 -23.78
CA VAL A 29 -11.69 -5.41 -23.36
C VAL A 29 -10.35 -4.94 -23.90
N ASP A 30 -10.36 -4.24 -25.03
CA ASP A 30 -9.19 -3.89 -25.80
C ASP A 30 -8.36 -2.80 -25.12
N GLY A 31 -7.03 -2.97 -25.11
CA GLY A 31 -6.08 -1.94 -24.73
C GLY A 31 -5.15 -2.39 -23.63
N ASP A 32 -4.61 -1.40 -22.91
CA ASP A 32 -3.75 -1.66 -21.76
C ASP A 32 -4.56 -2.19 -20.58
N GLN A 33 -4.00 -3.20 -19.89
CA GLN A 33 -4.57 -3.78 -18.68
C GLN A 33 -3.51 -4.01 -17.63
N THR A 34 -2.49 -3.17 -17.59
CA THR A 34 -1.44 -3.35 -16.60
C THR A 34 -1.98 -3.18 -15.18
N TYR A 35 -1.59 -4.10 -14.30
CA TYR A 35 -2.04 -4.06 -12.93
C TYR A 35 -0.94 -4.60 -12.03
N MET A 36 -1.23 -4.56 -10.73
CA MET A 36 -0.27 -4.85 -9.71
C MET A 36 -0.99 -5.56 -8.56
N ARG A 37 -0.29 -6.49 -7.94
CA ARG A 37 -0.78 -7.08 -6.71
C ARG A 37 0.28 -6.93 -5.65
N VAL A 38 -0.16 -6.55 -4.47
CA VAL A 38 0.70 -6.48 -3.30
C VAL A 38 -0.04 -7.15 -2.16
N GLY A 39 0.72 -7.85 -1.31
CA GLY A 39 0.10 -8.44 -0.13
C GLY A 39 1.12 -8.72 0.96
N VAL A 40 0.58 -9.03 2.13
CA VAL A 40 1.39 -9.43 3.26
C VAL A 40 0.83 -10.74 3.79
N LYS A 41 1.72 -11.67 4.19
CA LYS A 41 1.38 -12.90 4.88
C LYS A 41 2.10 -12.94 6.22
N GLY A 42 1.37 -13.16 7.29
CA GLY A 42 1.93 -13.14 8.62
C GLY A 42 1.66 -14.43 9.37
N GLU A 43 2.67 -14.88 10.11
CA GLU A 43 2.59 -16.06 10.95
C GLU A 43 3.14 -15.68 12.33
N THR A 44 2.46 -16.13 13.39
CA THR A 44 2.97 -15.99 14.75
C THR A 44 2.74 -17.30 15.48
N GLN A 45 3.80 -17.88 16.01
CA GLN A 45 3.65 -19.12 16.75
C GLN A 45 3.41 -18.78 18.22
N ILE A 46 2.30 -19.26 18.75
CA ILE A 46 1.86 -18.91 20.09
C ILE A 46 2.47 -19.96 21.01
N ASN A 47 2.10 -21.22 20.80
CA ASN A 47 2.69 -22.37 21.47
C ASN A 47 3.32 -23.31 20.45
N ASP A 48 3.55 -24.56 20.86
CA ASP A 48 3.79 -25.62 19.90
C ASP A 48 2.48 -26.13 19.31
N GLN A 49 1.39 -26.04 20.09
CA GLN A 49 0.10 -26.53 19.65
C GLN A 49 -0.59 -25.52 18.74
N LEU A 50 -0.44 -24.24 19.04
CA LEU A 50 -1.27 -23.18 18.48
C LEU A 50 -0.41 -22.18 17.72
N THR A 51 -0.88 -21.75 16.55
CA THR A 51 -0.19 -20.74 15.75
C THR A 51 -1.24 -19.89 15.06
N GLY A 52 -1.02 -18.58 15.07
CA GLY A 52 -1.93 -17.61 14.50
C GLY A 52 -1.38 -16.96 13.25
N TYR A 53 -2.26 -16.46 12.40
CA TYR A 53 -1.83 -16.10 11.06
C TYR A 53 -2.77 -15.06 10.48
N GLY A 54 -2.28 -14.36 9.48
CA GLY A 54 -3.13 -13.43 8.76
C GLY A 54 -2.60 -13.24 7.36
N GLN A 55 -3.51 -12.85 6.46
CA GLN A 55 -3.08 -12.51 5.12
C GLN A 55 -3.97 -11.43 4.54
N TRP A 56 -3.37 -10.51 3.79
CA TRP A 56 -4.08 -9.45 3.09
C TRP A 56 -3.48 -9.36 1.70
N GLU A 57 -4.35 -9.22 0.68
CA GLU A 57 -3.80 -9.00 -0.64
C GLU A 57 -4.63 -8.02 -1.45
N TYR A 58 -3.91 -7.06 -2.04
CA TYR A 58 -4.45 -5.84 -2.64
C TYR A 58 -4.21 -5.88 -4.14
N ASN A 59 -5.24 -5.47 -4.90
CA ASN A 59 -5.12 -5.35 -6.34
C ASN A 59 -5.26 -3.90 -6.78
N VAL A 60 -4.24 -3.34 -7.43
CA VAL A 60 -4.32 -1.94 -7.88
C VAL A 60 -3.97 -1.86 -9.37
N GLN A 61 -4.86 -1.24 -10.13
CA GLN A 61 -4.76 -1.19 -11.58
C GLN A 61 -3.92 -0.02 -12.05
N ALA A 62 -2.88 -0.33 -12.81
CA ALA A 62 -1.97 0.66 -13.37
C ALA A 62 -2.31 1.02 -14.81
N ASN A 63 -3.54 0.79 -15.23
CA ASN A 63 -3.83 0.97 -16.64
C ASN A 63 -4.73 2.17 -16.87
N ASN A 64 -4.85 3.05 -15.88
CA ASN A 64 -5.55 4.31 -16.12
C ASN A 64 -4.79 5.54 -15.60
N THR A 65 -5.48 6.67 -15.67
CA THR A 65 -5.05 8.00 -15.29
C THR A 65 -4.69 8.06 -13.81
N GLU A 66 -3.96 9.11 -13.39
CA GLU A 66 -3.79 9.31 -11.96
C GLU A 66 -4.99 9.99 -11.32
N SER A 67 -5.75 10.75 -12.10
CA SER A 67 -7.06 11.24 -11.74
C SER A 67 -8.17 10.18 -11.87
N SER A 68 -7.88 8.93 -12.16
CA SER A 68 -8.96 7.97 -12.32
C SER A 68 -9.36 7.36 -10.97
N SER A 69 -10.60 6.86 -10.90
CA SER A 69 -11.22 6.43 -9.66
C SER A 69 -11.42 4.91 -9.61
N ASP A 70 -11.45 4.40 -8.36
CA ASP A 70 -11.68 2.99 -8.03
C ASP A 70 -10.70 2.06 -8.74
N GLN A 71 -9.42 2.40 -8.70
CA GLN A 71 -8.41 1.56 -9.33
C GLN A 71 -7.81 0.55 -8.38
N ALA A 72 -8.27 0.50 -7.13
CA ALA A 72 -7.73 -0.42 -6.14
C ALA A 72 -8.89 -1.06 -5.38
N TRP A 73 -8.62 -2.27 -4.87
CA TRP A 73 -9.59 -3.00 -4.09
C TRP A 73 -8.88 -4.15 -3.40
N THR A 74 -9.48 -4.59 -2.30
CA THR A 74 -8.93 -5.64 -1.45
C THR A 74 -9.47 -7.00 -1.88
N ARG A 75 -8.56 -7.90 -2.24
CA ARG A 75 -8.97 -9.22 -2.64
C ARG A 75 -9.08 -10.19 -1.46
N LEU A 76 -8.08 -10.21 -0.59
CA LEU A 76 -8.13 -11.05 0.59
C LEU A 76 -7.79 -10.20 1.81
N ALA A 77 -8.39 -10.57 2.94
CA ALA A 77 -7.96 -10.08 4.25
C ALA A 77 -8.61 -10.92 5.35
N PHE A 78 -7.80 -11.70 6.06
CA PHE A 78 -8.35 -12.56 7.07
C PHE A 78 -7.26 -12.87 8.09
N ALA A 79 -7.70 -13.20 9.30
CA ALA A 79 -6.84 -13.73 10.35
C ALA A 79 -7.39 -15.09 10.75
N GLY A 80 -6.55 -15.90 11.40
CA GLY A 80 -7.03 -17.19 11.87
C GLY A 80 -6.05 -17.85 12.81
N LEU A 81 -6.48 -18.99 13.35
CA LEU A 81 -5.60 -19.84 14.12
C LEU A 81 -5.50 -21.22 13.50
N LYS A 82 -4.36 -21.87 13.71
CA LYS A 82 -4.07 -23.19 13.16
C LYS A 82 -3.74 -24.10 14.34
N PHE A 83 -4.55 -25.16 14.53
CA PHE A 83 -4.46 -26.02 15.71
C PHE A 83 -3.70 -27.32 15.47
N GLY A 84 -2.87 -27.40 14.45
CA GLY A 84 -2.15 -28.64 14.20
C GLY A 84 -2.95 -29.77 13.58
N ASP A 85 -3.42 -30.74 14.39
CA ASP A 85 -4.22 -31.84 13.88
C ASP A 85 -5.71 -31.69 14.18
N ALA A 86 -6.09 -30.60 14.82
CA ALA A 86 -7.51 -30.26 14.92
C ALA A 86 -7.89 -29.28 13.83
N GLY A 87 -6.91 -28.81 13.06
CA GLY A 87 -7.21 -28.04 11.87
C GLY A 87 -6.75 -26.60 11.87
N SER A 88 -7.71 -25.71 11.67
CA SER A 88 -7.50 -24.30 11.48
C SER A 88 -8.87 -23.62 11.42
N PHE A 89 -8.93 -22.35 11.79
CA PHE A 89 -10.16 -21.59 11.64
C PHE A 89 -9.80 -20.15 11.29
N ASP A 90 -10.59 -19.54 10.39
CA ASP A 90 -10.24 -18.20 9.94
C ASP A 90 -11.51 -17.41 9.70
N TYR A 91 -11.36 -16.09 9.69
CA TYR A 91 -12.48 -15.24 9.36
C TYR A 91 -11.94 -14.04 8.60
N GLY A 92 -12.75 -13.52 7.70
CA GLY A 92 -12.38 -12.33 6.97
C GLY A 92 -13.05 -12.31 5.60
N ARG A 93 -12.37 -11.70 4.63
CA ARG A 93 -12.73 -11.83 3.22
C ARG A 93 -11.80 -12.88 2.62
N ASN A 94 -12.35 -13.97 2.10
CA ASN A 94 -11.46 -15.06 1.71
C ASN A 94 -12.15 -15.85 0.63
N TYR A 95 -11.45 -16.88 0.14
CA TYR A 95 -11.97 -17.74 -0.92
C TYR A 95 -13.00 -18.71 -0.37
N GLY A 96 -14.09 -18.85 -1.14
CA GLY A 96 -15.02 -19.95 -0.93
C GLY A 96 -14.39 -21.34 -1.09
N VAL A 97 -15.04 -22.30 -0.44
CA VAL A 97 -14.52 -23.66 -0.46
C VAL A 97 -14.86 -24.30 -1.78
N VAL A 98 -15.92 -23.82 -2.45
CA VAL A 98 -16.21 -24.27 -3.80
C VAL A 98 -14.95 -24.18 -4.66
N TYR A 99 -14.15 -23.14 -4.46
CA TYR A 99 -12.90 -22.92 -5.15
C TYR A 99 -11.82 -23.91 -4.71
N ASP A 100 -12.09 -24.80 -3.77
CA ASP A 100 -11.08 -25.79 -3.42
C ASP A 100 -10.93 -26.86 -4.51
N VAL A 101 -11.93 -27.03 -5.37
CA VAL A 101 -11.84 -27.92 -6.52
C VAL A 101 -11.79 -27.15 -7.84
N THR A 102 -12.70 -26.18 -8.00
CA THR A 102 -12.75 -25.38 -9.23
C THR A 102 -11.46 -24.61 -9.48
N SER A 103 -10.69 -24.31 -8.43
CA SER A 103 -9.35 -23.78 -8.62
C SER A 103 -8.47 -24.69 -9.49
N TRP A 104 -8.79 -25.99 -9.58
CA TRP A 104 -7.94 -26.92 -10.29
C TRP A 104 -7.94 -26.63 -11.78
N THR A 105 -8.97 -25.93 -12.26
CA THR A 105 -9.06 -25.51 -13.66
C THR A 105 -8.63 -24.04 -13.83
N ASP A 106 -8.25 -23.38 -12.75
CA ASP A 106 -7.90 -21.96 -12.80
C ASP A 106 -6.39 -21.83 -12.84
N VAL A 107 -5.82 -22.17 -14.00
CA VAL A 107 -4.39 -22.35 -14.17
C VAL A 107 -3.98 -21.84 -15.55
N LEU A 108 -4.91 -21.22 -16.26
CA LEU A 108 -4.61 -20.70 -17.58
C LEU A 108 -3.62 -19.54 -17.49
N PRO A 109 -2.96 -19.22 -18.62
CA PRO A 109 -1.99 -18.12 -18.58
C PRO A 109 -2.60 -16.76 -18.20
N GLU A 110 -3.77 -16.40 -18.72
CA GLU A 110 -4.44 -15.24 -18.14
C GLU A 110 -5.98 -15.30 -18.13
N PHE A 111 -6.62 -16.09 -18.97
CA PHE A 111 -8.08 -16.16 -18.87
C PHE A 111 -8.52 -17.40 -18.06
N GLY A 112 -9.75 -17.83 -18.25
CA GLY A 112 -10.26 -18.96 -17.51
C GLY A 112 -10.88 -18.55 -16.19
N GLY A 113 -11.34 -19.55 -15.45
CA GLY A 113 -11.92 -19.33 -14.15
C GLY A 113 -13.00 -18.29 -14.10
N ASP A 114 -13.78 -18.15 -15.19
CA ASP A 114 -14.86 -17.17 -15.29
C ASP A 114 -16.22 -17.80 -15.62
N THR A 115 -16.43 -19.06 -15.22
CA THR A 115 -17.83 -19.52 -15.10
C THR A 115 -18.53 -18.90 -13.90
N TYR A 116 -17.76 -18.34 -12.96
CA TYR A 116 -18.21 -17.67 -11.74
C TYR A 116 -17.47 -16.35 -11.58
N GLY A 117 -17.95 -15.53 -10.64
CA GLY A 117 -17.30 -14.29 -10.30
C GLY A 117 -16.74 -14.22 -8.88
N SER A 118 -16.14 -13.07 -8.59
CA SER A 118 -15.91 -12.74 -7.20
C SER A 118 -17.22 -12.25 -6.61
N ASP A 119 -17.33 -12.37 -5.26
CA ASP A 119 -18.51 -11.99 -4.48
C ASP A 119 -19.75 -12.64 -5.08
N ASN A 120 -19.67 -13.98 -5.20
CA ASN A 120 -20.75 -14.76 -5.80
C ASN A 120 -20.93 -16.08 -5.04
N PHE A 121 -21.75 -16.06 -3.98
CA PHE A 121 -22.14 -17.22 -3.16
C PHE A 121 -21.01 -18.25 -3.00
N LEU A 122 -19.86 -17.77 -2.59
CA LEU A 122 -18.75 -18.64 -2.20
C LEU A 122 -18.18 -19.49 -3.34
N GLN A 123 -18.28 -19.03 -4.60
CA GLN A 123 -17.58 -19.74 -5.66
C GLN A 123 -16.15 -19.25 -5.80
N SER A 124 -15.93 -17.97 -5.50
CA SER A 124 -14.59 -17.44 -5.28
C SER A 124 -14.74 -16.37 -4.20
N ARG A 125 -13.67 -15.55 -4.01
CA ARG A 125 -13.50 -14.66 -2.86
C ARG A 125 -14.80 -13.93 -2.48
N ALA A 126 -15.02 -13.84 -1.16
CA ALA A 126 -16.29 -13.35 -0.63
C ALA A 126 -16.12 -12.59 0.69
N ASN A 127 -17.06 -11.68 0.96
CA ASN A 127 -17.11 -11.03 2.26
C ASN A 127 -17.77 -11.96 3.27
N GLY A 128 -17.17 -12.06 4.46
CA GLY A 128 -17.80 -12.54 5.67
C GLY A 128 -17.79 -14.04 5.82
N VAL A 129 -16.67 -14.70 5.53
CA VAL A 129 -16.63 -16.15 5.53
C VAL A 129 -15.72 -16.64 6.65
N ALA A 130 -16.28 -17.51 7.49
CA ALA A 130 -15.53 -18.24 8.49
C ALA A 130 -15.29 -19.64 7.94
N THR A 131 -14.05 -20.11 8.03
CA THR A 131 -13.65 -21.34 7.34
C THR A 131 -12.84 -22.23 8.29
N TYR A 132 -13.41 -23.39 8.63
CA TYR A 132 -12.68 -24.45 9.29
C TYR A 132 -12.06 -25.35 8.22
N ARG A 133 -10.79 -25.71 8.40
CA ARG A 133 -10.08 -26.62 7.50
C ARG A 133 -9.30 -27.63 8.31
N ASN A 134 -9.19 -28.83 7.73
CA ASN A 134 -8.54 -29.96 8.38
C ASN A 134 -7.88 -30.81 7.31
N SER A 135 -6.59 -31.02 7.46
CA SER A 135 -5.79 -31.81 6.53
C SER A 135 -5.57 -33.19 7.13
N ASP A 136 -5.48 -34.17 6.23
CA ASP A 136 -5.30 -35.59 6.58
C ASP A 136 -6.38 -36.09 7.53
N PHE A 137 -7.59 -35.55 7.39
CA PHE A 137 -8.77 -35.93 8.17
C PHE A 137 -8.45 -36.23 9.64
N PHE A 138 -8.17 -35.19 10.42
CA PHE A 138 -7.89 -35.35 11.86
C PHE A 138 -6.72 -36.29 12.08
N GLY A 139 -5.73 -36.22 11.20
CA GLY A 139 -4.56 -37.07 11.26
C GLY A 139 -4.82 -38.53 11.03
N LEU A 140 -6.01 -38.89 10.54
CA LEU A 140 -6.39 -40.29 10.34
C LEU A 140 -6.04 -40.69 8.91
N VAL A 141 -6.93 -40.31 7.98
CA VAL A 141 -6.83 -40.65 6.56
C VAL A 141 -5.83 -39.74 5.86
N ASP A 142 -4.57 -40.17 5.80
CA ASP A 142 -3.52 -39.39 5.17
C ASP A 142 -3.89 -38.98 3.76
N GLY A 143 -3.86 -37.68 3.48
CA GLY A 143 -4.09 -37.16 2.16
C GLY A 143 -5.52 -36.78 1.84
N LEU A 144 -6.41 -36.85 2.83
CA LEU A 144 -7.82 -36.49 2.66
C LEU A 144 -8.09 -35.22 3.44
N ASN A 145 -8.51 -34.17 2.75
CA ASN A 145 -8.67 -32.84 3.34
C ASN A 145 -10.11 -32.38 3.19
N PHE A 146 -10.65 -31.79 4.25
CA PHE A 146 -12.01 -31.30 4.20
C PHE A 146 -12.06 -29.91 4.82
N ALA A 147 -13.10 -29.18 4.44
CA ALA A 147 -13.23 -27.81 4.83
C ALA A 147 -14.71 -27.53 5.02
N LEU A 148 -15.02 -26.71 6.01
CA LEU A 148 -16.40 -26.37 6.28
C LEU A 148 -16.45 -24.86 6.47
N GLN A 149 -17.56 -24.23 6.08
CA GLN A 149 -17.49 -22.79 5.98
C GLN A 149 -18.90 -22.19 6.03
N TYR A 150 -19.01 -21.05 6.71
CA TYR A 150 -20.27 -20.35 6.85
C TYR A 150 -20.07 -18.88 6.50
N GLN A 151 -21.15 -18.26 6.02
CA GLN A 151 -21.12 -16.88 5.57
C GLN A 151 -22.45 -16.23 5.93
N GLY A 152 -22.39 -15.05 6.57
CA GLY A 152 -23.57 -14.28 6.88
C GLY A 152 -24.06 -13.41 5.74
N LYS A 153 -25.30 -12.93 5.90
CA LYS A 153 -25.95 -12.03 4.94
C LYS A 153 -25.03 -10.86 4.58
N ASN A 154 -25.00 -10.52 3.28
CA ASN A 154 -24.45 -9.27 2.74
C ASN A 154 -25.56 -8.67 1.88
N GLY A 155 -26.34 -7.74 2.41
CA GLY A 155 -27.62 -7.37 1.82
C GLY A 155 -27.57 -6.12 0.97
N SER A 156 -28.71 -5.45 0.87
CA SER A 156 -28.83 -4.26 0.04
C SER A 156 -28.11 -3.09 0.72
N VAL A 157 -27.91 -1.99 -0.04
CA VAL A 157 -27.26 -0.83 0.57
C VAL A 157 -28.23 -0.15 1.53
N SER A 158 -29.52 -0.19 1.25
CA SER A 158 -30.53 0.38 2.13
C SER A 158 -31.80 -0.44 2.00
N GLY A 159 -32.75 -0.19 2.89
CA GLY A 159 -34.00 -0.92 2.90
C GLY A 159 -34.02 -2.02 3.94
N GLU A 160 -35.11 -2.80 3.92
CA GLU A 160 -35.26 -3.84 4.94
C GLU A 160 -34.22 -4.94 4.79
N GLY A 161 -33.74 -5.20 3.58
CA GLY A 161 -32.72 -6.21 3.43
C GLY A 161 -31.31 -5.67 3.58
N ALA A 162 -31.17 -4.47 4.13
CA ALA A 162 -29.87 -3.81 4.13
C ALA A 162 -28.97 -4.35 5.22
N THR A 163 -27.67 -4.27 4.97
CA THR A 163 -26.65 -4.44 6.00
C THR A 163 -25.64 -3.30 5.85
N ASN A 164 -24.65 -3.26 6.75
CA ASN A 164 -23.64 -2.20 6.71
C ASN A 164 -22.94 -2.15 5.36
N ASN A 165 -22.54 -3.31 4.82
CA ASN A 165 -21.74 -3.36 3.60
C ASN A 165 -22.59 -3.66 2.37
N GLY A 166 -23.77 -3.02 2.26
CA GLY A 166 -24.68 -3.31 1.17
C GLY A 166 -24.05 -3.10 -0.20
N ARG A 167 -24.72 -3.66 -1.21
CA ARG A 167 -24.26 -3.70 -2.58
C ARG A 167 -25.47 -4.09 -3.44
N GLY A 168 -25.25 -4.30 -4.73
CA GLY A 168 -26.34 -4.63 -5.61
C GLY A 168 -26.59 -6.14 -5.70
N TRP A 169 -27.78 -6.45 -6.24
CA TRP A 169 -28.27 -7.82 -6.22
C TRP A 169 -27.23 -8.82 -6.71
N SER A 170 -26.43 -8.42 -7.70
CA SER A 170 -25.50 -9.37 -8.32
C SER A 170 -24.46 -9.93 -7.36
N LYS A 171 -24.17 -9.23 -6.25
CA LYS A 171 -23.25 -9.78 -5.29
C LYS A 171 -23.82 -9.72 -3.88
N GLN A 172 -25.15 -9.70 -3.75
CA GLN A 172 -25.73 -9.87 -2.44
C GLN A 172 -25.78 -11.38 -2.12
N ASN A 173 -26.23 -11.69 -0.91
CA ASN A 173 -26.43 -13.05 -0.41
C ASN A 173 -27.07 -13.01 0.98
N GLY A 174 -27.88 -14.02 1.30
CA GLY A 174 -28.31 -14.26 2.66
C GLY A 174 -27.32 -15.14 3.38
N ASP A 175 -27.72 -15.61 4.56
CA ASP A 175 -26.88 -16.57 5.26
C ASP A 175 -26.69 -17.85 4.44
N GLY A 176 -25.49 -18.39 4.49
CA GLY A 176 -25.23 -19.59 3.71
C GLY A 176 -24.02 -20.32 4.23
N PHE A 177 -23.83 -21.52 3.69
CA PHE A 177 -22.73 -22.38 4.09
C PHE A 177 -22.34 -23.27 2.92
N GLY A 178 -21.16 -23.85 3.03
CA GLY A 178 -20.64 -24.73 2.01
C GLY A 178 -19.60 -25.67 2.59
N THR A 179 -19.27 -26.70 1.84
CA THR A 179 -18.24 -27.60 2.31
C THR A 179 -17.53 -28.24 1.12
N SER A 180 -16.34 -28.76 1.39
CA SER A 180 -15.48 -29.30 0.36
C SER A 180 -14.68 -30.48 0.90
N LEU A 181 -14.42 -31.43 0.01
CA LEU A 181 -13.65 -32.63 0.32
C LEU A 181 -12.78 -32.94 -0.88
N THR A 182 -11.50 -33.22 -0.63
CA THR A 182 -10.53 -33.55 -1.67
C THR A 182 -9.57 -34.65 -1.21
N TYR A 183 -9.26 -35.58 -2.12
CA TYR A 183 -8.44 -36.75 -1.79
C TYR A 183 -7.31 -36.92 -2.79
N ASP A 184 -6.10 -37.08 -2.29
CA ASP A 184 -4.92 -37.34 -3.11
C ASP A 184 -4.74 -38.86 -3.19
N ILE A 185 -5.14 -39.46 -4.32
CA ILE A 185 -5.15 -40.91 -4.46
C ILE A 185 -3.74 -41.45 -4.67
N TRP A 186 -3.39 -41.87 -5.90
CA TRP A 186 -2.11 -42.52 -6.18
C TRP A 186 -1.11 -41.49 -6.72
N ASP A 187 -0.59 -40.64 -5.83
CA ASP A 187 0.43 -39.62 -6.14
C ASP A 187 0.27 -38.94 -7.50
N GLY A 188 -0.25 -37.73 -7.51
CA GLY A 188 -0.57 -37.02 -8.74
C GLY A 188 -2.03 -36.98 -9.14
N ILE A 189 -2.79 -38.05 -8.96
CA ILE A 189 -4.22 -37.99 -9.24
C ILE A 189 -4.94 -37.51 -7.99
N SER A 190 -6.02 -36.74 -8.18
CA SER A 190 -6.70 -36.10 -7.07
C SER A 190 -8.17 -35.93 -7.43
N ALA A 191 -9.05 -36.25 -6.47
CA ALA A 191 -10.47 -36.08 -6.66
C ALA A 191 -10.99 -35.10 -5.63
N GLY A 192 -12.05 -34.38 -6.00
CA GLY A 192 -12.62 -33.40 -5.08
C GLY A 192 -14.09 -33.19 -5.33
N PHE A 193 -14.79 -32.81 -4.26
CA PHE A 193 -16.21 -32.45 -4.32
C PHE A 193 -16.47 -31.20 -3.49
N ALA A 194 -17.43 -30.42 -3.93
CA ALA A 194 -17.77 -29.21 -3.21
C ALA A 194 -19.26 -28.94 -3.32
N TYR A 195 -19.83 -28.50 -2.20
CA TYR A 195 -21.24 -28.16 -2.09
C TYR A 195 -21.35 -26.80 -1.41
N SER A 196 -22.34 -26.02 -1.81
CA SER A 196 -22.63 -24.71 -1.22
C SER A 196 -24.14 -24.49 -1.18
N HIS A 197 -24.60 -23.68 -0.22
CA HIS A 197 -26.03 -23.47 0.02
C HIS A 197 -26.23 -22.13 0.69
N SER A 198 -26.98 -21.22 0.06
CA SER A 198 -27.18 -19.87 0.60
C SER A 198 -28.59 -19.38 0.31
N LYS A 199 -29.11 -18.60 1.25
CA LYS A 199 -30.38 -17.90 1.04
C LYS A 199 -30.15 -16.71 0.10
N ARG A 200 -31.20 -16.35 -0.62
CA ARG A 200 -31.19 -15.24 -1.56
C ARG A 200 -32.02 -14.07 -1.01
N THR A 201 -31.59 -12.85 -1.32
CA THR A 201 -32.19 -11.63 -0.78
C THR A 201 -33.47 -11.29 -1.56
N ASP A 202 -34.36 -10.53 -0.92
CA ASP A 202 -35.57 -10.10 -1.61
C ASP A 202 -35.26 -9.34 -2.89
N GLU A 203 -34.13 -8.64 -2.92
CA GLU A 203 -33.80 -7.89 -4.12
C GLU A 203 -33.36 -8.81 -5.25
N GLN A 204 -32.55 -9.82 -4.94
CA GLN A 204 -32.23 -10.93 -5.83
C GLN A 204 -33.47 -11.43 -6.59
N ASN A 205 -34.60 -11.54 -5.89
CA ASN A 205 -35.82 -12.14 -6.43
C ASN A 205 -36.86 -11.10 -6.83
N SER A 206 -36.47 -9.85 -7.08
CA SER A 206 -37.40 -8.79 -7.46
C SER A 206 -36.83 -7.80 -8.49
N VAL A 207 -35.54 -7.50 -8.45
CA VAL A 207 -34.94 -6.43 -9.25
C VAL A 207 -34.35 -6.91 -10.58
N PRO A 208 -33.59 -8.01 -10.65
CA PRO A 208 -32.95 -8.37 -11.94
C PRO A 208 -33.84 -8.95 -13.04
N ALA A 209 -35.09 -9.32 -12.79
CA ALA A 209 -35.99 -9.91 -13.81
C ALA A 209 -35.67 -11.36 -14.18
N LEU A 210 -34.42 -11.81 -14.06
CA LEU A 210 -34.05 -13.19 -14.35
C LEU A 210 -33.48 -13.86 -13.11
N GLY A 211 -34.01 -15.04 -12.80
CA GLY A 211 -33.61 -15.81 -11.65
C GLY A 211 -34.63 -15.68 -10.55
N ARG A 212 -35.35 -16.77 -10.23
CA ARG A 212 -36.22 -16.81 -9.06
C ARG A 212 -36.01 -18.10 -8.29
N GLY A 213 -36.01 -17.97 -6.97
CA GLY A 213 -35.73 -19.07 -6.06
C GLY A 213 -35.29 -18.60 -4.69
N ASP A 214 -35.72 -19.32 -3.66
CA ASP A 214 -35.37 -18.94 -2.30
C ASP A 214 -33.90 -19.19 -1.99
N ASN A 215 -33.25 -20.18 -2.62
CA ASN A 215 -31.90 -20.53 -2.23
C ASN A 215 -31.01 -20.63 -3.45
N ALA A 216 -29.71 -20.78 -3.20
CA ALA A 216 -28.70 -20.78 -4.25
C ALA A 216 -27.64 -21.81 -3.94
N GLU A 217 -27.65 -22.93 -4.66
CA GLU A 217 -26.75 -24.04 -4.36
C GLU A 217 -25.88 -24.39 -5.56
N THR A 218 -24.79 -25.11 -5.27
CA THR A 218 -23.83 -25.58 -6.26
C THR A 218 -23.28 -26.94 -5.89
N TYR A 219 -23.20 -27.82 -6.89
CA TYR A 219 -22.62 -29.14 -6.77
C TYR A 219 -21.45 -29.22 -7.75
N THR A 220 -20.30 -29.67 -7.24
CA THR A 220 -19.07 -29.64 -8.03
C THR A 220 -18.29 -30.92 -7.80
N GLY A 221 -17.82 -31.49 -8.89
CA GLY A 221 -16.85 -32.56 -8.82
C GLY A 221 -15.72 -32.24 -9.77
N GLY A 222 -14.51 -32.62 -9.37
CA GLY A 222 -13.37 -32.37 -10.22
C GLY A 222 -12.28 -33.39 -10.01
N LEU A 223 -11.49 -33.62 -11.05
CA LEU A 223 -10.32 -34.49 -11.02
C LEU A 223 -9.14 -33.73 -11.59
N LYS A 224 -7.94 -34.20 -11.26
CA LYS A 224 -6.75 -33.55 -11.80
C LYS A 224 -5.60 -34.53 -11.74
N TYR A 225 -4.68 -34.40 -12.71
CA TYR A 225 -3.45 -35.17 -12.78
C TYR A 225 -2.28 -34.21 -12.84
N ASP A 226 -1.28 -34.44 -11.98
CA ASP A 226 -0.13 -33.53 -11.91
C ASP A 226 1.11 -34.38 -11.62
N ALA A 227 1.74 -34.88 -12.70
CA ALA A 227 2.95 -35.68 -12.63
C ALA A 227 3.68 -35.66 -13.98
N ASN A 228 5.00 -35.91 -13.92
CA ASN A 228 5.86 -36.02 -15.10
C ASN A 228 5.70 -34.83 -16.05
N ASN A 229 5.68 -33.63 -15.47
CA ASN A 229 5.54 -32.37 -16.22
C ASN A 229 4.27 -32.32 -17.06
N ILE A 230 3.31 -33.20 -16.77
CA ILE A 230 2.00 -33.18 -17.40
C ILE A 230 0.99 -32.70 -16.38
N TYR A 231 0.05 -31.86 -16.82
CA TYR A 231 -1.03 -31.39 -15.97
C TYR A 231 -2.34 -31.46 -16.74
N LEU A 232 -3.23 -32.34 -16.31
CA LEU A 232 -4.57 -32.43 -16.86
C LEU A 232 -5.57 -32.21 -15.74
N ALA A 233 -6.67 -31.52 -16.03
CA ALA A 233 -7.61 -31.24 -14.96
C ALA A 233 -8.99 -30.99 -15.54
N SER A 234 -10.02 -31.36 -14.78
CA SER A 234 -11.38 -31.10 -15.21
C SER A 234 -12.30 -31.01 -14.00
N ARG A 235 -13.43 -30.33 -14.21
CA ARG A 235 -14.32 -29.90 -13.16
C ARG A 235 -15.72 -29.78 -13.74
N TYR A 236 -16.72 -30.30 -13.04
CA TYR A 236 -18.08 -30.15 -13.49
C TYR A 236 -18.92 -29.60 -12.34
N THR A 237 -19.75 -28.61 -12.63
CA THR A 237 -20.57 -27.98 -11.61
C THR A 237 -22.00 -27.83 -12.10
N GLN A 238 -22.93 -28.12 -11.20
CA GLN A 238 -24.32 -27.72 -11.33
C GLN A 238 -24.62 -26.65 -10.30
N THR A 239 -25.35 -25.63 -10.72
CA THR A 239 -25.72 -24.53 -9.84
C THR A 239 -27.21 -24.26 -10.04
N TYR A 240 -27.89 -23.90 -8.94
CA TYR A 240 -29.27 -23.44 -8.99
C TYR A 240 -29.32 -22.04 -8.40
N ASN A 241 -29.81 -21.09 -9.22
CA ASN A 241 -30.00 -19.70 -8.81
C ASN A 241 -28.70 -19.04 -8.32
N ALA A 242 -27.55 -19.45 -8.87
CA ALA A 242 -26.24 -19.07 -8.37
C ALA A 242 -25.33 -18.47 -9.43
N THR A 243 -25.40 -18.97 -10.67
CA THR A 243 -24.58 -18.50 -11.78
C THR A 243 -25.25 -17.29 -12.44
N ARG A 244 -24.47 -16.22 -12.67
CA ARG A 244 -25.09 -14.99 -13.14
C ARG A 244 -25.28 -15.02 -14.65
N ALA A 245 -26.40 -14.48 -15.09
CA ALA A 245 -26.70 -14.35 -16.52
C ALA A 245 -26.37 -12.92 -16.95
N GLY A 246 -25.08 -12.63 -16.86
CA GLY A 246 -24.58 -11.28 -17.06
C GLY A 246 -25.34 -10.27 -16.24
N SER A 247 -25.75 -9.19 -16.91
CA SER A 247 -26.44 -8.09 -16.25
C SER A 247 -27.92 -8.36 -16.05
N LEU A 248 -28.44 -9.42 -16.66
CA LEU A 248 -29.86 -9.72 -16.67
C LEU A 248 -30.32 -10.46 -15.44
N GLY A 249 -29.40 -11.02 -14.65
CA GLY A 249 -29.76 -11.65 -13.40
C GLY A 249 -29.01 -12.94 -13.17
N PHE A 250 -29.74 -13.98 -12.75
CA PHE A 250 -29.16 -15.30 -12.56
C PHE A 250 -29.88 -16.34 -13.39
N ALA A 251 -29.14 -17.40 -13.72
CA ALA A 251 -29.68 -18.60 -14.32
C ALA A 251 -30.27 -19.51 -13.23
N ASN A 252 -31.54 -19.86 -13.39
CA ASN A 252 -32.20 -20.77 -12.46
C ASN A 252 -31.51 -22.13 -12.41
N LYS A 253 -31.00 -22.57 -13.55
CA LYS A 253 -30.14 -23.74 -13.63
C LYS A 253 -28.99 -23.38 -14.55
N ALA A 254 -27.82 -23.92 -14.23
CA ALA A 254 -26.65 -23.74 -15.06
C ALA A 254 -25.70 -24.89 -14.79
N GLN A 255 -25.07 -25.39 -15.85
CA GLN A 255 -24.07 -26.45 -15.75
C GLN A 255 -22.79 -25.91 -16.33
N ASN A 256 -21.73 -25.94 -15.53
CA ASN A 256 -20.46 -25.34 -15.88
C ASN A 256 -19.42 -26.44 -15.99
N PHE A 257 -18.55 -26.31 -16.98
CA PHE A 257 -17.60 -27.37 -17.24
C PHE A 257 -16.30 -26.82 -17.78
N GLU A 258 -15.18 -27.39 -17.34
CA GLU A 258 -13.85 -26.93 -17.71
C GLU A 258 -12.91 -28.12 -17.87
N VAL A 259 -12.03 -28.03 -18.87
CA VAL A 259 -10.97 -29.02 -19.13
C VAL A 259 -9.71 -28.26 -19.42
N VAL A 260 -8.59 -28.73 -18.86
CA VAL A 260 -7.30 -28.09 -19.12
C VAL A 260 -6.24 -29.16 -19.28
N ALA A 261 -5.31 -28.92 -20.20
CA ALA A 261 -4.17 -29.81 -20.38
C ALA A 261 -2.94 -28.93 -20.54
N GLN A 262 -1.85 -29.28 -19.86
CA GLN A 262 -0.63 -28.48 -19.90
C GLN A 262 0.58 -29.41 -19.90
N TYR A 263 1.63 -29.02 -20.62
CA TYR A 263 2.93 -29.68 -20.52
C TYR A 263 3.97 -28.66 -20.10
N GLN A 264 4.96 -29.11 -19.35
CA GLN A 264 6.02 -28.22 -18.88
C GLN A 264 7.36 -28.64 -19.50
N PHE A 265 7.89 -27.82 -20.39
CA PHE A 265 9.11 -28.19 -21.09
C PHE A 265 10.33 -27.89 -20.22
N ASP A 266 11.36 -28.71 -20.34
CA ASP A 266 12.60 -28.46 -19.61
C ASP A 266 13.18 -27.10 -19.94
N PHE A 267 12.94 -26.59 -21.16
CA PHE A 267 13.55 -25.31 -21.49
C PHE A 267 12.73 -24.14 -20.95
N GLY A 268 11.57 -24.41 -20.36
CA GLY A 268 10.87 -23.40 -19.59
C GLY A 268 9.53 -22.96 -20.11
N LEU A 269 9.04 -23.50 -21.22
CA LEU A 269 7.78 -23.05 -21.79
C LEU A 269 6.69 -24.01 -21.37
N ARG A 270 5.56 -23.47 -20.97
CA ARG A 270 4.41 -24.29 -20.62
C ARG A 270 3.21 -23.95 -21.47
N PRO A 271 2.91 -24.74 -22.49
CA PRO A 271 1.70 -24.52 -23.29
C PRO A 271 0.46 -25.03 -22.57
N SER A 272 -0.69 -24.51 -23.01
CA SER A 272 -1.95 -24.78 -22.36
C SER A 272 -3.08 -24.77 -23.38
N VAL A 273 -3.89 -25.83 -23.33
CA VAL A 273 -5.12 -25.94 -24.10
C VAL A 273 -6.25 -26.13 -23.10
N ALA A 274 -7.39 -25.49 -23.37
CA ALA A 274 -8.54 -25.62 -22.49
C ALA A 274 -9.81 -25.32 -23.27
N TYR A 275 -10.91 -25.84 -22.76
CA TYR A 275 -12.25 -25.55 -23.26
C TYR A 275 -13.11 -25.25 -22.04
N LEU A 276 -13.96 -24.22 -22.13
CA LEU A 276 -14.79 -23.78 -21.02
C LEU A 276 -16.20 -23.50 -21.51
N GLN A 277 -17.16 -23.64 -20.60
CA GLN A 277 -18.56 -23.69 -21.00
C GLN A 277 -19.52 -23.55 -19.83
N SER A 278 -20.47 -22.64 -19.99
CA SER A 278 -21.53 -22.41 -19.02
C SER A 278 -22.82 -22.32 -19.80
N LYS A 279 -23.79 -23.16 -19.46
CA LYS A 279 -25.05 -23.16 -20.17
C LYS A 279 -26.16 -22.99 -19.17
N GLY A 280 -27.01 -22.00 -19.42
CA GLY A 280 -28.08 -21.64 -18.52
C GLY A 280 -29.41 -22.20 -19.02
N LYS A 281 -30.19 -22.75 -18.10
CA LYS A 281 -31.47 -23.34 -18.43
C LYS A 281 -32.60 -22.64 -17.68
N ASP A 282 -33.82 -22.84 -18.14
CA ASP A 282 -35.02 -22.10 -17.73
C ASP A 282 -34.81 -20.64 -17.35
N LEU A 283 -34.46 -19.81 -18.34
CA LEU A 283 -34.48 -18.36 -18.14
C LEU A 283 -35.85 -17.78 -18.51
N GLU A 284 -36.16 -16.62 -17.93
CA GLU A 284 -37.55 -16.21 -17.71
C GLU A 284 -38.15 -15.24 -18.71
N ARG A 285 -37.44 -14.78 -19.73
CA ARG A 285 -38.14 -13.88 -20.63
C ARG A 285 -38.25 -14.45 -22.04
N GLY A 286 -38.25 -15.78 -22.16
CA GLY A 286 -38.26 -16.41 -23.45
C GLY A 286 -36.89 -16.88 -23.87
N TYR A 287 -35.85 -16.47 -23.14
CA TYR A 287 -34.50 -16.93 -23.44
C TYR A 287 -34.41 -18.45 -23.33
N GLY A 288 -35.16 -19.05 -22.42
CA GLY A 288 -35.19 -20.50 -22.33
C GLY A 288 -33.82 -21.04 -22.01
N ASP A 289 -33.28 -21.89 -22.89
CA ASP A 289 -31.91 -22.39 -22.74
C ASP A 289 -30.94 -21.52 -23.50
N GLN A 290 -30.01 -20.90 -22.76
CA GLN A 290 -29.02 -20.00 -23.32
C GLN A 290 -27.62 -20.30 -22.80
N ASP A 291 -26.63 -20.02 -23.64
CA ASP A 291 -25.23 -20.15 -23.28
C ASP A 291 -24.75 -18.84 -22.70
N ILE A 292 -24.03 -18.93 -21.59
CA ILE A 292 -23.48 -17.79 -20.89
C ILE A 292 -22.01 -17.61 -21.20
N LEU A 293 -21.30 -18.72 -21.35
CA LEU A 293 -19.87 -18.70 -21.61
C LEU A 293 -19.51 -19.96 -22.38
N LYS A 294 -18.58 -19.82 -23.33
CA LYS A 294 -18.10 -20.91 -24.18
C LYS A 294 -16.88 -20.48 -24.99
N TYR A 295 -15.72 -21.06 -24.71
CA TYR A 295 -14.59 -20.78 -25.57
C TYR A 295 -13.52 -21.85 -25.44
N VAL A 296 -12.78 -22.04 -26.53
CA VAL A 296 -11.50 -22.74 -26.47
C VAL A 296 -10.46 -21.70 -26.08
N ASP A 297 -9.46 -22.14 -25.32
CA ASP A 297 -8.38 -21.25 -24.94
C ASP A 297 -7.05 -21.94 -25.14
N VAL A 298 -6.20 -21.31 -25.96
CA VAL A 298 -4.84 -21.77 -26.25
C VAL A 298 -3.87 -20.68 -25.82
N GLY A 299 -2.79 -21.05 -25.15
CA GLY A 299 -1.83 -20.04 -24.74
C GLY A 299 -0.57 -20.71 -24.22
N ALA A 300 0.34 -19.89 -23.71
CA ALA A 300 1.60 -20.44 -23.21
C ALA A 300 2.27 -19.40 -22.32
N THR A 301 3.08 -19.87 -21.38
CA THR A 301 3.86 -18.95 -20.59
C THR A 301 5.29 -19.47 -20.58
N TYR A 302 6.26 -18.57 -20.73
CA TYR A 302 7.67 -18.93 -20.64
C TYR A 302 8.18 -18.44 -19.29
N TYR A 303 8.74 -19.35 -18.48
CA TYR A 303 9.27 -19.01 -17.16
C TYR A 303 10.78 -18.85 -17.24
N PHE A 304 11.25 -17.64 -16.96
CA PHE A 304 12.69 -17.36 -16.88
C PHE A 304 13.29 -17.91 -15.59
N ASN A 305 12.58 -17.77 -14.47
CA ASN A 305 12.92 -18.40 -13.19
C ASN A 305 11.70 -18.28 -12.30
N LYS A 306 11.86 -18.62 -11.01
CA LYS A 306 10.71 -18.54 -10.10
C LYS A 306 10.20 -17.11 -9.95
N ASN A 307 10.93 -16.11 -10.45
CA ASN A 307 10.60 -14.71 -10.24
C ASN A 307 10.20 -13.97 -11.49
N MET A 308 10.55 -14.48 -12.67
CA MET A 308 10.12 -13.78 -13.86
C MET A 308 9.65 -14.70 -14.97
N SER A 309 8.56 -14.29 -15.62
CA SER A 309 7.89 -15.11 -16.59
C SER A 309 7.14 -14.18 -17.53
N THR A 310 6.84 -14.72 -18.71
CA THR A 310 6.10 -14.00 -19.74
C THR A 310 5.09 -14.94 -20.36
N TYR A 311 4.01 -14.39 -20.89
CA TYR A 311 3.03 -15.29 -21.45
C TYR A 311 2.20 -14.64 -22.54
N VAL A 312 1.64 -15.51 -23.38
CA VAL A 312 0.62 -15.17 -24.37
C VAL A 312 -0.58 -16.05 -24.13
N ASP A 313 -1.78 -15.51 -24.33
CA ASP A 313 -2.96 -16.34 -24.17
C ASP A 313 -4.04 -15.85 -25.10
N TYR A 314 -4.69 -16.81 -25.77
CA TYR A 314 -5.60 -16.60 -26.90
C TYR A 314 -6.96 -17.24 -26.60
N LYS A 315 -7.96 -16.41 -26.31
CA LYS A 315 -9.31 -16.92 -26.06
C LYS A 315 -10.10 -16.93 -27.37
N ILE A 316 -10.40 -18.12 -27.87
CA ILE A 316 -11.22 -18.30 -29.06
C ILE A 316 -12.68 -18.44 -28.66
N ASN A 317 -13.47 -17.40 -28.87
CA ASN A 317 -14.78 -17.28 -28.22
C ASN A 317 -15.86 -17.81 -29.16
N LEU A 318 -16.57 -18.85 -28.71
CA LEU A 318 -17.55 -19.56 -29.54
C LEU A 318 -18.99 -19.10 -29.31
N LEU A 319 -19.23 -18.09 -28.46
CA LEU A 319 -20.56 -17.51 -28.37
C LEU A 319 -20.99 -16.87 -29.69
N ASP A 320 -22.20 -17.21 -30.13
CA ASP A 320 -22.85 -16.43 -31.18
C ASP A 320 -23.43 -15.15 -30.59
N ASP A 321 -23.89 -14.25 -31.45
CA ASP A 321 -24.39 -12.96 -30.99
C ASP A 321 -25.93 -13.02 -30.96
N ASN A 322 -26.47 -13.50 -29.84
CA ASN A 322 -27.90 -13.63 -29.57
C ASN A 322 -28.52 -12.27 -29.20
N SER A 323 -29.85 -12.24 -29.14
CA SER A 323 -30.49 -11.17 -28.37
C SER A 323 -30.16 -11.29 -26.89
N PHE A 324 -29.65 -12.43 -26.44
CA PHE A 324 -29.37 -12.61 -25.02
C PHE A 324 -27.93 -12.18 -24.68
N THR A 325 -26.95 -12.47 -25.52
CA THR A 325 -25.62 -11.89 -25.30
C THR A 325 -25.69 -10.37 -25.24
N ARG A 326 -26.43 -9.78 -26.20
CA ARG A 326 -26.53 -8.35 -26.54
C ARG A 326 -27.54 -7.64 -25.66
N ASN A 327 -27.91 -8.28 -24.55
CA ASN A 327 -28.82 -7.75 -23.55
C ASN A 327 -28.35 -8.03 -22.15
N ALA A 328 -27.51 -9.05 -21.97
CA ALA A 328 -26.79 -9.38 -20.76
C ALA A 328 -25.41 -8.75 -20.74
N GLY A 329 -24.97 -8.22 -21.87
CA GLY A 329 -23.63 -7.67 -21.93
C GLY A 329 -22.54 -8.72 -21.86
N ILE A 330 -22.70 -9.82 -22.56
CA ILE A 330 -21.69 -10.87 -22.54
C ILE A 330 -20.79 -10.71 -23.75
N SER A 331 -19.48 -10.69 -23.55
CA SER A 331 -18.59 -10.46 -24.66
C SER A 331 -18.62 -11.65 -25.62
N THR A 332 -18.86 -11.36 -26.89
CA THR A 332 -18.95 -12.33 -27.98
C THR A 332 -17.61 -12.52 -28.70
N ASP A 333 -16.63 -11.62 -28.49
CA ASP A 333 -15.43 -11.49 -29.32
C ASP A 333 -14.21 -12.23 -28.78
N ASP A 334 -13.29 -12.56 -29.68
CA ASP A 334 -12.06 -13.20 -29.24
C ASP A 334 -11.16 -12.18 -28.55
N VAL A 335 -10.13 -12.70 -27.89
CA VAL A 335 -9.20 -11.87 -27.14
C VAL A 335 -7.83 -12.55 -27.13
N VAL A 336 -6.78 -11.75 -27.34
CA VAL A 336 -5.39 -12.15 -27.23
C VAL A 336 -4.75 -11.28 -26.16
N ALA A 337 -3.84 -11.84 -25.39
CA ALA A 337 -3.23 -11.10 -24.30
C ALA A 337 -1.75 -11.41 -24.23
N LEU A 338 -0.95 -10.38 -24.05
CA LEU A 338 0.46 -10.57 -23.76
C LEU A 338 0.76 -9.88 -22.45
N GLY A 339 1.54 -10.56 -21.62
CA GLY A 339 1.91 -10.10 -20.32
C GLY A 339 3.35 -10.43 -19.97
N LEU A 340 4.01 -9.51 -19.29
CA LEU A 340 5.32 -9.75 -18.70
C LEU A 340 5.18 -9.52 -17.20
N VAL A 341 5.71 -10.45 -16.40
CA VAL A 341 5.32 -10.55 -14.98
C VAL A 341 6.57 -10.60 -14.11
N TYR A 342 6.77 -9.55 -13.32
CA TYR A 342 7.74 -9.60 -12.22
C TYR A 342 6.96 -9.92 -10.95
N GLN A 343 7.48 -10.87 -10.18
CA GLN A 343 6.88 -11.15 -8.90
C GLN A 343 7.98 -11.34 -7.86
N PHE A 344 7.63 -11.02 -6.62
CA PHE A 344 8.58 -10.94 -5.52
C PHE A 344 8.01 -11.58 -4.26
N ALA B 1 14.42 1.13 0.47
CA ALA B 1 15.43 0.45 1.26
C ALA B 1 15.48 -1.02 0.89
N GLU B 2 16.70 -1.55 0.76
CA GLU B 2 16.91 -2.96 0.44
C GLU B 2 16.46 -3.81 1.64
N ILE B 3 15.32 -4.47 1.50
CA ILE B 3 14.80 -5.32 2.57
C ILE B 3 14.94 -6.80 2.27
N TYR B 4 15.40 -7.18 1.08
CA TYR B 4 15.60 -8.59 0.71
C TYR B 4 16.74 -8.70 -0.30
N ASN B 5 17.67 -9.63 -0.07
CA ASN B 5 18.68 -9.99 -1.06
C ASN B 5 19.16 -11.39 -0.73
N LYS B 6 18.44 -12.40 -1.23
CA LYS B 6 18.71 -13.81 -1.00
C LYS B 6 18.55 -14.51 -2.34
N ASP B 7 19.54 -15.30 -2.74
CA ASP B 7 19.44 -16.09 -3.96
C ASP B 7 19.35 -15.20 -5.20
N GLY B 8 20.17 -14.15 -5.21
CA GLY B 8 20.19 -13.29 -6.38
C GLY B 8 18.91 -12.56 -6.69
N ASN B 9 18.04 -12.34 -5.71
CA ASN B 9 16.87 -11.49 -5.91
C ASN B 9 16.91 -10.38 -4.88
N LYS B 10 16.72 -9.15 -5.34
CA LYS B 10 16.75 -7.98 -4.48
C LYS B 10 15.38 -7.30 -4.54
N LEU B 11 14.91 -6.86 -3.39
CA LEU B 11 13.65 -6.13 -3.31
C LEU B 11 13.88 -4.84 -2.53
N ASP B 12 13.31 -3.75 -3.02
CA ASP B 12 13.55 -2.43 -2.47
C ASP B 12 12.21 -1.79 -2.16
N LEU B 13 11.94 -1.56 -0.87
CA LEU B 13 10.75 -0.83 -0.46
C LEU B 13 11.17 0.60 -0.15
N TYR B 14 10.63 1.55 -0.92
CA TYR B 14 11.06 2.95 -0.86
C TYR B 14 9.85 3.89 -0.86
N GLY B 15 10.10 5.12 -0.43
CA GLY B 15 9.07 6.13 -0.46
C GLY B 15 9.47 7.37 0.32
N LYS B 16 8.49 8.26 0.49
CA LYS B 16 8.71 9.51 1.20
C LYS B 16 7.41 9.99 1.84
N ILE B 17 7.54 10.65 2.99
CA ILE B 17 6.43 11.37 3.62
C ILE B 17 6.80 12.85 3.61
N ASP B 18 5.91 13.68 3.05
CA ASP B 18 6.18 15.10 2.78
C ASP B 18 5.04 15.89 3.40
N GLY B 19 5.33 16.46 4.58
CA GLY B 19 4.41 17.36 5.24
C GLY B 19 4.55 18.65 4.51
N LEU B 20 3.49 19.12 3.87
CA LEU B 20 3.69 20.21 2.93
C LEU B 20 2.47 21.12 2.87
N HIS B 21 2.74 22.43 2.84
CA HIS B 21 1.71 23.45 2.88
C HIS B 21 1.95 24.52 1.82
N TYR B 22 0.89 24.94 1.15
CA TYR B 22 0.93 25.97 0.12
C TYR B 22 0.28 27.24 0.64
N PHE B 23 0.93 28.37 0.43
CA PHE B 23 0.31 29.68 0.65
C PHE B 23 0.08 30.33 -0.71
N SER B 24 -1.17 30.67 -1.00
CA SER B 24 -1.47 31.30 -2.27
C SER B 24 -2.81 32.00 -2.20
N ASP B 25 -2.91 33.13 -2.91
CA ASP B 25 -4.20 33.78 -3.07
C ASP B 25 -5.20 32.93 -3.85
N ASP B 26 -4.73 31.89 -4.54
CA ASP B 26 -5.58 30.98 -5.29
C ASP B 26 -6.05 29.84 -4.38
N LYS B 27 -7.37 29.80 -4.15
CA LYS B 27 -7.96 28.87 -3.21
C LYS B 27 -8.01 27.43 -3.72
N SER B 28 -7.59 27.17 -4.96
CA SER B 28 -7.37 25.83 -5.44
C SER B 28 -6.00 25.31 -5.09
N VAL B 29 -5.08 26.21 -4.77
CA VAL B 29 -3.70 25.87 -4.46
C VAL B 29 -3.40 25.99 -2.98
N ASP B 30 -4.12 26.85 -2.26
CA ASP B 30 -3.79 27.23 -0.90
C ASP B 30 -4.13 26.15 0.09
N GLY B 31 -3.23 25.93 1.05
CA GLY B 31 -3.55 25.09 2.17
C GLY B 31 -2.61 23.91 2.35
N ASP B 32 -3.11 22.89 3.05
CA ASP B 32 -2.36 21.66 3.26
C ASP B 32 -2.25 20.85 1.97
N GLN B 33 -1.07 20.29 1.74
CA GLN B 33 -0.83 19.44 0.59
C GLN B 33 -0.03 18.21 0.96
N THR B 34 -0.21 17.75 2.18
CA THR B 34 0.55 16.60 2.63
C THR B 34 0.22 15.36 1.82
N TYR B 35 1.27 14.67 1.42
CA TYR B 35 1.11 13.42 0.69
C TYR B 35 2.31 12.56 1.03
N MET B 36 2.28 11.35 0.51
CA MET B 36 3.26 10.31 0.75
C MET B 36 3.36 9.48 -0.52
N ARG B 37 4.53 8.93 -0.78
CA ARG B 37 4.69 7.96 -1.86
C ARG B 37 5.32 6.69 -1.29
N VAL B 38 4.83 5.54 -1.75
CA VAL B 38 5.44 4.25 -1.45
C VAL B 38 5.50 3.45 -2.74
N GLY B 39 6.57 2.64 -2.85
CA GLY B 39 6.73 1.80 -4.02
C GLY B 39 7.67 0.64 -3.75
N VAL B 40 7.75 -0.23 -4.74
CA VAL B 40 8.66 -1.37 -4.72
C VAL B 40 9.48 -1.33 -6.01
N LYS B 41 10.78 -1.67 -5.91
CA LYS B 41 11.64 -1.93 -7.07
C LYS B 41 12.24 -3.32 -6.90
N GLY B 42 12.13 -4.14 -7.92
CA GLY B 42 12.54 -5.54 -7.83
C GLY B 42 13.49 -5.98 -8.92
N GLU B 43 14.44 -6.82 -8.53
CA GLU B 43 15.42 -7.42 -9.43
C GLU B 43 15.55 -8.92 -9.16
N THR B 44 15.61 -9.69 -10.25
CA THR B 44 15.98 -11.10 -10.19
C THR B 44 17.01 -11.36 -11.28
N GLN B 45 18.09 -12.03 -10.89
CA GLN B 45 19.15 -12.44 -11.81
C GLN B 45 18.79 -13.79 -12.40
N ILE B 46 18.71 -13.86 -13.73
CA ILE B 46 18.31 -15.08 -14.45
C ILE B 46 19.52 -15.86 -14.91
N ASN B 47 20.34 -15.24 -15.79
CA ASN B 47 21.60 -15.80 -16.26
C ASN B 47 22.76 -14.86 -15.97
N ASP B 48 23.87 -15.08 -16.68
CA ASP B 48 24.89 -14.06 -16.82
C ASP B 48 24.48 -13.03 -17.87
N GLN B 49 23.69 -13.46 -18.86
CA GLN B 49 23.24 -12.57 -19.92
C GLN B 49 21.99 -11.79 -19.56
N LEU B 50 21.05 -12.42 -18.84
CA LEU B 50 19.68 -11.96 -18.74
C LEU B 50 19.31 -11.68 -17.28
N THR B 51 18.62 -10.58 -17.03
CA THR B 51 18.23 -10.19 -15.67
C THR B 51 16.90 -9.44 -15.72
N GLY B 52 15.96 -9.82 -14.84
CA GLY B 52 14.60 -9.29 -14.88
C GLY B 52 14.25 -8.33 -13.77
N TYR B 53 13.24 -7.49 -13.99
CA TYR B 53 12.96 -6.39 -13.07
C TYR B 53 11.52 -5.91 -13.19
N GLY B 54 11.08 -5.24 -12.13
CA GLY B 54 9.80 -4.54 -12.11
C GLY B 54 9.80 -3.48 -11.03
N GLN B 55 8.98 -2.45 -11.20
CA GLN B 55 8.81 -1.49 -10.12
C GLN B 55 7.44 -0.82 -10.20
N TRP B 56 6.87 -0.52 -9.02
CA TRP B 56 5.57 0.13 -8.85
C TRP B 56 5.76 1.26 -7.86
N GLU B 57 5.13 2.41 -8.10
CA GLU B 57 5.14 3.41 -7.04
C GLU B 57 3.82 4.18 -7.02
N TYR B 58 3.31 4.36 -5.80
CA TYR B 58 1.94 4.77 -5.47
C TYR B 58 1.96 6.17 -4.88
N ASN B 59 1.00 7.00 -5.24
CA ASN B 59 0.84 8.32 -4.66
C ASN B 59 -0.43 8.37 -3.81
N VAL B 60 -0.28 8.69 -2.52
CA VAL B 60 -1.38 8.75 -1.57
C VAL B 60 -1.47 10.15 -0.98
N GLN B 61 -2.59 10.82 -1.21
CA GLN B 61 -2.77 12.17 -0.71
C GLN B 61 -3.35 12.11 0.69
N ALA B 62 -2.55 12.58 1.65
CA ALA B 62 -2.91 12.61 3.06
C ALA B 62 -3.48 13.95 3.49
N ASN B 63 -4.00 14.73 2.56
CA ASN B 63 -4.41 16.08 2.92
C ASN B 63 -5.92 16.26 2.84
N ASN B 64 -6.69 15.18 2.81
CA ASN B 64 -8.12 15.36 2.99
C ASN B 64 -8.68 14.43 4.05
N THR B 65 -10.01 14.48 4.25
CA THR B 65 -10.70 13.66 5.23
C THR B 65 -10.63 12.17 4.86
N GLU B 66 -10.93 11.32 5.85
CA GLU B 66 -10.99 9.88 5.63
C GLU B 66 -12.25 9.43 4.92
N SER B 67 -13.31 10.24 4.93
CA SER B 67 -14.46 10.03 4.07
C SER B 67 -14.25 10.53 2.62
N SER B 68 -13.07 11.01 2.25
CA SER B 68 -12.88 11.59 0.92
C SER B 68 -12.54 10.52 -0.13
N SER B 69 -12.67 10.91 -1.40
CA SER B 69 -12.54 10.05 -2.57
C SER B 69 -11.31 10.37 -3.43
N ASP B 70 -10.82 9.32 -4.10
CA ASP B 70 -9.75 9.40 -5.11
C ASP B 70 -8.49 10.07 -4.58
N GLN B 71 -8.05 9.66 -3.39
CA GLN B 71 -6.83 10.21 -2.82
C GLN B 71 -5.60 9.38 -3.15
N ALA B 72 -5.72 8.31 -3.92
CA ALA B 72 -4.58 7.45 -4.22
C ALA B 72 -4.57 7.12 -5.71
N TRP B 73 -3.36 6.87 -6.24
CA TRP B 73 -3.21 6.55 -7.65
C TRP B 73 -1.81 6.01 -7.92
N THR B 74 -1.71 5.25 -8.99
CA THR B 74 -0.46 4.63 -9.39
C THR B 74 0.25 5.52 -10.39
N ARG B 75 1.45 5.95 -10.03
CA ARG B 75 2.20 6.73 -11.00
C ARG B 75 3.08 5.82 -11.85
N LEU B 76 3.70 4.81 -11.25
CA LEU B 76 4.49 3.83 -12.03
C LEU B 76 4.04 2.41 -11.71
N ALA B 77 4.12 1.54 -12.73
CA ALA B 77 4.00 0.08 -12.61
C ALA B 77 4.37 -0.58 -13.94
N PHE B 78 5.50 -1.27 -13.97
CA PHE B 78 5.99 -1.87 -15.19
C PHE B 78 6.96 -2.99 -14.82
N ALA B 79 7.10 -3.93 -15.73
CA ALA B 79 8.09 -5.00 -15.64
C ALA B 79 8.95 -4.95 -16.89
N GLY B 80 10.15 -5.54 -16.79
CA GLY B 80 11.00 -5.59 -17.97
C GLY B 80 12.17 -6.56 -17.85
N LEU B 81 12.87 -6.73 -18.98
CA LEU B 81 14.10 -7.49 -19.01
C LEU B 81 15.25 -6.61 -19.43
N LYS B 82 16.45 -6.95 -18.98
CA LYS B 82 17.64 -6.19 -19.34
C LYS B 82 18.66 -7.18 -19.87
N PHE B 83 19.13 -6.94 -21.10
CA PHE B 83 19.95 -7.89 -21.85
C PHE B 83 21.44 -7.62 -21.73
N GLY B 84 21.97 -7.45 -20.52
CA GLY B 84 23.40 -7.23 -20.40
C GLY B 84 23.69 -5.85 -20.92
N ASP B 85 24.08 -5.80 -22.20
CA ASP B 85 24.19 -4.54 -22.92
C ASP B 85 23.99 -4.77 -24.41
N ALA B 86 22.99 -5.59 -24.74
CA ALA B 86 22.14 -5.45 -25.91
C ALA B 86 20.92 -4.61 -25.58
N GLY B 87 20.84 -4.13 -24.33
CA GLY B 87 19.92 -3.12 -23.84
C GLY B 87 18.97 -3.49 -22.72
N SER B 88 17.67 -3.27 -22.93
CA SER B 88 16.66 -3.51 -21.93
C SER B 88 15.28 -3.29 -22.55
N PHE B 89 14.25 -3.95 -22.03
CA PHE B 89 12.90 -3.67 -22.50
C PHE B 89 11.91 -3.78 -21.35
N ASP B 90 10.91 -2.91 -21.35
CA ASP B 90 9.89 -2.95 -20.31
C ASP B 90 8.56 -2.46 -20.88
N TYR B 91 7.48 -2.81 -20.17
CA TYR B 91 6.11 -2.45 -20.56
C TYR B 91 5.34 -2.19 -19.28
N GLY B 92 4.41 -1.25 -19.35
CA GLY B 92 3.56 -0.93 -18.22
C GLY B 92 3.12 0.53 -18.26
N ARG B 93 2.99 1.11 -17.08
CA ARG B 93 2.86 2.55 -16.92
C ARG B 93 4.23 3.09 -16.52
N ASN B 94 4.79 3.96 -17.34
CA ASN B 94 6.16 4.41 -17.10
C ASN B 94 6.34 5.76 -17.78
N TYR B 95 7.51 6.35 -17.58
CA TYR B 95 7.71 7.71 -18.05
C TYR B 95 7.87 7.66 -19.57
N GLY B 96 7.23 8.64 -20.23
CA GLY B 96 7.50 8.88 -21.64
C GLY B 96 8.97 9.20 -21.88
N VAL B 97 9.42 8.94 -23.11
CA VAL B 97 10.84 9.17 -23.40
C VAL B 97 11.18 10.64 -23.60
N VAL B 98 10.21 11.47 -23.99
CA VAL B 98 10.42 12.92 -23.97
C VAL B 98 11.01 13.33 -22.64
N TYR B 99 10.60 12.65 -21.56
CA TYR B 99 11.09 12.97 -20.22
C TYR B 99 12.56 12.60 -20.03
N ASP B 100 13.23 11.98 -21.01
CA ASP B 100 14.64 11.62 -20.82
C ASP B 100 15.56 12.83 -20.88
N VAL B 101 15.12 13.92 -21.52
CA VAL B 101 15.83 15.18 -21.49
C VAL B 101 15.08 16.21 -20.66
N THR B 102 13.76 16.26 -20.80
CA THR B 102 12.92 17.19 -20.05
C THR B 102 13.05 17.01 -18.54
N SER B 103 13.37 15.80 -18.08
CA SER B 103 13.69 15.59 -16.65
C SER B 103 14.83 16.48 -16.17
N TRP B 104 15.70 16.96 -17.07
CA TRP B 104 16.88 17.70 -16.64
C TRP B 104 16.54 19.03 -15.97
N THR B 105 15.40 19.64 -16.31
CA THR B 105 14.92 20.87 -15.70
C THR B 105 13.84 20.63 -14.63
N ASP B 106 13.51 19.36 -14.33
CA ASP B 106 12.48 19.06 -13.34
C ASP B 106 13.16 18.70 -12.01
N VAL B 107 13.68 19.76 -11.38
CA VAL B 107 14.62 19.65 -10.26
C VAL B 107 14.40 20.78 -9.24
N LEU B 108 13.33 21.55 -9.41
CA LEU B 108 13.00 22.58 -8.45
C LEU B 108 12.64 21.95 -7.12
N PRO B 109 12.71 22.70 -6.01
CA PRO B 109 12.34 22.10 -4.73
C PRO B 109 10.92 21.58 -4.69
N GLU B 110 9.94 22.31 -5.23
CA GLU B 110 8.59 21.74 -5.30
C GLU B 110 7.80 22.03 -6.58
N PHE B 111 8.09 23.08 -7.33
CA PHE B 111 7.36 23.31 -8.57
C PHE B 111 8.16 22.87 -9.83
N GLY B 112 7.81 23.43 -10.98
CA GLY B 112 8.47 23.03 -12.21
C GLY B 112 7.82 21.82 -12.81
N GLY B 113 8.37 21.40 -13.95
CA GLY B 113 7.90 20.25 -14.69
C GLY B 113 6.43 20.26 -15.01
N ASP B 114 5.88 21.47 -15.21
CA ASP B 114 4.47 21.65 -15.53
C ASP B 114 4.26 22.46 -16.81
N THR B 115 5.25 22.52 -17.71
CA THR B 115 4.90 22.87 -19.09
C THR B 115 4.09 21.75 -19.75
N TYR B 116 4.10 20.54 -19.17
CA TYR B 116 3.36 19.35 -19.59
C TYR B 116 2.71 18.72 -18.36
N GLY B 117 1.87 17.70 -18.60
CA GLY B 117 1.31 16.88 -17.56
C GLY B 117 1.71 15.40 -17.63
N SER B 118 1.19 14.66 -16.65
CA SER B 118 1.15 13.21 -16.74
C SER B 118 -0.02 12.79 -17.62
N ASP B 119 0.08 11.62 -18.24
CA ASP B 119 -0.92 11.18 -19.22
C ASP B 119 -1.12 12.29 -20.26
N ASN B 120 -0.03 12.71 -20.86
CA ASN B 120 -0.03 13.77 -21.87
C ASN B 120 0.91 13.23 -22.95
N PHE B 121 0.34 12.43 -23.86
CA PHE B 121 1.12 11.71 -24.87
C PHE B 121 2.37 11.11 -24.23
N LEU B 122 3.57 11.30 -24.77
CA LEU B 122 4.75 10.68 -24.16
C LEU B 122 5.60 11.65 -23.35
N GLN B 123 5.02 12.68 -22.76
CA GLN B 123 5.83 13.68 -22.07
C GLN B 123 6.12 13.34 -20.62
N SER B 124 5.21 12.65 -19.93
CA SER B 124 5.43 12.19 -18.56
C SER B 124 4.80 10.81 -18.45
N ARG B 125 4.63 10.35 -17.21
CA ARG B 125 4.06 9.04 -16.94
C ARG B 125 2.82 8.81 -17.80
N ALA B 126 2.72 7.61 -18.35
CA ALA B 126 1.68 7.33 -19.34
C ALA B 126 1.27 5.87 -19.24
N ASN B 127 0.04 5.60 -19.65
CA ASN B 127 -0.39 4.22 -19.74
C ASN B 127 0.06 3.60 -21.05
N GLY B 128 0.59 2.39 -20.96
CA GLY B 128 0.64 1.47 -22.08
C GLY B 128 1.80 1.66 -23.00
N VAL B 129 2.99 1.86 -22.45
CA VAL B 129 4.14 2.18 -23.26
C VAL B 129 5.15 1.05 -23.14
N ALA B 130 5.63 0.59 -24.28
CA ALA B 130 6.74 -0.34 -24.37
C ALA B 130 7.96 0.49 -24.70
N THR B 131 9.03 0.26 -23.97
CA THR B 131 10.19 1.14 -24.06
C THR B 131 11.46 0.30 -24.17
N TYR B 132 12.12 0.40 -25.31
CA TYR B 132 13.46 -0.13 -25.48
C TYR B 132 14.47 0.96 -25.12
N ARG B 133 15.52 0.58 -24.40
CA ARG B 133 16.59 1.50 -24.06
C ARG B 133 17.93 0.85 -24.29
N ASN B 134 18.91 1.67 -24.62
CA ASN B 134 20.25 1.16 -24.94
C ASN B 134 21.30 2.18 -24.55
N SER B 135 22.28 1.77 -23.75
CA SER B 135 23.36 2.64 -23.29
C SER B 135 24.64 2.36 -24.06
N ASP B 136 25.44 3.41 -24.22
CA ASP B 136 26.70 3.36 -24.97
C ASP B 136 26.51 2.82 -26.37
N PHE B 137 25.33 3.08 -26.95
CA PHE B 137 24.97 2.78 -28.33
C PHE B 137 25.59 1.50 -28.90
N PHE B 138 25.12 0.34 -28.44
CA PHE B 138 25.53 -0.95 -29.00
C PHE B 138 27.05 -1.13 -29.00
N GLY B 139 27.71 -0.64 -27.96
CA GLY B 139 29.15 -0.74 -27.87
C GLY B 139 29.91 0.06 -28.90
N LEU B 140 29.25 1.01 -29.54
CA LEU B 140 29.79 1.84 -30.61
C LEU B 140 30.30 3.21 -30.12
N VAL B 141 29.58 3.86 -29.21
CA VAL B 141 29.98 5.18 -28.71
C VAL B 141 29.71 5.32 -27.22
N ASP B 142 30.75 5.08 -26.39
CA ASP B 142 30.62 5.21 -24.94
C ASP B 142 29.99 6.54 -24.54
N GLY B 143 28.90 6.47 -23.81
CA GLY B 143 28.24 7.65 -23.28
C GLY B 143 27.09 8.21 -24.09
N LEU B 144 26.67 7.56 -25.17
CA LEU B 144 25.54 8.01 -25.96
C LEU B 144 24.42 7.03 -25.73
N ASN B 145 23.27 7.55 -25.30
CA ASN B 145 22.15 6.75 -24.84
C ASN B 145 20.94 6.98 -25.74
N PHE B 146 20.25 5.88 -26.07
CA PHE B 146 19.22 5.91 -27.08
C PHE B 146 17.97 5.22 -26.57
N ALA B 147 16.81 5.65 -27.06
CA ALA B 147 15.56 5.06 -26.58
C ALA B 147 14.47 5.15 -27.64
N LEU B 148 13.63 4.11 -27.68
CA LEU B 148 12.50 4.02 -28.59
C LEU B 148 11.29 3.50 -27.82
N GLN B 149 10.10 3.92 -28.23
CA GLN B 149 8.93 3.65 -27.40
C GLN B 149 7.65 3.78 -28.20
N TYR B 150 6.69 2.91 -27.91
CA TYR B 150 5.37 2.92 -28.55
C TYR B 150 4.29 2.84 -27.49
N GLN B 151 3.12 3.35 -27.84
CA GLN B 151 1.95 3.44 -26.97
C GLN B 151 0.71 3.19 -27.83
N GLY B 152 -0.13 2.28 -27.38
CA GLY B 152 -1.38 2.05 -28.07
C GLY B 152 -2.44 3.02 -27.65
N LYS B 153 -3.51 3.05 -28.44
CA LYS B 153 -4.63 3.94 -28.18
C LYS B 153 -5.04 3.80 -26.72
N ASN B 154 -5.34 4.93 -26.07
CA ASN B 154 -6.02 4.97 -24.78
C ASN B 154 -7.17 5.92 -25.03
N GLY B 155 -8.34 5.40 -25.32
CA GLY B 155 -9.38 6.20 -25.91
C GLY B 155 -10.44 6.64 -24.93
N SER B 156 -11.64 6.89 -25.47
CA SER B 156 -12.78 7.39 -24.72
C SER B 156 -13.33 6.28 -23.81
N VAL B 157 -14.27 6.64 -22.94
CA VAL B 157 -14.93 5.64 -22.11
C VAL B 157 -15.91 4.83 -22.95
N SER B 158 -16.48 5.43 -24.00
CA SER B 158 -17.50 4.80 -24.82
C SER B 158 -17.35 5.30 -26.27
N GLY B 159 -18.07 4.65 -27.19
CA GLY B 159 -18.07 5.04 -28.59
C GLY B 159 -17.05 4.25 -29.41
N GLU B 160 -16.91 4.65 -30.68
CA GLU B 160 -16.01 3.92 -31.57
C GLU B 160 -14.56 4.01 -31.12
N GLY B 161 -14.15 5.12 -30.53
CA GLY B 161 -12.77 5.25 -30.14
C GLY B 161 -12.45 4.71 -28.76
N ALA B 162 -13.33 3.90 -28.19
CA ALA B 162 -13.19 3.49 -26.81
C ALA B 162 -12.16 2.37 -26.64
N THR B 163 -11.54 2.33 -25.47
CA THR B 163 -10.76 1.17 -25.03
C THR B 163 -11.20 0.77 -23.62
N ASN B 164 -10.61 -0.31 -23.11
CA ASN B 164 -10.89 -0.72 -21.73
C ASN B 164 -10.58 0.42 -20.78
N ASN B 165 -9.45 1.08 -20.96
CA ASN B 165 -8.93 2.04 -20.01
C ASN B 165 -9.29 3.48 -20.39
N GLY B 166 -10.54 3.70 -20.76
CA GLY B 166 -11.00 5.00 -21.23
C GLY B 166 -10.79 6.13 -20.25
N ARG B 167 -10.93 7.35 -20.78
CA ARG B 167 -10.69 8.60 -20.06
C ARG B 167 -11.23 9.72 -20.95
N GLY B 168 -11.03 10.95 -20.52
CA GLY B 168 -11.34 12.08 -21.36
C GLY B 168 -10.08 12.55 -22.08
N TRP B 169 -10.30 13.30 -23.16
CA TRP B 169 -9.18 13.92 -23.86
C TRP B 169 -8.41 14.79 -22.89
N SER B 170 -7.16 15.05 -23.26
CA SER B 170 -6.13 15.70 -22.46
C SER B 170 -5.41 14.56 -21.78
N LYS B 171 -6.09 13.43 -21.61
CA LYS B 171 -5.33 12.23 -21.29
C LYS B 171 -5.70 11.05 -22.17
N GLN B 172 -6.32 11.27 -23.35
CA GLN B 172 -6.39 10.24 -24.40
C GLN B 172 -5.21 10.35 -25.35
N ASN B 173 -5.18 9.42 -26.30
CA ASN B 173 -4.16 9.37 -27.33
C ASN B 173 -4.49 8.26 -28.33
N GLY B 174 -4.07 8.42 -29.58
CA GLY B 174 -4.05 7.31 -30.51
C GLY B 174 -2.75 6.57 -30.38
N ASP B 175 -2.53 5.66 -31.32
CA ASP B 175 -1.25 4.96 -31.36
C ASP B 175 -0.14 5.97 -31.55
N GLY B 176 0.99 5.74 -30.89
CA GLY B 176 2.06 6.71 -31.07
C GLY B 176 3.42 6.14 -30.76
N PHE B 177 4.43 6.92 -31.11
CA PHE B 177 5.79 6.48 -30.86
C PHE B 177 6.62 7.71 -30.54
N GLY B 178 7.75 7.46 -29.89
CA GLY B 178 8.67 8.52 -29.54
C GLY B 178 10.05 7.91 -29.44
N THR B 179 11.04 8.80 -29.48
CA THR B 179 12.43 8.41 -29.41
C THR B 179 13.20 9.54 -28.73
N SER B 180 14.33 9.18 -28.13
CA SER B 180 15.13 10.12 -27.36
C SER B 180 16.59 9.77 -27.55
N LEU B 181 17.44 10.79 -27.50
CA LEU B 181 18.88 10.60 -27.60
C LEU B 181 19.55 11.62 -26.69
N THR B 182 20.53 11.15 -25.90
CA THR B 182 21.26 11.98 -24.95
C THR B 182 22.73 11.60 -24.96
N TYR B 183 23.60 12.61 -24.83
CA TYR B 183 25.03 12.39 -24.94
C TYR B 183 25.76 13.09 -23.80
N ASP B 184 26.65 12.36 -23.13
CA ASP B 184 27.53 12.92 -22.10
C ASP B 184 28.81 13.37 -22.80
N ILE B 185 28.94 14.68 -23.02
CA ILE B 185 29.98 15.23 -23.88
C ILE B 185 31.34 15.25 -23.19
N TRP B 186 31.68 16.38 -22.57
CA TRP B 186 33.01 16.61 -21.97
C TRP B 186 33.07 16.20 -20.50
N ASP B 187 32.55 17.05 -19.61
CA ASP B 187 32.56 16.73 -18.19
C ASP B 187 31.43 17.49 -17.52
N GLY B 188 30.31 16.82 -17.27
CA GLY B 188 29.19 17.51 -16.74
C GLY B 188 28.23 17.99 -17.79
N ILE B 189 28.73 18.28 -18.99
CA ILE B 189 27.88 18.77 -20.06
C ILE B 189 27.23 17.61 -20.78
N SER B 190 25.99 17.83 -21.23
CA SER B 190 25.18 16.79 -21.83
C SER B 190 24.19 17.45 -22.76
N ALA B 191 24.02 16.87 -23.93
CA ALA B 191 23.03 17.33 -24.88
C ALA B 191 21.99 16.22 -25.03
N GLY B 192 20.78 16.61 -25.35
CA GLY B 192 19.73 15.61 -25.53
C GLY B 192 18.71 16.07 -26.52
N PHE B 193 18.12 15.10 -27.21
CA PHE B 193 17.05 15.40 -28.13
C PHE B 193 15.95 14.36 -27.97
N ALA B 194 14.72 14.78 -28.20
CA ALA B 194 13.59 13.86 -28.09
C ALA B 194 12.54 14.22 -29.12
N TYR B 195 11.96 13.18 -29.71
CA TYR B 195 10.87 13.35 -30.66
C TYR B 195 9.75 12.39 -30.28
N SER B 196 8.52 12.88 -30.39
CA SER B 196 7.35 12.08 -30.07
C SER B 196 6.30 12.37 -31.14
N HIS B 197 5.47 11.36 -31.38
CA HIS B 197 4.52 11.39 -32.50
C HIS B 197 3.41 10.39 -32.24
N SER B 198 2.19 10.87 -32.10
CA SER B 198 1.06 10.04 -31.74
C SER B 198 -0.17 10.47 -32.51
N LYS B 199 -0.99 9.50 -32.90
CA LYS B 199 -2.24 9.86 -33.53
C LYS B 199 -3.13 10.50 -32.47
N ARG B 200 -3.99 11.40 -32.87
CA ARG B 200 -4.87 12.01 -31.89
C ARG B 200 -6.25 11.43 -32.07
N THR B 201 -6.97 11.35 -30.94
CA THR B 201 -8.26 10.66 -30.93
C THR B 201 -9.33 11.56 -31.54
N ASP B 202 -10.40 10.93 -32.03
CA ASP B 202 -11.52 11.67 -32.57
C ASP B 202 -12.14 12.59 -31.52
N GLU B 203 -12.09 12.20 -30.25
CA GLU B 203 -12.72 13.01 -29.23
C GLU B 203 -11.92 14.27 -28.94
N GLN B 204 -10.59 14.14 -28.83
CA GLN B 204 -9.71 15.30 -28.82
C GLN B 204 -10.04 16.30 -29.94
N ASN B 205 -10.37 15.83 -31.15
CA ASN B 205 -10.58 16.74 -32.26
C ASN B 205 -12.04 17.09 -32.48
N SER B 206 -12.86 16.96 -31.45
CA SER B 206 -14.29 17.19 -31.61
C SER B 206 -14.93 17.88 -30.40
N VAL B 207 -14.56 17.50 -29.19
CA VAL B 207 -15.28 18.01 -28.03
C VAL B 207 -14.63 19.24 -27.40
N PRO B 208 -13.28 19.33 -27.19
CA PRO B 208 -12.78 20.57 -26.55
C PRO B 208 -12.88 21.72 -27.53
N ALA B 209 -12.48 22.92 -27.14
CA ALA B 209 -12.63 24.06 -28.03
C ALA B 209 -11.35 24.36 -28.81
N LEU B 210 -10.18 23.99 -28.28
CA LEU B 210 -8.90 24.42 -28.82
C LEU B 210 -8.04 23.23 -29.26
N GLY B 211 -7.53 23.31 -30.48
CA GLY B 211 -6.64 22.30 -31.03
C GLY B 211 -7.29 21.32 -31.98
N ARG B 212 -6.89 21.35 -33.24
CA ARG B 212 -7.31 20.36 -34.22
C ARG B 212 -6.09 19.90 -35.01
N GLY B 213 -6.08 18.61 -35.34
CA GLY B 213 -4.94 17.99 -36.00
C GLY B 213 -4.94 16.49 -35.90
N ASP B 214 -4.50 15.81 -36.97
CA ASP B 214 -4.49 14.35 -36.94
C ASP B 214 -3.47 13.82 -35.96
N ASN B 215 -2.39 14.54 -35.72
CA ASN B 215 -1.30 14.04 -34.90
C ASN B 215 -0.92 15.05 -33.85
N ALA B 216 0.02 14.63 -33.03
CA ALA B 216 0.49 15.37 -31.87
C ALA B 216 1.99 15.15 -31.82
N GLU B 217 2.76 16.15 -32.17
CA GLU B 217 4.19 15.97 -32.27
C GLU B 217 4.92 16.83 -31.23
N THR B 218 6.13 16.39 -30.94
CA THR B 218 6.97 17.02 -29.94
C THR B 218 8.41 16.95 -30.41
N TYR B 219 9.11 18.07 -30.37
CA TYR B 219 10.55 18.13 -30.64
C TYR B 219 11.19 18.83 -29.47
N THR B 220 12.23 18.23 -28.89
CA THR B 220 12.83 18.84 -27.72
C THR B 220 14.34 18.70 -27.75
N GLY B 221 15.03 19.78 -27.38
CA GLY B 221 16.45 19.73 -27.11
C GLY B 221 16.75 20.39 -25.78
N GLY B 222 17.80 19.91 -25.13
CA GLY B 222 18.20 20.44 -23.85
C GLY B 222 19.67 20.21 -23.60
N LEU B 223 20.25 21.08 -22.77
CA LEU B 223 21.62 20.93 -22.30
C LEU B 223 21.63 20.98 -20.78
N LYS B 224 22.72 20.48 -20.21
CA LYS B 224 22.87 20.53 -18.75
C LYS B 224 24.35 20.48 -18.41
N TYR B 225 24.69 21.12 -17.29
CA TYR B 225 26.01 21.08 -16.69
C TYR B 225 25.88 20.59 -15.25
N ASP B 226 26.66 19.58 -14.86
CA ASP B 226 26.54 18.97 -13.54
C ASP B 226 27.96 18.55 -13.11
N ALA B 227 28.67 19.47 -12.46
CA ALA B 227 30.01 19.26 -11.93
C ALA B 227 30.34 20.38 -10.96
N ASN B 228 31.24 20.09 -10.02
CA ASN B 228 31.74 21.09 -9.05
C ASN B 228 30.59 21.79 -8.32
N ASN B 229 29.64 21.00 -7.85
CA ASN B 229 28.48 21.44 -7.07
C ASN B 229 27.63 22.50 -7.78
N ILE B 230 27.81 22.65 -9.09
CA ILE B 230 26.95 23.50 -9.91
C ILE B 230 26.05 22.60 -10.74
N TYR B 231 24.77 22.99 -10.86
CA TYR B 231 23.85 22.31 -11.76
C TYR B 231 23.15 23.39 -12.57
N LEU B 232 23.42 23.41 -13.87
CA LEU B 232 22.75 24.30 -14.80
C LEU B 232 22.07 23.45 -15.84
N ALA B 233 20.88 23.86 -16.26
CA ALA B 233 20.17 23.04 -17.21
C ALA B 233 19.18 23.92 -17.95
N SER B 234 18.99 23.59 -19.21
CA SER B 234 18.00 24.29 -20.00
C SER B 234 17.51 23.32 -21.05
N ARG B 235 16.32 23.59 -21.55
CA ARG B 235 15.57 22.65 -22.36
C ARG B 235 14.64 23.47 -23.22
N TYR B 236 14.60 23.17 -24.51
CA TYR B 236 13.62 23.84 -25.35
C TYR B 236 12.88 22.77 -26.12
N THR B 237 11.54 22.85 -26.11
CA THR B 237 10.73 21.89 -26.83
C THR B 237 9.69 22.66 -27.62
N GLN B 238 9.41 22.20 -28.83
CA GLN B 238 8.32 22.72 -29.61
C GLN B 238 7.29 21.63 -29.80
N THR B 239 6.04 22.03 -29.76
CA THR B 239 4.90 21.14 -29.65
C THR B 239 3.89 21.44 -30.74
N TYR B 240 3.31 20.39 -31.31
CA TYR B 240 2.18 20.55 -32.22
C TYR B 240 1.01 19.70 -31.72
N ASN B 241 -0.09 20.36 -31.38
CA ASN B 241 -1.31 19.69 -30.93
C ASN B 241 -1.09 18.82 -29.69
N ALA B 242 -0.15 19.22 -28.82
CA ALA B 242 0.26 18.26 -27.80
C ALA B 242 0.22 18.80 -26.36
N THR B 243 0.55 20.07 -26.13
CA THR B 243 0.52 20.65 -24.80
C THR B 243 -0.88 21.20 -24.52
N ARG B 244 -1.39 20.95 -23.31
CA ARG B 244 -2.78 21.30 -23.04
C ARG B 244 -2.90 22.79 -22.75
N ALA B 245 -3.98 23.35 -23.27
CA ALA B 245 -4.36 24.75 -23.04
C ALA B 245 -5.35 24.80 -21.88
N GLY B 246 -4.85 24.36 -20.71
CA GLY B 246 -5.71 24.17 -19.55
C GLY B 246 -6.94 23.34 -19.89
N SER B 247 -8.11 23.86 -19.55
CA SER B 247 -9.41 23.23 -19.76
C SER B 247 -9.92 23.36 -21.21
N LEU B 248 -9.33 24.26 -22.03
CA LEU B 248 -9.93 24.60 -23.33
C LEU B 248 -9.59 23.62 -24.44
N GLY B 249 -8.55 22.81 -24.27
CA GLY B 249 -8.18 21.84 -25.28
C GLY B 249 -6.67 21.76 -25.39
N PHE B 250 -6.13 21.81 -26.62
CA PHE B 250 -4.69 21.81 -26.84
C PHE B 250 -4.29 23.04 -27.64
N ALA B 251 -3.04 23.46 -27.47
CA ALA B 251 -2.47 24.49 -28.35
C ALA B 251 -1.96 23.83 -29.62
N ASN B 252 -2.43 24.34 -30.77
CA ASN B 252 -2.00 23.77 -32.05
C ASN B 252 -0.50 23.84 -32.22
N LYS B 253 0.10 24.91 -31.73
CA LYS B 253 1.54 25.02 -31.68
C LYS B 253 1.89 25.64 -30.32
N ALA B 254 3.04 25.26 -29.78
CA ALA B 254 3.49 25.83 -28.53
C ALA B 254 4.99 25.64 -28.41
N GLN B 255 5.69 26.64 -27.88
CA GLN B 255 7.12 26.51 -27.60
C GLN B 255 7.30 26.64 -26.11
N ASN B 256 7.90 25.63 -25.48
CA ASN B 256 8.10 25.58 -24.02
C ASN B 256 9.58 25.68 -23.72
N PHE B 257 9.91 26.40 -22.64
CA PHE B 257 11.31 26.67 -22.36
C PHE B 257 11.50 26.78 -20.85
N GLU B 258 12.58 26.16 -20.38
CA GLU B 258 12.92 26.06 -18.97
C GLU B 258 14.42 26.24 -18.80
N VAL B 259 14.80 26.98 -17.77
CA VAL B 259 16.20 27.17 -17.43
C VAL B 259 16.31 27.18 -15.91
N VAL B 260 17.30 26.46 -15.39
CA VAL B 260 17.47 26.33 -13.94
C VAL B 260 18.94 26.34 -13.59
N ALA B 261 19.27 26.98 -12.45
CA ALA B 261 20.61 27.03 -11.90
C ALA B 261 20.56 26.69 -10.42
N GLN B 262 21.52 25.87 -9.99
CA GLN B 262 21.56 25.39 -8.62
C GLN B 262 23.02 25.25 -8.19
N TYR B 263 23.26 25.51 -6.91
CA TYR B 263 24.52 25.23 -6.26
C TYR B 263 24.26 24.30 -5.08
N GLN B 264 25.18 23.37 -4.83
CA GLN B 264 25.02 22.50 -3.66
C GLN B 264 26.14 22.82 -2.68
N PHE B 265 25.75 23.35 -1.52
CA PHE B 265 26.72 23.82 -0.53
C PHE B 265 27.22 22.64 0.27
N ASP B 266 28.51 22.66 0.64
CA ASP B 266 29.04 21.55 1.44
C ASP B 266 28.25 21.36 2.72
N PHE B 267 27.68 22.44 3.28
CA PHE B 267 27.02 22.34 4.59
C PHE B 267 25.59 21.88 4.47
N GLY B 268 25.08 21.67 3.26
CA GLY B 268 23.83 20.97 3.07
C GLY B 268 22.70 21.76 2.42
N LEU B 269 22.85 23.03 2.07
CA LEU B 269 21.72 23.73 1.46
C LEU B 269 21.90 23.75 -0.04
N ARG B 270 20.81 23.56 -0.78
CA ARG B 270 20.84 23.65 -2.24
C ARG B 270 19.85 24.71 -2.70
N PRO B 271 20.29 25.92 -3.01
CA PRO B 271 19.38 26.93 -3.56
C PRO B 271 19.16 26.70 -5.05
N SER B 272 18.05 27.24 -5.55
CA SER B 272 17.64 27.00 -6.93
C SER B 272 16.95 28.23 -7.49
N VAL B 273 17.39 28.64 -8.67
CA VAL B 273 16.74 29.69 -9.42
C VAL B 273 16.28 29.08 -10.73
N ALA B 274 15.10 29.48 -11.18
CA ALA B 274 14.63 28.94 -12.43
C ALA B 274 13.65 29.91 -13.06
N TYR B 275 13.54 29.78 -14.38
CA TYR B 275 12.52 30.45 -15.16
C TYR B 275 11.90 29.41 -16.07
N LEU B 276 10.56 29.44 -16.18
CA LEU B 276 9.80 28.51 -17.00
C LEU B 276 8.68 29.23 -17.73
N GLN B 277 8.36 28.74 -18.91
CA GLN B 277 7.52 29.50 -19.82
C GLN B 277 6.99 28.61 -20.93
N SER B 278 5.68 28.71 -21.16
CA SER B 278 4.97 27.99 -22.22
C SER B 278 4.08 28.96 -22.94
N LYS B 279 4.28 29.09 -24.25
CA LYS B 279 3.52 30.01 -25.07
C LYS B 279 2.86 29.25 -26.21
N GLY B 280 1.55 29.36 -26.27
CA GLY B 280 0.74 28.65 -27.25
C GLY B 280 0.32 29.60 -28.33
N LYS B 281 0.45 29.16 -29.58
CA LYS B 281 0.22 29.99 -30.74
C LYS B 281 -0.88 29.39 -31.64
N ASP B 282 -1.36 30.24 -32.54
CA ASP B 282 -2.55 29.99 -33.36
C ASP B 282 -3.60 29.16 -32.63
N LEU B 283 -4.13 29.76 -31.56
CA LEU B 283 -5.30 29.22 -30.89
C LEU B 283 -6.58 29.82 -31.46
N GLU B 284 -7.67 29.13 -31.22
CA GLU B 284 -8.93 29.42 -31.87
C GLU B 284 -9.77 30.32 -30.97
N ARG B 285 -10.91 30.77 -31.49
CA ARG B 285 -11.93 31.54 -30.77
C ARG B 285 -11.50 32.96 -30.46
N GLY B 286 -10.48 33.47 -31.13
CA GLY B 286 -10.00 34.81 -30.89
C GLY B 286 -8.80 34.92 -29.97
N TYR B 287 -8.47 33.86 -29.22
CA TYR B 287 -7.33 33.92 -28.30
C TYR B 287 -5.99 34.16 -28.99
N GLY B 288 -5.82 33.69 -30.22
CA GLY B 288 -4.56 33.92 -30.94
C GLY B 288 -3.36 33.30 -30.25
N ASP B 289 -2.36 34.13 -29.93
CA ASP B 289 -1.22 33.72 -29.13
C ASP B 289 -1.41 34.15 -27.67
N GLN B 290 -1.41 33.17 -26.76
CA GLN B 290 -1.61 33.39 -25.34
C GLN B 290 -0.54 32.62 -24.55
N ASP B 291 -0.25 33.08 -23.34
CA ASP B 291 0.70 32.39 -22.48
C ASP B 291 0.01 31.34 -21.65
N ILE B 292 0.62 30.16 -21.57
CA ILE B 292 0.07 29.05 -20.82
C ILE B 292 0.72 28.94 -19.45
N LEU B 293 2.01 29.23 -19.38
CA LEU B 293 2.79 29.15 -18.16
C LEU B 293 3.94 30.14 -18.27
N LYS B 294 4.27 30.78 -17.14
CA LYS B 294 5.29 31.79 -17.10
C LYS B 294 5.56 32.13 -15.64
N TYR B 295 6.72 31.74 -15.11
CA TYR B 295 7.00 32.15 -13.75
C TYR B 295 8.49 32.03 -13.45
N VAL B 296 8.95 32.90 -12.61
CA VAL B 296 10.23 32.72 -11.96
C VAL B 296 9.98 31.87 -10.73
N ASP B 297 10.95 31.03 -10.41
CA ASP B 297 10.86 30.17 -9.25
C ASP B 297 12.16 30.29 -8.45
N VAL B 298 12.03 30.71 -7.19
CA VAL B 298 13.14 30.79 -6.24
C VAL B 298 12.85 29.87 -5.06
N GLY B 299 13.85 29.08 -4.68
CA GLY B 299 13.66 28.23 -3.52
C GLY B 299 14.98 27.63 -3.15
N ALA B 300 14.93 26.77 -2.14
CA ALA B 300 16.12 26.09 -1.65
C ALA B 300 15.64 24.92 -0.81
N THR B 301 16.50 23.90 -0.67
CA THR B 301 16.19 22.76 0.16
C THR B 301 17.41 22.49 1.04
N TYR B 302 17.18 22.14 2.30
CA TYR B 302 18.26 21.74 3.19
C TYR B 302 18.21 20.23 3.38
N TYR B 303 19.33 19.55 3.11
CA TYR B 303 19.42 18.12 3.32
C TYR B 303 20.11 17.85 4.65
N PHE B 304 19.37 17.27 5.59
CA PHE B 304 19.99 16.88 6.86
C PHE B 304 20.92 15.69 6.64
N ASN B 305 20.49 14.75 5.82
CA ASN B 305 21.26 13.63 5.29
C ASN B 305 20.46 13.01 4.15
N LYS B 306 20.81 11.78 3.78
CA LYS B 306 20.13 11.07 2.70
C LYS B 306 18.65 10.82 2.99
N ASN B 307 18.20 11.05 4.23
CA ASN B 307 16.88 10.63 4.67
C ASN B 307 15.94 11.74 5.12
N MET B 308 16.44 12.92 5.45
CA MET B 308 15.56 14.00 5.88
C MET B 308 15.97 15.29 5.19
N SER B 309 14.97 16.08 4.77
CA SER B 309 15.25 17.30 4.01
C SER B 309 14.09 18.27 4.22
N THR B 310 14.37 19.56 4.00
CA THR B 310 13.36 20.61 4.10
C THR B 310 13.50 21.56 2.93
N TYR B 311 12.41 22.24 2.60
CA TYR B 311 12.56 23.22 1.54
C TYR B 311 11.50 24.30 1.65
N VAL B 312 11.83 25.43 1.03
CA VAL B 312 10.92 26.52 0.70
C VAL B 312 11.04 26.70 -0.81
N ASP B 313 9.93 27.01 -1.46
CA ASP B 313 10.00 27.23 -2.89
C ASP B 313 8.94 28.28 -3.21
N TYR B 314 9.31 29.27 -4.01
CA TYR B 314 8.55 30.49 -4.23
C TYR B 314 8.24 30.57 -5.72
N LYS B 315 7.01 30.33 -6.11
CA LYS B 315 6.68 30.46 -7.52
C LYS B 315 6.20 31.89 -7.70
N ILE B 316 7.06 32.73 -8.30
CA ILE B 316 6.75 34.11 -8.58
C ILE B 316 6.05 34.06 -9.93
N ASN B 317 4.74 34.21 -9.94
CA ASN B 317 3.99 33.80 -11.12
C ASN B 317 3.64 35.03 -11.96
N LEU B 318 4.17 35.06 -13.18
CA LEU B 318 4.09 36.22 -14.04
C LEU B 318 2.94 36.16 -15.05
N LEU B 319 2.13 35.10 -15.03
CA LEU B 319 0.95 35.06 -15.87
C LEU B 319 0.00 36.23 -15.56
N ASP B 320 -0.47 36.90 -16.60
CA ASP B 320 -1.59 37.81 -16.45
C ASP B 320 -2.89 37.04 -16.24
N ASP B 321 -3.94 37.77 -15.82
CA ASP B 321 -5.28 37.22 -15.59
C ASP B 321 -6.19 37.65 -16.74
N ASN B 322 -6.10 36.90 -17.84
CA ASN B 322 -6.79 37.15 -19.11
C ASN B 322 -8.23 36.70 -19.08
N SER B 323 -8.92 36.96 -20.19
CA SER B 323 -10.11 36.20 -20.54
C SER B 323 -9.79 34.74 -20.80
N PHE B 324 -8.53 34.41 -21.07
CA PHE B 324 -8.13 33.05 -21.40
C PHE B 324 -7.66 32.24 -20.20
N THR B 325 -6.87 32.84 -19.30
CA THR B 325 -6.51 32.16 -18.05
C THR B 325 -7.76 31.77 -17.26
N ARG B 326 -8.76 32.67 -17.21
CA ARG B 326 -9.92 32.44 -16.36
C ARG B 326 -10.89 31.44 -16.97
N ASN B 327 -10.74 31.13 -18.24
CA ASN B 327 -11.64 30.22 -18.93
C ASN B 327 -11.01 28.85 -19.14
N ALA B 328 -9.68 28.77 -19.08
CA ALA B 328 -8.95 27.52 -19.09
C ALA B 328 -8.67 26.98 -17.70
N GLY B 329 -8.96 27.74 -16.65
CA GLY B 329 -8.63 27.30 -15.31
C GLY B 329 -7.14 27.38 -15.02
N ILE B 330 -6.48 28.48 -15.40
CA ILE B 330 -5.06 28.72 -15.18
C ILE B 330 -4.84 29.56 -13.93
N SER B 331 -4.02 29.06 -13.00
CA SER B 331 -3.79 29.80 -11.77
C SER B 331 -2.86 30.96 -12.10
N THR B 332 -3.30 32.17 -11.73
CA THR B 332 -2.57 33.41 -11.97
C THR B 332 -1.77 33.86 -10.75
N ASP B 333 -2.02 33.24 -9.59
CA ASP B 333 -1.55 33.73 -8.31
C ASP B 333 -0.20 33.12 -7.99
N ASP B 334 0.56 33.82 -7.16
CA ASP B 334 1.81 33.27 -6.67
C ASP B 334 1.55 32.20 -5.62
N VAL B 335 2.59 31.46 -5.29
CA VAL B 335 2.44 30.46 -4.25
C VAL B 335 3.80 30.20 -3.63
N VAL B 336 3.81 30.01 -2.33
CA VAL B 336 5.00 29.59 -1.61
C VAL B 336 4.68 28.26 -0.93
N ALA B 337 5.68 27.41 -0.84
CA ALA B 337 5.49 26.07 -0.33
C ALA B 337 6.60 25.78 0.66
N LEU B 338 6.21 25.24 1.79
CA LEU B 338 7.15 24.75 2.77
C LEU B 338 6.89 23.28 2.99
N GLY B 339 7.96 22.49 3.01
CA GLY B 339 7.81 21.07 3.15
C GLY B 339 8.91 20.46 3.97
N LEU B 340 8.55 19.47 4.78
CA LEU B 340 9.49 18.65 5.52
C LEU B 340 9.29 17.20 5.09
N VAL B 341 10.39 16.51 4.81
CA VAL B 341 10.38 15.28 4.03
C VAL B 341 11.24 14.22 4.72
N TYR B 342 10.61 13.13 5.13
CA TYR B 342 11.27 11.89 5.50
C TYR B 342 11.26 10.94 4.30
N GLN B 343 12.41 10.32 4.00
CA GLN B 343 12.49 9.32 2.94
C GLN B 343 13.21 8.08 3.44
N PHE B 344 12.89 6.96 2.81
CA PHE B 344 13.41 5.68 3.23
C PHE B 344 13.73 4.83 2.03
N ALA C 1 6.88 -4.21 12.31
CA ALA C 1 8.09 -5.02 12.42
C ALA C 1 9.32 -4.27 11.88
N GLU C 2 10.43 -4.29 12.61
CA GLU C 2 11.63 -3.64 12.12
C GLU C 2 12.23 -4.47 11.00
N ILE C 3 12.12 -3.98 9.76
CA ILE C 3 12.61 -4.68 8.57
C ILE C 3 13.87 -4.04 7.98
N TYR C 4 14.33 -2.91 8.51
CA TYR C 4 15.58 -2.30 8.06
C TYR C 4 16.23 -1.57 9.23
N ASN C 5 17.53 -1.81 9.42
CA ASN C 5 18.26 -0.99 10.36
C ASN C 5 19.76 -1.08 10.09
N LYS C 6 20.21 -0.33 9.09
CA LYS C 6 21.59 -0.24 8.61
C LYS C 6 21.83 1.25 8.29
N ASP C 7 23.00 1.78 8.65
CA ASP C 7 23.38 3.17 8.37
C ASP C 7 22.46 4.16 9.09
N GLY C 8 22.23 3.90 10.38
CA GLY C 8 21.48 4.82 11.18
C GLY C 8 20.07 5.08 10.69
N ASN C 9 19.50 4.17 9.91
CA ASN C 9 18.12 4.28 9.45
C ASN C 9 17.34 3.05 9.90
N LYS C 10 16.17 3.26 10.51
CA LYS C 10 15.29 2.20 10.95
C LYS C 10 13.98 2.29 10.18
N LEU C 11 13.49 1.15 9.72
CA LEU C 11 12.24 1.10 8.98
C LEU C 11 11.33 0.06 9.60
N ASP C 12 10.08 0.45 9.80
CA ASP C 12 9.12 -0.39 10.50
C ASP C 12 7.87 -0.53 9.63
N LEU C 13 7.65 -1.73 9.10
CA LEU C 13 6.41 -2.05 8.40
C LEU C 13 5.52 -2.75 9.42
N TYR C 14 4.40 -2.12 9.74
CA TYR C 14 3.55 -2.62 10.81
C TYR C 14 2.10 -2.57 10.34
N GLY C 15 1.25 -3.32 11.01
CA GLY C 15 -0.17 -3.24 10.73
C GLY C 15 -0.94 -4.31 11.46
N LYS C 16 -2.23 -4.39 11.13
CA LYS C 16 -3.12 -5.40 11.69
C LYS C 16 -4.17 -5.80 10.65
N ILE C 17 -4.57 -7.07 10.70
CA ILE C 17 -5.74 -7.55 9.97
C ILE C 17 -6.75 -8.05 10.98
N ASP C 18 -7.98 -7.53 10.90
CA ASP C 18 -8.98 -7.75 11.94
C ASP C 18 -10.26 -8.27 11.30
N GLY C 19 -10.47 -9.59 11.43
CA GLY C 19 -11.69 -10.23 11.00
C GLY C 19 -12.77 -9.96 12.03
N LEU C 20 -13.83 -9.24 11.64
CA LEU C 20 -14.71 -8.63 12.63
C LEU C 20 -16.15 -8.60 12.11
N HIS C 21 -17.10 -8.97 13.00
CA HIS C 21 -18.52 -9.07 12.62
C HIS C 21 -19.37 -8.38 13.68
N TYR C 22 -20.36 -7.61 13.21
CA TYR C 22 -21.28 -6.88 14.08
C TYR C 22 -22.67 -7.51 14.04
N PHE C 23 -23.24 -7.73 15.23
CA PHE C 23 -24.64 -8.10 15.38
C PHE C 23 -25.37 -6.91 15.99
N SER C 24 -26.40 -6.43 15.31
CA SER C 24 -27.16 -5.31 15.84
C SER C 24 -28.49 -5.23 15.11
N ASP C 25 -29.52 -4.76 15.82
CA ASP C 25 -30.81 -4.51 15.16
C ASP C 25 -30.69 -3.40 14.12
N ASP C 26 -29.66 -2.56 14.22
CA ASP C 26 -29.44 -1.42 13.34
C ASP C 26 -28.67 -1.88 12.09
N LYS C 27 -29.37 -1.86 10.94
CA LYS C 27 -28.78 -2.39 9.72
C LYS C 27 -27.74 -1.45 9.11
N SER C 28 -27.49 -0.28 9.70
CA SER C 28 -26.33 0.52 9.31
C SER C 28 -25.05 -0.01 9.93
N VAL C 29 -25.19 -0.76 11.02
CA VAL C 29 -24.08 -1.30 11.76
C VAL C 29 -23.97 -2.81 11.59
N ASP C 30 -25.08 -3.49 11.33
CA ASP C 30 -25.10 -4.95 11.37
C ASP C 30 -24.35 -5.55 10.17
N GLY C 31 -23.58 -6.60 10.43
CA GLY C 31 -23.01 -7.40 9.37
C GLY C 31 -21.51 -7.51 9.50
N ASP C 32 -20.87 -7.82 8.37
CA ASP C 32 -19.41 -7.92 8.33
C ASP C 32 -18.77 -6.54 8.41
N GLN C 33 -17.70 -6.43 9.22
CA GLN C 33 -16.92 -5.19 9.34
C GLN C 33 -15.42 -5.49 9.35
N THR C 34 -15.02 -6.53 8.62
CA THR C 34 -13.60 -6.88 8.50
C THR C 34 -12.79 -5.75 7.83
N TYR C 35 -11.64 -5.42 8.41
CA TYR C 35 -10.76 -4.40 7.84
C TYR C 35 -9.32 -4.72 8.19
N MET C 36 -8.41 -3.88 7.68
CA MET C 36 -6.99 -4.07 7.88
C MET C 36 -6.31 -2.70 7.93
N ARG C 37 -5.19 -2.61 8.66
CA ARG C 37 -4.35 -1.41 8.69
C ARG C 37 -2.91 -1.76 8.30
N VAL C 38 -2.28 -0.87 7.53
CA VAL C 38 -0.87 -1.00 7.21
C VAL C 38 -0.22 0.38 7.33
N GLY C 39 1.04 0.38 7.77
CA GLY C 39 1.76 1.63 7.94
C GLY C 39 3.25 1.43 7.93
N VAL C 40 3.94 2.57 7.89
CA VAL C 40 5.39 2.67 7.95
C VAL C 40 5.76 3.66 9.05
N LYS C 41 6.75 3.30 9.88
CA LYS C 41 7.38 4.26 10.78
C LYS C 41 8.88 4.21 10.54
N GLY C 42 9.46 5.37 10.27
CA GLY C 42 10.87 5.45 9.92
C GLY C 42 11.57 6.46 10.80
N GLU C 43 12.80 6.13 11.17
CA GLU C 43 13.63 6.98 12.00
C GLU C 43 14.98 7.14 11.32
N THR C 44 15.50 8.37 11.32
CA THR C 44 16.86 8.61 10.83
C THR C 44 17.61 9.50 11.80
N GLN C 45 18.75 9.02 12.29
CA GLN C 45 19.57 9.78 13.20
C GLN C 45 20.47 10.63 12.33
N ILE C 46 20.37 11.95 12.52
CA ILE C 46 21.06 12.94 11.69
C ILE C 46 22.37 13.28 12.37
N ASN C 47 22.27 13.79 13.60
CA ASN C 47 23.49 14.11 14.32
C ASN C 47 23.47 13.22 15.57
N ASP C 48 24.23 13.61 16.60
CA ASP C 48 23.99 13.04 17.91
C ASP C 48 22.78 13.67 18.59
N GLN C 49 22.54 14.94 18.29
CA GLN C 49 21.42 15.71 18.79
C GLN C 49 20.15 15.48 17.98
N LEU C 50 20.27 15.20 16.69
CA LEU C 50 19.15 15.37 15.78
C LEU C 50 18.68 14.03 15.22
N THR C 51 17.36 13.89 15.17
CA THR C 51 16.75 12.67 14.66
C THR C 51 15.51 13.04 13.88
N GLY C 52 15.43 12.53 12.65
CA GLY C 52 14.31 12.83 11.78
C GLY C 52 13.49 11.56 11.66
N TYR C 53 12.21 11.74 11.40
CA TYR C 53 11.30 10.61 11.49
C TYR C 53 10.07 10.89 10.63
N GLY C 54 9.36 9.81 10.29
CA GLY C 54 8.13 9.90 9.54
C GLY C 54 7.24 8.71 9.82
N GLN C 55 5.94 8.92 9.62
CA GLN C 55 4.99 7.83 9.78
C GLN C 55 3.79 8.04 8.85
N TRP C 56 3.29 6.92 8.30
CA TRP C 56 2.11 6.90 7.45
C TRP C 56 1.29 5.71 7.92
N GLU C 57 -0.02 5.88 8.00
CA GLU C 57 -0.83 4.71 8.30
C GLU C 57 -2.17 4.74 7.58
N TYR C 58 -2.49 3.59 6.98
CA TYR C 58 -3.56 3.43 6.01
C TYR C 58 -4.64 2.54 6.61
N ASN C 59 -5.90 2.88 6.37
CA ASN C 59 -7.01 2.05 6.78
C ASN C 59 -7.70 1.50 5.53
N VAL C 60 -7.75 0.17 5.41
CA VAL C 60 -8.32 -0.51 4.25
C VAL C 60 -9.50 -1.36 4.67
N GLN C 61 -10.67 -1.07 4.12
CA GLN C 61 -11.87 -1.83 4.45
C GLN C 61 -11.90 -3.11 3.61
N ALA C 62 -11.90 -4.27 4.28
CA ALA C 62 -11.98 -5.54 3.57
C ALA C 62 -13.38 -6.12 3.58
N ASN C 63 -14.40 -5.33 3.82
CA ASN C 63 -15.73 -5.87 4.01
C ASN C 63 -16.73 -5.51 2.92
N ASN C 64 -16.29 -5.00 1.77
CA ASN C 64 -17.23 -4.83 0.68
C ASN C 64 -16.66 -5.48 -0.59
N THR C 65 -17.43 -5.43 -1.67
CA THR C 65 -17.11 -6.06 -2.96
C THR C 65 -15.82 -5.47 -3.55
N GLU C 66 -15.32 -6.12 -4.61
CA GLU C 66 -14.21 -5.54 -5.35
C GLU C 66 -14.65 -4.44 -6.33
N SER C 67 -15.94 -4.42 -6.71
CA SER C 67 -16.58 -3.29 -7.41
C SER C 67 -16.89 -2.07 -6.50
N SER C 68 -16.47 -2.04 -5.23
CA SER C 68 -16.92 -0.99 -4.33
C SER C 68 -15.98 0.20 -4.31
N SER C 69 -16.50 1.34 -3.84
CA SER C 69 -15.75 2.60 -3.88
C SER C 69 -15.39 3.15 -2.49
N ASP C 70 -14.24 3.82 -2.44
CA ASP C 70 -13.77 4.52 -1.26
C ASP C 70 -13.65 3.63 -0.03
N GLN C 71 -12.98 2.48 -0.24
CA GLN C 71 -12.74 1.51 0.83
C GLN C 71 -11.42 1.70 1.54
N ALA C 72 -10.64 2.70 1.19
CA ALA C 72 -9.35 2.91 1.83
C ALA C 72 -9.19 4.39 2.05
N TRP C 73 -8.35 4.74 3.03
CA TRP C 73 -8.11 6.13 3.36
C TRP C 73 -6.91 6.23 4.29
N THR C 74 -6.31 7.41 4.30
CA THR C 74 -5.15 7.69 5.12
C THR C 74 -5.61 8.29 6.45
N ARG C 75 -5.23 7.64 7.56
CA ARG C 75 -5.53 8.23 8.86
C ARG C 75 -4.37 9.11 9.36
N LEU C 76 -3.12 8.68 9.17
CA LEU C 76 -1.94 9.45 9.56
C LEU C 76 -0.93 9.59 8.42
N ALA C 77 -0.26 10.76 8.38
CA ALA C 77 0.92 11.01 7.54
C ALA C 77 1.62 12.31 7.93
N PHE C 78 2.83 12.22 8.48
CA PHE C 78 3.56 13.39 8.98
C PHE C 78 5.04 13.07 9.07
N ALA C 79 5.87 14.10 8.98
CA ALA C 79 7.30 13.97 9.21
C ALA C 79 7.70 14.98 10.26
N GLY C 80 8.85 14.75 10.88
CA GLY C 80 9.34 15.71 11.85
C GLY C 80 10.76 15.45 12.26
N LEU C 81 11.27 16.37 13.08
CA LEU C 81 12.54 16.22 13.77
C LEU C 81 12.29 16.20 15.26
N LYS C 82 13.16 15.49 15.98
CA LYS C 82 13.06 15.38 17.42
C LYS C 82 14.42 15.78 17.96
N PHE C 83 14.43 16.79 18.84
CA PHE C 83 15.65 17.41 19.33
C PHE C 83 16.13 16.84 20.66
N GLY C 84 15.37 15.91 21.24
CA GLY C 84 15.67 15.34 22.54
C GLY C 84 15.29 16.22 23.71
N ASP C 85 16.27 16.93 24.27
CA ASP C 85 16.01 17.83 25.39
C ASP C 85 15.25 19.09 24.99
N ALA C 86 15.21 19.45 23.70
CA ALA C 86 14.41 20.55 23.20
C ALA C 86 13.03 20.14 22.67
N GLY C 87 12.71 18.84 22.62
CA GLY C 87 11.36 18.39 22.33
C GLY C 87 11.20 17.60 21.04
N SER C 88 10.32 18.08 20.15
CA SER C 88 10.01 17.47 18.85
C SER C 88 9.09 18.40 18.10
N PHE C 89 9.16 18.34 16.77
CA PHE C 89 8.22 19.07 15.95
C PHE C 89 7.91 18.31 14.67
N ASP C 90 6.65 18.34 14.24
CA ASP C 90 6.22 17.64 13.04
C ASP C 90 4.99 18.30 12.41
N TYR C 91 4.76 17.99 11.13
CA TYR C 91 3.62 18.47 10.36
C TYR C 91 3.11 17.35 9.46
N GLY C 92 1.80 17.38 9.20
CA GLY C 92 1.09 16.45 8.34
C GLY C 92 -0.37 16.37 8.72
N ARG C 93 -0.94 15.17 8.52
CA ARG C 93 -2.24 14.79 9.06
C ARG C 93 -1.95 13.97 10.32
N ASN C 94 -2.46 14.42 11.46
CA ASN C 94 -2.07 13.78 12.70
C ASN C 94 -3.14 14.04 13.75
N TYR C 95 -2.95 13.49 14.94
CA TYR C 95 -3.97 13.59 15.97
C TYR C 95 -3.98 14.99 16.58
N GLY C 96 -5.17 15.55 16.75
CA GLY C 96 -5.30 16.75 17.56
C GLY C 96 -4.83 16.50 18.98
N VAL C 97 -4.35 17.57 19.64
CA VAL C 97 -3.76 17.36 20.97
C VAL C 97 -4.79 17.13 22.05
N VAL C 98 -6.05 17.57 21.86
CA VAL C 98 -7.13 17.21 22.77
C VAL C 98 -7.07 15.72 23.08
N TYR C 99 -6.65 14.94 22.09
CA TYR C 99 -6.51 13.50 22.22
C TYR C 99 -5.34 13.07 23.10
N ASP C 100 -4.50 13.99 23.59
CA ASP C 100 -3.44 13.53 24.49
C ASP C 100 -3.93 13.16 25.87
N VAL C 101 -5.09 13.70 26.27
CA VAL C 101 -5.76 13.27 27.48
C VAL C 101 -6.98 12.41 27.16
N THR C 102 -7.74 12.77 26.12
CA THR C 102 -8.89 11.97 25.69
C THR C 102 -8.51 10.54 25.30
N SER C 103 -7.28 10.32 24.82
CA SER C 103 -6.77 8.95 24.53
C SER C 103 -6.82 7.99 25.71
N TRP C 104 -6.88 8.50 26.94
CA TRP C 104 -6.83 7.64 28.12
C TRP C 104 -8.09 6.79 28.26
N THR C 105 -9.21 7.28 27.74
CA THR C 105 -10.52 6.59 27.78
C THR C 105 -10.81 5.81 26.49
N ASP C 106 -9.88 5.79 25.54
CA ASP C 106 -10.08 5.08 24.26
C ASP C 106 -9.32 3.76 24.30
N VAL C 107 -9.90 2.78 25.01
CA VAL C 107 -9.19 1.54 25.32
C VAL C 107 -10.14 0.34 25.32
N LEU C 108 -11.40 0.57 24.89
CA LEU C 108 -12.36 -0.52 24.84
C LEU C 108 -11.95 -1.51 23.75
N PRO C 109 -12.44 -2.76 23.82
CA PRO C 109 -12.08 -3.73 22.76
C PRO C 109 -12.49 -3.29 21.36
N GLU C 110 -13.64 -2.63 21.24
CA GLU C 110 -14.02 -2.08 19.96
C GLU C 110 -14.71 -0.72 19.96
N PHE C 111 -15.45 -0.33 21.00
CA PHE C 111 -16.15 0.94 20.86
C PHE C 111 -15.46 2.06 21.65
N GLY C 112 -16.21 3.10 21.97
CA GLY C 112 -15.63 4.27 22.60
C GLY C 112 -15.12 5.31 21.61
N GLY C 113 -14.57 6.37 22.19
CA GLY C 113 -14.02 7.49 21.44
C GLY C 113 -14.95 8.06 20.40
N ASP C 114 -16.26 8.00 20.64
CA ASP C 114 -17.21 8.55 19.66
C ASP C 114 -18.15 9.56 20.29
N THR C 115 -17.71 10.25 21.35
CA THR C 115 -18.34 11.53 21.66
C THR C 115 -18.02 12.57 20.59
N TYR C 116 -16.97 12.30 19.80
CA TYR C 116 -16.45 13.14 18.73
C TYR C 116 -16.21 12.25 17.50
N GLY C 117 -15.81 12.89 16.38
CA GLY C 117 -15.35 12.19 15.21
C GLY C 117 -13.88 12.50 14.91
N SER C 118 -13.40 11.90 13.81
CA SER C 118 -12.17 12.31 13.14
C SER C 118 -12.48 13.49 12.23
N ASP C 119 -11.45 14.31 11.93
CA ASP C 119 -11.65 15.56 11.20
C ASP C 119 -12.76 16.33 11.88
N ASN C 120 -12.60 16.50 13.19
CA ASN C 120 -13.55 17.19 14.07
C ASN C 120 -12.63 18.06 14.91
N PHE C 121 -12.36 19.25 14.38
CA PHE C 121 -11.42 20.19 14.97
C PHE C 121 -10.20 19.44 15.49
N LEU C 122 -9.75 19.66 16.71
CA LEU C 122 -8.53 18.97 17.14
C LEU C 122 -8.81 17.86 18.14
N GLN C 123 -9.99 17.26 18.08
CA GLN C 123 -10.33 16.22 19.04
C GLN C 123 -9.87 14.84 18.59
N SER C 124 -9.73 14.63 17.29
CA SER C 124 -9.07 13.44 16.74
C SER C 124 -8.32 13.86 15.47
N ARG C 125 -7.86 12.88 14.71
CA ARG C 125 -7.04 13.12 13.53
C ARG C 125 -7.62 14.21 12.62
N ALA C 126 -6.72 15.05 12.11
CA ALA C 126 -7.10 16.22 11.33
C ALA C 126 -6.02 16.50 10.30
N ASN C 127 -6.42 17.17 9.22
CA ASN C 127 -5.47 17.62 8.20
C ASN C 127 -4.77 18.91 8.63
N GLY C 128 -3.47 18.93 8.45
CA GLY C 128 -2.76 20.20 8.45
C GLY C 128 -2.39 20.67 9.83
N VAL C 129 -1.81 19.79 10.65
CA VAL C 129 -1.50 20.11 12.03
C VAL C 129 0.01 20.13 12.21
N ALA C 130 0.50 21.26 12.72
CA ALA C 130 1.85 21.38 13.20
C ALA C 130 1.76 21.28 14.71
N THR C 131 2.61 20.44 15.32
CA THR C 131 2.51 20.20 16.76
C THR C 131 3.91 20.16 17.36
N TYR C 132 4.19 21.13 18.26
CA TYR C 132 5.38 21.09 19.09
C TYR C 132 5.07 20.28 20.35
N ARG C 133 6.02 19.42 20.73
CA ARG C 133 5.90 18.61 21.93
C ARG C 133 7.20 18.65 22.73
N ASN C 134 7.06 18.59 24.06
CA ASN C 134 8.18 18.69 24.98
C ASN C 134 7.93 17.80 26.18
N SER C 135 8.89 16.92 26.45
CA SER C 135 8.79 15.97 27.56
C SER C 135 9.63 16.46 28.74
N ASP C 136 9.12 16.20 29.95
CA ASP C 136 9.76 16.65 31.19
C ASP C 136 9.93 18.19 31.23
N PHE C 137 8.97 18.92 30.66
CA PHE C 137 8.95 20.38 30.65
C PHE C 137 10.33 21.00 30.44
N PHE C 138 10.85 20.88 29.21
CA PHE C 138 12.15 21.42 28.82
C PHE C 138 13.25 20.86 29.70
N GLY C 139 13.13 19.58 30.05
CA GLY C 139 14.08 18.97 30.95
C GLY C 139 14.10 19.53 32.36
N LEU C 140 13.09 20.32 32.75
CA LEU C 140 13.10 20.97 34.06
C LEU C 140 12.30 20.20 35.10
N VAL C 141 11.00 19.94 34.81
CA VAL C 141 10.09 19.37 35.80
C VAL C 141 9.81 17.92 35.34
N ASP C 142 10.53 16.95 35.91
CA ASP C 142 10.42 15.52 35.55
C ASP C 142 8.97 15.00 35.49
N GLY C 143 8.60 14.46 34.34
CA GLY C 143 7.35 13.75 34.22
C GLY C 143 6.17 14.60 33.81
N LEU C 144 6.39 15.86 33.48
CA LEU C 144 5.31 16.74 33.05
C LEU C 144 5.48 16.95 31.55
N ASN C 145 4.46 16.58 30.79
CA ASN C 145 4.54 16.59 29.33
C ASN C 145 3.50 17.55 28.80
N PHE C 146 3.91 18.38 27.86
CA PHE C 146 3.03 19.39 27.32
C PHE C 146 3.21 19.45 25.82
N ALA C 147 2.21 20.02 25.15
CA ALA C 147 2.18 20.05 23.71
C ALA C 147 1.49 21.32 23.25
N LEU C 148 1.95 21.84 22.11
CA LEU C 148 1.35 23.02 21.52
C LEU C 148 1.16 22.76 20.04
N GLN C 149 0.09 23.31 19.45
CA GLN C 149 -0.32 22.83 18.15
C GLN C 149 -1.17 23.89 17.44
N TYR C 150 -0.97 24.03 16.13
CA TYR C 150 -1.72 24.95 15.28
C TYR C 150 -2.20 24.23 14.03
N GLN C 151 -3.31 24.71 13.47
CA GLN C 151 -3.95 24.06 12.34
C GLN C 151 -4.49 25.14 11.41
N GLY C 152 -4.11 25.07 10.11
CA GLY C 152 -4.60 26.01 9.13
C GLY C 152 -5.98 25.63 8.62
N LYS C 153 -6.65 26.60 7.99
CA LYS C 153 -8.00 26.35 7.51
C LYS C 153 -8.06 25.14 6.60
N ASN C 154 -9.10 24.34 6.78
CA ASN C 154 -9.48 23.27 5.86
C ASN C 154 -10.93 23.59 5.52
N GLY C 155 -11.13 24.22 4.37
CA GLY C 155 -12.36 24.89 3.99
C GLY C 155 -13.25 24.13 3.02
N SER C 156 -14.01 24.90 2.24
CA SER C 156 -15.01 24.37 1.34
C SER C 156 -14.37 23.73 0.10
N VAL C 157 -15.22 22.98 -0.62
CA VAL C 157 -14.80 22.45 -1.91
C VAL C 157 -14.72 23.57 -2.93
N SER C 158 -15.58 24.57 -2.80
CA SER C 158 -15.61 25.75 -3.65
C SER C 158 -16.14 26.94 -2.86
N GLY C 159 -16.04 28.12 -3.44
CA GLY C 159 -16.55 29.36 -2.85
C GLY C 159 -15.45 30.17 -2.19
N GLU C 160 -15.88 31.27 -1.55
CA GLU C 160 -14.90 32.15 -0.91
C GLU C 160 -14.19 31.43 0.23
N GLY C 161 -14.84 30.45 0.86
CA GLY C 161 -14.25 29.71 1.95
C GLY C 161 -13.43 28.51 1.53
N ALA C 162 -13.04 28.45 0.26
CA ALA C 162 -12.42 27.24 -0.24
C ALA C 162 -10.94 27.16 0.12
N THR C 163 -10.45 25.93 0.22
CA THR C 163 -9.02 25.64 0.17
C THR C 163 -8.78 24.50 -0.82
N ASN C 164 -7.51 24.16 -1.05
CA ASN C 164 -7.20 23.07 -1.98
C ASN C 164 -7.89 21.78 -1.55
N ASN C 165 -7.87 21.48 -0.26
CA ASN C 165 -8.34 20.20 0.28
C ASN C 165 -9.76 20.33 0.83
N GLY C 166 -10.66 20.90 0.04
CA GLY C 166 -12.01 21.15 0.50
C GLY C 166 -12.73 19.89 0.98
N ARG C 167 -13.82 20.13 1.70
CA ARG C 167 -14.63 19.11 2.37
C ARG C 167 -15.94 19.79 2.79
N GLY C 168 -16.80 19.03 3.48
CA GLY C 168 -18.07 19.53 3.95
C GLY C 168 -18.04 20.01 5.40
N TRP C 169 -19.09 20.79 5.75
CA TRP C 169 -19.13 21.49 7.04
C TRP C 169 -18.77 20.60 8.21
N SER C 170 -19.21 19.35 8.16
CA SER C 170 -19.00 18.48 9.30
C SER C 170 -17.53 18.18 9.53
N LYS C 171 -16.68 18.40 8.52
CA LYS C 171 -15.25 18.21 8.72
C LYS C 171 -14.43 19.38 8.21
N GLN C 172 -15.01 20.57 8.16
CA GLN C 172 -14.22 21.77 7.92
C GLN C 172 -13.68 22.32 9.23
N ASN C 173 -12.91 23.41 9.13
CA ASN C 173 -12.35 24.11 10.28
C ASN C 173 -11.66 25.37 9.75
N GLY C 174 -11.65 26.41 10.58
CA GLY C 174 -10.79 27.56 10.35
C GLY C 174 -9.44 27.38 11.01
N ASP C 175 -8.68 28.46 11.01
CA ASP C 175 -7.44 28.46 11.76
C ASP C 175 -7.75 28.23 13.23
N GLY C 176 -6.91 27.42 13.87
CA GLY C 176 -7.13 27.14 15.26
C GLY C 176 -5.86 26.61 15.91
N PHE C 177 -5.94 26.46 17.23
CA PHE C 177 -4.82 25.94 17.97
C PHE C 177 -5.31 25.18 19.17
N GLY C 178 -4.42 24.39 19.75
CA GLY C 178 -4.76 23.61 20.91
C GLY C 178 -3.51 23.39 21.72
N THR C 179 -3.71 23.01 22.98
CA THR C 179 -2.59 22.78 23.87
C THR C 179 -2.95 21.70 24.86
N SER C 180 -1.93 21.03 25.36
CA SER C 180 -2.10 19.86 26.20
C SER C 180 -1.07 19.89 27.30
N LEU C 181 -1.45 19.38 28.46
CA LEU C 181 -0.58 19.30 29.62
C LEU C 181 -0.93 18.01 30.31
N THR C 182 0.09 17.22 30.63
CA THR C 182 -0.09 15.94 31.31
C THR C 182 1.01 15.74 32.33
N TYR C 183 0.64 15.24 33.51
CA TYR C 183 1.56 15.12 34.64
C TYR C 183 1.42 13.74 35.24
N ASP C 184 2.55 13.12 35.47
CA ASP C 184 2.58 11.82 36.14
C ASP C 184 2.81 12.06 37.62
N ILE C 185 1.71 12.04 38.40
CA ILE C 185 1.71 12.50 39.79
C ILE C 185 2.54 11.54 40.62
N TRP C 186 1.97 10.38 40.97
CA TRP C 186 2.64 9.41 41.80
C TRP C 186 3.36 8.49 40.83
N ASP C 187 2.89 7.25 40.71
CA ASP C 187 3.46 6.29 39.77
C ASP C 187 2.33 5.34 39.43
N GLY C 188 1.82 5.44 38.20
CA GLY C 188 0.61 4.80 37.79
C GLY C 188 -0.57 5.75 37.71
N ILE C 189 -0.58 6.78 38.53
CA ILE C 189 -1.55 7.85 38.49
C ILE C 189 -1.06 8.98 37.59
N SER C 190 -2.00 9.63 36.89
CA SER C 190 -1.66 10.67 35.94
C SER C 190 -2.86 11.60 35.73
N ALA C 191 -2.57 12.90 35.70
CA ALA C 191 -3.57 13.93 35.42
C ALA C 191 -3.22 14.62 34.10
N GLY C 192 -4.25 15.10 33.43
CA GLY C 192 -4.05 15.75 32.15
C GLY C 192 -5.09 16.81 31.89
N PHE C 193 -4.69 17.83 31.14
CA PHE C 193 -5.57 18.89 30.69
C PHE C 193 -5.24 19.21 29.24
N ALA C 194 -6.26 19.59 28.49
CA ALA C 194 -6.05 19.95 27.08
C ALA C 194 -7.01 21.07 26.74
N TYR C 195 -6.54 22.01 25.93
CA TYR C 195 -7.37 23.13 25.52
C TYR C 195 -7.33 23.25 24.00
N SER C 196 -8.47 23.61 23.42
CA SER C 196 -8.58 23.74 21.98
C SER C 196 -9.42 24.95 21.62
N HIS C 197 -9.11 25.53 20.45
CA HIS C 197 -9.73 26.78 19.98
C HIS C 197 -9.54 26.89 18.47
N SER C 198 -10.64 26.97 17.73
CA SER C 198 -10.56 27.01 16.27
C SER C 198 -11.62 27.96 15.72
N LYS C 199 -11.29 28.65 14.62
CA LYS C 199 -12.33 29.41 13.95
C LYS C 199 -13.23 28.44 13.20
N ARG C 200 -14.52 28.72 13.15
CA ARG C 200 -15.37 27.84 12.38
C ARG C 200 -15.78 28.57 11.12
N THR C 201 -15.93 27.80 10.06
CA THR C 201 -16.10 28.30 8.71
C THR C 201 -17.50 28.88 8.48
N ASP C 202 -17.58 29.76 7.49
CA ASP C 202 -18.86 30.36 7.13
C ASP C 202 -19.91 29.29 6.84
N GLU C 203 -19.49 28.16 6.26
CA GLU C 203 -20.43 27.11 5.90
C GLU C 203 -20.94 26.38 7.12
N GLN C 204 -20.04 26.04 8.05
CA GLN C 204 -20.46 25.55 9.36
C GLN C 204 -21.57 26.42 9.95
N ASN C 205 -21.53 27.72 9.72
CA ASN C 205 -22.51 28.61 10.34
C ASN C 205 -23.68 28.93 9.42
N SER C 206 -23.91 28.12 8.38
CA SER C 206 -24.99 28.47 7.47
C SER C 206 -25.75 27.26 6.93
N VAL C 207 -25.04 26.18 6.58
CA VAL C 207 -25.70 25.06 5.90
C VAL C 207 -26.16 23.99 6.88
N PRO C 208 -25.43 23.60 7.94
CA PRO C 208 -26.02 22.68 8.90
C PRO C 208 -27.04 23.43 9.76
N ALA C 209 -28.00 22.70 10.30
CA ALA C 209 -29.05 23.38 11.05
C ALA C 209 -28.68 23.69 12.49
N LEU C 210 -27.74 22.97 13.09
CA LEU C 210 -27.46 23.06 14.51
C LEU C 210 -26.05 23.58 14.76
N GLY C 211 -25.95 24.61 15.61
CA GLY C 211 -24.65 25.15 15.97
C GLY C 211 -24.24 26.40 15.24
N ARG C 212 -24.11 27.53 15.96
CA ARG C 212 -23.57 28.79 15.44
C ARG C 212 -22.62 29.40 16.46
N GLY C 213 -21.59 30.07 15.96
CA GLY C 213 -20.54 30.58 16.82
C GLY C 213 -19.32 30.91 16.00
N ASP C 214 -18.55 31.93 16.37
CA ASP C 214 -17.36 32.25 15.59
C ASP C 214 -16.30 31.18 15.73
N ASN C 215 -16.24 30.52 16.90
CA ASN C 215 -15.14 29.66 17.22
C ASN C 215 -15.65 28.32 17.70
N ALA C 216 -14.71 27.40 17.92
CA ALA C 216 -15.02 26.05 18.35
C ALA C 216 -13.95 25.65 19.36
N GLU C 217 -14.32 25.62 20.64
CA GLU C 217 -13.37 25.36 21.71
C GLU C 217 -13.74 24.12 22.48
N THR C 218 -12.75 23.58 23.18
CA THR C 218 -12.92 22.39 24.00
C THR C 218 -12.01 22.51 25.23
N TYR C 219 -12.55 22.16 26.39
CA TYR C 219 -11.80 22.10 27.65
C TYR C 219 -11.86 20.67 28.16
N THR C 220 -10.72 20.11 28.53
CA THR C 220 -10.70 18.71 28.94
C THR C 220 -9.75 18.49 30.11
N GLY C 221 -10.22 17.69 31.07
CA GLY C 221 -9.37 17.18 32.14
C GLY C 221 -9.60 15.69 32.29
N GLY C 222 -8.53 14.99 32.65
CA GLY C 222 -8.61 13.55 32.73
C GLY C 222 -7.67 13.02 33.77
N LEU C 223 -8.00 11.84 34.31
CA LEU C 223 -7.17 11.12 35.25
C LEU C 223 -7.05 9.66 34.85
N LYS C 224 -6.03 9.00 35.37
CA LYS C 224 -5.87 7.57 35.09
C LYS C 224 -5.03 6.91 36.19
N TYR C 225 -5.31 5.62 36.41
CA TYR C 225 -4.48 4.75 37.25
C TYR C 225 -4.11 3.54 36.39
N ASP C 226 -2.81 3.19 36.35
CA ASP C 226 -2.34 2.09 35.51
C ASP C 226 -1.17 1.40 36.21
N ALA C 227 -1.48 0.43 37.06
CA ALA C 227 -0.46 -0.32 37.77
C ALA C 227 -1.07 -1.60 38.32
N ASN C 228 -0.22 -2.60 38.52
CA ASN C 228 -0.64 -3.87 39.09
C ASN C 228 -1.79 -4.47 38.29
N ASN C 229 -1.66 -4.43 36.97
CA ASN C 229 -2.62 -4.97 36.03
C ASN C 229 -4.03 -4.38 36.18
N ILE C 230 -4.18 -3.25 36.86
CA ILE C 230 -5.45 -2.55 36.90
C ILE C 230 -5.32 -1.31 36.02
N TYR C 231 -6.37 -1.01 35.26
CA TYR C 231 -6.39 0.21 34.47
C TYR C 231 -7.71 0.91 34.75
N LEU C 232 -7.63 2.05 35.43
CA LEU C 232 -8.79 2.89 35.67
C LEU C 232 -8.50 4.22 35.02
N ALA C 233 -9.48 4.79 34.34
CA ALA C 233 -9.25 6.05 33.62
C ALA C 233 -10.58 6.75 33.42
N SER C 234 -10.54 8.08 33.43
CA SER C 234 -11.77 8.82 33.21
C SER C 234 -11.43 10.20 32.64
N ARG C 235 -12.43 10.81 32.00
CA ARG C 235 -12.23 12.02 31.22
C ARG C 235 -13.53 12.80 31.13
N TYR C 236 -13.45 14.10 31.40
CA TYR C 236 -14.60 14.99 31.26
C TYR C 236 -14.19 16.19 30.41
N THR C 237 -14.98 16.48 29.39
CA THR C 237 -14.72 17.63 28.54
C THR C 237 -16.01 18.36 28.21
N GLN C 238 -15.92 19.69 28.14
CA GLN C 238 -16.98 20.52 27.60
C GLN C 238 -16.52 21.21 26.32
N THR C 239 -17.47 21.32 25.39
CA THR C 239 -17.24 21.80 24.03
C THR C 239 -18.21 22.93 23.77
N TYR C 240 -17.74 23.90 22.99
CA TYR C 240 -18.59 24.95 22.46
C TYR C 240 -18.47 24.89 20.93
N ASN C 241 -19.58 24.60 20.26
CA ASN C 241 -19.65 24.57 18.80
C ASN C 241 -18.66 23.58 18.18
N ALA C 242 -18.38 22.47 18.86
CA ALA C 242 -17.32 21.56 18.42
C ALA C 242 -17.82 20.12 18.28
N THR C 243 -18.75 19.73 19.15
CA THR C 243 -19.27 18.37 19.10
C THR C 243 -20.38 18.29 18.06
N ARG C 244 -20.35 17.24 17.22
CA ARG C 244 -21.33 17.18 16.15
C ARG C 244 -22.63 16.59 16.66
N ALA C 245 -23.74 17.16 16.20
CA ALA C 245 -25.07 16.69 16.56
C ALA C 245 -25.53 15.72 15.47
N GLY C 246 -24.80 14.61 15.39
CA GLY C 246 -24.96 13.68 14.28
C GLY C 246 -24.87 14.41 12.97
N SER C 247 -25.87 14.17 12.12
CA SER C 247 -25.91 14.76 10.78
C SER C 247 -26.53 16.16 10.75
N LEU C 248 -27.13 16.63 11.84
CA LEU C 248 -27.90 17.87 11.82
C LEU C 248 -27.07 19.13 12.04
N GLY C 249 -25.82 19.00 12.48
CA GLY C 249 -24.91 20.12 12.68
C GLY C 249 -23.98 19.95 13.87
N PHE C 250 -23.81 20.99 14.68
CA PHE C 250 -22.99 20.92 15.89
C PHE C 250 -23.81 21.28 17.11
N ALA C 251 -23.41 20.74 18.26
CA ALA C 251 -24.04 21.14 19.52
C ALA C 251 -23.42 22.44 20.00
N ASN C 252 -24.26 23.45 20.24
CA ASN C 252 -23.74 24.73 20.71
C ASN C 252 -22.96 24.56 22.01
N LYS C 253 -23.46 23.68 22.88
CA LYS C 253 -22.77 23.44 24.12
C LYS C 253 -22.82 21.92 24.32
N ALA C 254 -21.76 21.31 24.87
CA ALA C 254 -21.87 19.87 25.08
C ALA C 254 -20.87 19.43 26.13
N GLN C 255 -21.31 18.48 26.95
CA GLN C 255 -20.47 17.89 28.00
C GLN C 255 -20.33 16.40 27.74
N ASN C 256 -19.08 15.93 27.64
CA ASN C 256 -18.78 14.54 27.34
C ASN C 256 -18.07 13.90 28.53
N PHE C 257 -18.39 12.65 28.82
CA PHE C 257 -17.78 12.02 29.99
C PHE C 257 -17.63 10.53 29.74
N GLU C 258 -16.50 9.98 30.17
CA GLU C 258 -16.18 8.59 29.93
C GLU C 258 -15.51 8.02 31.16
N VAL C 259 -15.83 6.77 31.46
CA VAL C 259 -15.26 6.03 32.56
C VAL C 259 -14.99 4.62 32.04
N VAL C 260 -13.81 4.07 32.31
CA VAL C 260 -13.49 2.70 31.91
C VAL C 260 -12.69 2.02 33.01
N ALA C 261 -12.91 0.71 33.13
CA ALA C 261 -12.22 -0.12 34.10
C ALA C 261 -11.77 -1.39 33.42
N GLN C 262 -10.51 -1.77 33.66
CA GLN C 262 -9.94 -2.97 33.06
C GLN C 262 -9.00 -3.61 34.05
N TYR C 263 -8.99 -4.92 34.04
CA TYR C 263 -8.01 -5.73 34.73
C TYR C 263 -7.33 -6.57 33.68
N GLN C 264 -6.06 -6.85 33.88
CA GLN C 264 -5.28 -7.66 32.97
C GLN C 264 -4.95 -8.96 33.68
N PHE C 265 -5.50 -10.06 33.18
CA PHE C 265 -5.39 -11.32 33.89
C PHE C 265 -4.06 -11.99 33.66
N ASP C 266 -3.64 -12.75 34.67
CA ASP C 266 -2.42 -13.52 34.61
C ASP C 266 -2.37 -14.34 33.33
N PHE C 267 -3.51 -14.89 32.92
CA PHE C 267 -3.64 -15.85 31.84
C PHE C 267 -3.93 -15.25 30.47
N GLY C 268 -4.13 -13.94 30.37
CA GLY C 268 -4.20 -13.30 29.08
C GLY C 268 -5.52 -12.66 28.74
N LEU C 269 -6.52 -12.66 29.63
CA LEU C 269 -7.80 -12.02 29.32
C LEU C 269 -7.85 -10.66 30.00
N ARG C 270 -8.28 -9.66 29.26
CA ARG C 270 -8.47 -8.32 29.81
C ARG C 270 -9.93 -7.92 29.64
N PRO C 271 -10.74 -8.06 30.67
CA PRO C 271 -12.13 -7.58 30.60
C PRO C 271 -12.20 -6.07 30.72
N SER C 272 -13.32 -5.52 30.26
CA SER C 272 -13.51 -4.08 30.17
C SER C 272 -14.96 -3.71 30.44
N VAL C 273 -15.13 -2.76 31.35
CA VAL C 273 -16.40 -2.12 31.64
C VAL C 273 -16.19 -0.63 31.44
N ALA C 274 -17.20 0.03 30.87
CA ALA C 274 -17.05 1.45 30.63
C ALA C 274 -18.43 2.08 30.52
N TYR C 275 -18.48 3.38 30.74
CA TYR C 275 -19.68 4.14 30.47
C TYR C 275 -19.26 5.41 29.75
N LEU C 276 -20.04 5.82 28.75
CA LEU C 276 -19.75 7.01 27.95
C LEU C 276 -21.05 7.76 27.72
N GLN C 277 -20.94 9.07 27.55
CA GLN C 277 -22.13 9.92 27.54
C GLN C 277 -21.80 11.31 27.00
N SER C 278 -22.63 11.77 26.07
CA SER C 278 -22.47 13.08 25.47
C SER C 278 -23.82 13.79 25.43
N LYS C 279 -23.88 15.00 25.99
CA LYS C 279 -25.11 15.77 26.09
C LYS C 279 -24.98 17.10 25.38
N GLY C 280 -25.96 17.38 24.52
CA GLY C 280 -25.97 18.62 23.77
C GLY C 280 -26.94 19.56 24.47
N LYS C 281 -26.49 20.79 24.68
CA LYS C 281 -27.31 21.80 25.33
C LYS C 281 -27.51 22.96 24.37
N ASP C 282 -28.54 23.78 24.68
CA ASP C 282 -29.06 24.81 23.79
C ASP C 282 -28.95 24.43 22.31
N LEU C 283 -29.64 23.38 21.92
CA LEU C 283 -29.78 23.08 20.50
C LEU C 283 -30.98 23.87 19.97
N GLU C 284 -31.04 24.00 18.66
CA GLU C 284 -32.02 24.91 18.08
C GLU C 284 -33.21 24.09 17.61
N ARG C 285 -34.16 24.78 16.97
CA ARG C 285 -35.31 24.15 16.31
C ARG C 285 -36.22 23.39 17.27
N GLY C 286 -36.16 23.71 18.55
CA GLY C 286 -36.96 23.04 19.56
C GLY C 286 -36.26 21.91 20.27
N TYR C 287 -35.21 21.34 19.66
CA TYR C 287 -34.39 20.34 20.33
C TYR C 287 -33.78 21.05 21.53
N GLY C 288 -34.30 20.83 22.71
CA GLY C 288 -33.72 21.45 23.86
C GLY C 288 -32.36 20.85 24.17
N ASP C 289 -32.28 20.26 25.34
CA ASP C 289 -31.11 19.51 25.77
C ASP C 289 -31.38 18.07 25.34
N GLN C 290 -30.50 17.53 24.50
CA GLN C 290 -30.71 16.21 23.93
C GLN C 290 -29.45 15.40 24.20
N ASP C 291 -29.60 14.08 24.25
CA ASP C 291 -28.43 13.23 24.42
C ASP C 291 -27.89 12.88 23.05
N ILE C 292 -26.57 12.96 22.90
CA ILE C 292 -25.90 12.66 21.64
C ILE C 292 -25.41 11.22 21.63
N LEU C 293 -24.95 10.75 22.79
CA LEU C 293 -24.38 9.43 22.95
C LEU C 293 -24.62 9.04 24.40
N LYS C 294 -24.87 7.75 24.64
CA LYS C 294 -25.15 7.21 25.96
C LYS C 294 -25.14 5.68 25.92
N TYR C 295 -24.11 5.06 26.49
CA TYR C 295 -24.16 3.61 26.55
C TYR C 295 -23.20 3.08 27.60
N VAL C 296 -23.56 1.95 28.19
CA VAL C 296 -22.61 1.12 28.93
C VAL C 296 -21.93 0.18 27.95
N ASP C 297 -20.67 -0.11 28.23
CA ASP C 297 -19.93 -1.03 27.39
C ASP C 297 -19.30 -2.11 28.26
N VAL C 298 -19.60 -3.36 27.92
CA VAL C 298 -19.02 -4.53 28.57
C VAL C 298 -18.25 -5.32 27.55
N GLY C 299 -17.04 -5.72 27.89
CA GLY C 299 -16.34 -6.52 26.89
C GLY C 299 -15.08 -7.11 27.47
N ALA C 300 -14.36 -7.81 26.61
CA ALA C 300 -13.12 -8.45 27.02
C ALA C 300 -12.36 -8.85 25.77
N THR C 301 -11.03 -8.92 25.89
CA THR C 301 -10.17 -9.38 24.81
C THR C 301 -9.13 -10.33 25.36
N TYR C 302 -8.85 -11.42 24.63
CA TYR C 302 -7.82 -12.36 25.01
C TYR C 302 -6.61 -12.17 24.11
N TYR C 303 -5.41 -12.03 24.71
CA TYR C 303 -4.16 -11.93 23.98
C TYR C 303 -3.46 -13.30 23.94
N PHE C 304 -3.25 -13.84 22.74
CA PHE C 304 -2.46 -15.07 22.62
C PHE C 304 -0.99 -14.79 22.80
N ASN C 305 -0.52 -13.69 22.23
CA ASN C 305 0.83 -13.18 22.44
C ASN C 305 0.87 -11.74 21.94
N LYS C 306 2.08 -11.20 21.81
CA LYS C 306 2.22 -9.83 21.34
C LYS C 306 1.65 -9.64 19.93
N ASN C 307 1.23 -10.72 19.26
CA ASN C 307 0.78 -10.66 17.88
C ASN C 307 -0.66 -11.10 17.62
N MET C 308 -1.30 -11.84 18.52
CA MET C 308 -2.66 -12.30 18.23
C MET C 308 -3.59 -12.10 19.40
N SER C 309 -4.81 -11.74 19.07
CA SER C 309 -5.79 -11.34 20.05
C SER C 309 -7.19 -11.60 19.49
N THR C 310 -8.15 -11.79 20.39
CA THR C 310 -9.55 -12.01 20.07
C THR C 310 -10.35 -11.20 21.04
N TYR C 311 -11.58 -10.84 20.67
CA TYR C 311 -12.37 -10.07 21.64
C TYR C 311 -13.84 -10.17 21.34
N VAL C 312 -14.62 -9.91 22.38
CA VAL C 312 -16.05 -9.69 22.33
C VAL C 312 -16.33 -8.31 22.92
N ASP C 313 -17.33 -7.60 22.39
CA ASP C 313 -17.62 -6.31 22.98
C ASP C 313 -19.10 -6.01 22.83
N TYR C 314 -19.73 -5.57 23.93
CA TYR C 314 -21.18 -5.46 24.06
C TYR C 314 -21.51 -4.01 24.40
N LYS C 315 -22.04 -3.26 23.45
CA LYS C 315 -22.41 -1.87 23.69
C LYS C 315 -23.90 -1.88 24.05
N ILE C 316 -24.19 -1.63 25.32
CA ILE C 316 -25.55 -1.59 25.83
C ILE C 316 -26.02 -0.14 25.71
N ASN C 317 -26.84 0.12 24.71
CA ASN C 317 -27.04 1.47 24.25
C ASN C 317 -28.32 2.02 24.90
N LEU C 318 -28.15 3.05 25.72
CA LEU C 318 -29.20 3.59 26.59
C LEU C 318 -29.90 4.79 25.99
N LEU C 319 -29.56 5.17 24.75
CA LEU C 319 -30.29 6.26 24.10
C LEU C 319 -31.74 5.89 23.93
N ASP C 320 -32.60 6.82 24.33
CA ASP C 320 -34.00 6.75 23.99
C ASP C 320 -34.14 7.02 22.50
N ASP C 321 -35.34 6.78 21.95
CA ASP C 321 -35.49 6.96 20.51
C ASP C 321 -36.28 8.26 20.28
N ASN C 322 -35.55 9.40 20.32
CA ASN C 322 -36.05 10.75 20.20
C ASN C 322 -36.35 11.11 18.75
N SER C 323 -36.95 12.29 18.56
CA SER C 323 -36.88 12.94 17.27
C SER C 323 -35.47 13.41 16.93
N PHE C 324 -34.58 13.56 17.90
CA PHE C 324 -33.26 14.09 17.60
C PHE C 324 -32.27 12.99 17.28
N THR C 325 -32.35 11.87 18.01
CA THR C 325 -31.56 10.68 17.69
C THR C 325 -31.78 10.21 16.26
N ARG C 326 -33.02 10.29 15.76
CA ARG C 326 -33.35 9.74 14.44
C ARG C 326 -33.02 10.71 13.31
N ASN C 327 -33.20 12.02 13.52
CA ASN C 327 -32.97 13.00 12.46
C ASN C 327 -31.50 13.24 12.22
N ALA C 328 -30.65 12.95 13.20
CA ALA C 328 -29.21 13.00 13.04
C ALA C 328 -28.63 11.66 12.60
N GLY C 329 -29.44 10.61 12.59
CA GLY C 329 -28.94 9.29 12.24
C GLY C 329 -28.08 8.75 13.36
N ILE C 330 -28.53 8.93 14.59
CA ILE C 330 -27.80 8.45 15.74
C ILE C 330 -28.37 7.08 16.05
N SER C 331 -27.52 6.07 16.07
CA SER C 331 -28.01 4.72 16.27
C SER C 331 -28.42 4.52 17.73
N THR C 332 -29.65 4.02 17.95
CA THR C 332 -30.20 3.72 19.28
C THR C 332 -30.10 2.24 19.69
N ASP C 333 -29.71 1.34 18.81
CA ASP C 333 -29.75 -0.09 19.08
C ASP C 333 -28.45 -0.52 19.72
N ASP C 334 -28.50 -1.63 20.44
CA ASP C 334 -27.27 -2.17 20.99
C ASP C 334 -26.44 -2.75 19.85
N VAL C 335 -25.23 -3.17 20.19
CA VAL C 335 -24.32 -3.79 19.23
C VAL C 335 -23.43 -4.77 19.97
N VAL C 336 -23.19 -5.91 19.35
CA VAL C 336 -22.25 -6.90 19.85
C VAL C 336 -21.20 -7.07 18.77
N ALA C 337 -19.95 -7.29 19.18
CA ALA C 337 -18.85 -7.33 18.25
C ALA C 337 -17.91 -8.48 18.57
N LEU C 338 -17.55 -9.27 17.56
CA LEU C 338 -16.50 -10.27 17.72
C LEU C 338 -15.40 -10.05 16.71
N GLY C 339 -14.16 -10.15 17.20
CA GLY C 339 -13.04 -9.90 16.37
C GLY C 339 -11.91 -10.85 16.64
N LEU C 340 -11.24 -11.26 15.56
CA LEU C 340 -9.98 -11.99 15.64
C LEU C 340 -8.94 -11.17 14.88
N VAL C 341 -7.79 -10.94 15.51
CA VAL C 341 -6.87 -9.88 15.07
C VAL C 341 -5.45 -10.43 14.98
N TYR C 342 -4.89 -10.43 13.77
CA TYR C 342 -3.46 -10.64 13.55
C TYR C 342 -2.77 -9.29 13.39
N GLN C 343 -1.61 -9.14 14.04
CA GLN C 343 -0.81 -7.92 13.98
C GLN C 343 0.66 -8.22 13.71
N PHE C 344 1.32 -7.28 13.01
CA PHE C 344 2.70 -7.46 12.57
C PHE C 344 3.52 -6.17 12.76
N ARG D 13 26.92 -37.70 -60.74
CA ARG D 13 25.82 -38.32 -59.99
C ARG D 13 24.46 -37.97 -60.60
N SER D 14 23.95 -36.79 -60.27
CA SER D 14 22.66 -36.36 -60.79
C SER D 14 22.93 -35.55 -62.05
N ASP D 15 22.66 -34.26 -61.98
CA ASP D 15 22.97 -33.28 -63.05
C ASP D 15 22.58 -33.73 -64.45
N PRO D 16 21.28 -33.97 -64.72
CA PRO D 16 20.87 -34.10 -66.13
C PRO D 16 21.06 -32.80 -66.84
N LEU D 17 20.98 -31.68 -66.10
CA LEU D 17 21.13 -30.36 -66.66
C LEU D 17 22.49 -29.76 -66.29
N GLU D 18 23.50 -30.63 -66.12
CA GLU D 18 24.87 -30.25 -65.81
C GLU D 18 25.40 -29.20 -66.79
N GLY D 19 25.15 -29.39 -68.09
CA GLY D 19 25.57 -28.40 -69.07
C GLY D 19 24.89 -27.07 -68.86
N PHE D 20 23.56 -27.07 -68.75
CA PHE D 20 22.82 -25.86 -68.45
C PHE D 20 23.35 -25.22 -67.17
N ASN D 21 23.52 -26.03 -66.12
CA ASN D 21 23.91 -25.49 -64.82
C ASN D 21 25.28 -24.85 -64.89
N ARG D 22 26.25 -25.53 -65.53
CA ARG D 22 27.62 -25.05 -65.47
C ARG D 22 27.76 -23.70 -66.12
N THR D 23 26.92 -23.40 -67.11
CA THR D 23 26.95 -22.07 -67.72
C THR D 23 26.32 -21.03 -66.79
N MET D 24 25.21 -21.36 -66.14
CA MET D 24 24.67 -20.40 -65.18
C MET D 24 25.61 -20.18 -64.00
N PHE D 25 26.34 -21.21 -63.60
CA PHE D 25 27.25 -21.06 -62.47
C PHE D 25 28.45 -20.20 -62.85
N ASN D 26 28.98 -20.41 -64.04
CA ASN D 26 30.12 -19.59 -64.46
C ASN D 26 29.69 -18.15 -64.71
N PHE D 27 28.45 -17.92 -65.15
CA PHE D 27 27.94 -16.55 -65.19
C PHE D 27 27.84 -15.97 -63.80
N ASN D 28 27.41 -16.79 -62.82
CA ASN D 28 27.28 -16.28 -61.46
C ASN D 28 28.64 -16.08 -60.83
N PHE D 29 29.58 -16.99 -61.11
CA PHE D 29 30.86 -16.98 -60.40
C PHE D 29 31.75 -15.85 -60.90
N ASN D 30 31.81 -15.63 -62.21
CA ASN D 30 32.75 -14.68 -62.78
C ASN D 30 32.09 -13.49 -63.47
N VAL D 31 30.79 -13.28 -63.33
CA VAL D 31 30.24 -12.02 -63.83
C VAL D 31 29.46 -11.27 -62.75
N VAL D 32 28.46 -11.91 -62.13
CA VAL D 32 27.70 -11.17 -61.11
C VAL D 32 28.48 -11.07 -59.81
N ASP D 33 29.28 -12.08 -59.47
CA ASP D 33 29.93 -12.02 -58.16
C ASP D 33 31.12 -11.06 -58.14
N PRO D 34 32.01 -11.06 -59.12
CA PRO D 34 33.11 -10.07 -59.04
C PRO D 34 32.63 -8.65 -59.30
N TYR D 35 31.66 -8.45 -60.19
CA TYR D 35 31.22 -7.12 -60.59
C TYR D 35 30.09 -6.56 -59.72
N VAL D 36 29.23 -7.39 -59.17
CA VAL D 36 28.28 -6.88 -58.17
C VAL D 36 28.20 -7.89 -57.04
N LEU D 37 27.26 -7.70 -56.11
CA LEU D 37 27.02 -8.62 -54.99
C LEU D 37 28.24 -8.74 -54.09
N ARG D 38 29.39 -9.13 -54.62
CA ARG D 38 30.49 -9.17 -53.66
C ARG D 38 31.03 -7.77 -53.37
N PRO D 39 31.19 -6.89 -54.36
CA PRO D 39 31.41 -5.48 -54.01
C PRO D 39 30.32 -4.93 -53.09
N VAL D 40 29.06 -5.33 -53.32
CA VAL D 40 27.99 -4.90 -52.44
C VAL D 40 28.20 -5.48 -51.04
N ALA D 41 28.88 -6.64 -50.95
CA ALA D 41 29.18 -7.22 -49.66
C ALA D 41 30.43 -6.62 -49.03
N VAL D 42 31.33 -6.03 -49.82
CA VAL D 42 32.46 -5.36 -49.19
C VAL D 42 32.01 -4.03 -48.58
N ALA D 43 31.05 -3.35 -49.21
CA ALA D 43 30.44 -2.18 -48.62
C ALA D 43 29.72 -2.53 -47.33
N TRP D 44 29.04 -3.67 -47.33
CA TRP D 44 28.38 -4.17 -46.13
C TRP D 44 29.37 -4.40 -44.99
N ARG D 45 30.48 -5.07 -45.29
CA ARG D 45 31.41 -5.44 -44.23
C ARG D 45 32.18 -4.24 -43.69
N ASP D 46 32.26 -3.15 -44.45
CA ASP D 46 33.03 -1.99 -44.01
C ASP D 46 32.17 -0.83 -43.53
N TYR D 47 30.86 -0.84 -43.80
CA TYR D 47 30.05 0.34 -43.51
C TYR D 47 28.82 0.11 -42.63
N VAL D 48 28.33 -1.12 -42.46
CA VAL D 48 27.21 -1.38 -41.56
C VAL D 48 27.77 -2.06 -40.31
N PRO D 49 27.53 -1.52 -39.12
CA PRO D 49 28.22 -2.01 -37.91
C PRO D 49 27.68 -3.34 -37.44
N GLN D 50 28.54 -4.06 -36.72
CA GLN D 50 28.21 -5.44 -36.34
C GLN D 50 26.87 -5.57 -35.64
N PRO D 51 26.48 -4.70 -34.68
CA PRO D 51 25.11 -4.82 -34.13
C PRO D 51 24.01 -4.77 -35.17
N ALA D 52 24.09 -3.87 -36.16
CA ALA D 52 23.08 -3.88 -37.21
C ALA D 52 23.15 -5.15 -38.05
N ARG D 53 24.33 -5.77 -38.17
CA ARG D 53 24.40 -7.04 -38.86
C ARG D 53 23.75 -8.16 -38.04
N ASN D 54 24.01 -8.21 -36.73
CA ASN D 54 23.38 -9.23 -35.92
C ASN D 54 21.87 -9.02 -35.84
N GLY D 55 21.43 -7.77 -35.82
CA GLY D 55 20.01 -7.48 -35.71
C GLY D 55 19.22 -7.80 -36.96
N LEU D 56 19.81 -7.55 -38.12
CA LEU D 56 19.12 -7.91 -39.36
C LEU D 56 19.07 -9.42 -39.50
N SER D 57 20.16 -10.11 -39.16
CA SER D 57 20.23 -11.55 -39.34
C SER D 57 19.18 -12.23 -38.48
N ASN D 58 19.05 -11.77 -37.22
CA ASN D 58 18.02 -12.31 -36.36
C ASN D 58 16.63 -11.89 -36.81
N PHE D 59 16.46 -10.66 -37.30
CA PHE D 59 15.11 -10.21 -37.63
C PHE D 59 14.52 -11.05 -38.77
N THR D 60 15.34 -11.38 -39.76
CA THR D 60 14.84 -12.13 -40.90
C THR D 60 14.65 -13.60 -40.53
N SER D 61 15.65 -14.17 -39.87
CA SER D 61 15.59 -15.52 -39.33
C SER D 61 14.29 -15.74 -38.58
N ASN D 62 13.88 -14.73 -37.83
CA ASN D 62 12.71 -14.84 -36.99
C ASN D 62 11.43 -15.01 -37.78
N LEU D 63 11.35 -14.47 -39.00
CA LEU D 63 10.11 -14.66 -39.74
C LEU D 63 9.91 -16.08 -40.22
N GLU D 64 10.94 -16.92 -40.19
CA GLU D 64 10.80 -18.30 -40.59
C GLU D 64 10.55 -19.25 -39.42
N GLU D 65 10.69 -18.76 -38.19
CA GLU D 65 10.67 -19.68 -37.06
C GLU D 65 9.26 -20.21 -36.79
N PRO D 66 8.17 -19.48 -37.08
CA PRO D 66 6.84 -20.12 -37.05
C PRO D 66 6.68 -21.26 -38.04
N ALA D 67 7.28 -21.15 -39.23
CA ALA D 67 7.20 -22.25 -40.18
C ALA D 67 8.11 -23.40 -39.76
N VAL D 68 9.28 -23.09 -39.19
CA VAL D 68 10.12 -24.17 -38.67
C VAL D 68 9.34 -24.98 -37.64
N MET D 69 8.53 -24.30 -36.83
CA MET D 69 7.71 -24.99 -35.84
C MET D 69 6.70 -25.90 -36.51
N VAL D 70 5.87 -25.35 -37.42
CA VAL D 70 4.81 -26.11 -38.09
C VAL D 70 5.39 -27.31 -38.82
N ASN D 71 6.65 -27.23 -39.22
CA ASN D 71 7.27 -28.33 -39.93
C ASN D 71 7.97 -29.31 -39.00
N TYR D 72 8.43 -28.88 -37.82
CA TYR D 72 8.92 -29.87 -36.86
C TYR D 72 7.78 -30.74 -36.32
N PHE D 73 6.58 -30.18 -36.21
CA PHE D 73 5.40 -30.98 -35.89
C PHE D 73 5.17 -32.06 -36.93
N LEU D 74 5.19 -31.67 -38.22
CA LEU D 74 4.92 -32.65 -39.27
C LEU D 74 5.98 -33.74 -39.37
N GLN D 75 7.18 -33.47 -38.93
CA GLN D 75 8.26 -34.46 -38.96
C GLN D 75 8.29 -35.30 -37.67
N GLY D 76 7.24 -35.17 -36.85
CA GLY D 76 6.98 -35.97 -35.68
C GLY D 76 7.48 -35.43 -34.36
N ASP D 77 8.33 -34.39 -34.35
CA ASP D 77 9.01 -34.01 -33.10
C ASP D 77 8.42 -32.70 -32.59
N PRO D 78 7.41 -32.73 -31.74
CA PRO D 78 6.76 -31.50 -31.33
C PRO D 78 7.54 -30.77 -30.26
N TYR D 79 8.58 -31.42 -29.72
CA TYR D 79 9.47 -30.74 -28.79
C TYR D 79 10.24 -29.64 -29.50
N LYS D 80 11.03 -29.99 -30.53
CA LYS D 80 11.70 -28.90 -31.26
C LYS D 80 10.69 -27.96 -31.91
N GLY D 81 9.50 -28.45 -32.25
CA GLY D 81 8.43 -27.55 -32.65
C GLY D 81 8.19 -26.43 -31.67
N MET D 82 8.24 -26.73 -30.37
CA MET D 82 8.03 -25.63 -29.45
C MET D 82 9.32 -24.93 -29.02
N VAL D 83 10.48 -25.51 -29.26
CA VAL D 83 11.69 -24.71 -29.19
C VAL D 83 11.59 -23.54 -30.16
N HIS D 84 11.09 -23.77 -31.37
CA HIS D 84 10.99 -22.68 -32.34
C HIS D 84 9.73 -21.86 -32.17
N PHE D 85 8.71 -22.38 -31.51
CA PHE D 85 7.66 -21.52 -31.02
C PHE D 85 8.21 -20.55 -29.98
N THR D 86 8.97 -21.08 -29.02
CA THR D 86 9.48 -20.21 -27.97
C THR D 86 10.43 -19.17 -28.56
N ARG D 87 11.24 -19.58 -29.54
CA ARG D 87 12.14 -18.64 -30.18
C ARG D 87 11.37 -17.52 -30.85
N PHE D 88 10.33 -17.86 -31.61
CA PHE D 88 9.52 -16.82 -32.24
C PHE D 88 8.89 -15.88 -31.23
N PHE D 89 8.42 -16.44 -30.11
CA PHE D 89 7.56 -15.69 -29.20
C PHE D 89 8.35 -14.75 -28.30
N LEU D 90 9.37 -15.27 -27.61
CA LEU D 90 10.22 -14.38 -26.84
C LEU D 90 10.82 -13.31 -27.74
N ASN D 91 11.27 -13.71 -28.94
CA ASN D 91 11.98 -12.78 -29.80
C ASN D 91 11.03 -11.81 -30.52
N THR D 92 9.80 -12.20 -30.82
CA THR D 92 8.90 -11.24 -31.45
C THR D 92 8.39 -10.22 -30.43
N ILE D 93 7.98 -10.70 -29.25
CA ILE D 93 7.26 -9.84 -28.33
C ILE D 93 8.20 -9.10 -27.39
N LEU D 94 9.33 -9.69 -27.03
CA LEU D 94 10.30 -9.06 -26.15
C LEU D 94 11.60 -8.65 -26.84
N GLY D 95 12.00 -9.30 -27.93
CA GLY D 95 13.22 -8.93 -28.61
C GLY D 95 13.05 -7.97 -29.78
N MET D 96 11.99 -7.16 -29.75
CA MET D 96 11.79 -6.06 -30.67
C MET D 96 11.56 -6.57 -32.09
N GLY D 97 10.48 -7.33 -32.27
CA GLY D 97 10.12 -7.92 -33.55
C GLY D 97 11.12 -8.90 -34.11
N GLY D 98 11.96 -9.48 -33.25
CA GLY D 98 12.97 -10.43 -33.67
C GLY D 98 14.39 -9.86 -33.70
N LEU D 99 14.53 -8.54 -33.47
CA LEU D 99 15.82 -7.89 -33.59
C LEU D 99 16.81 -8.41 -32.56
N ILE D 100 16.33 -8.68 -31.33
CA ILE D 100 17.18 -9.21 -30.26
C ILE D 100 16.87 -10.69 -30.09
N ASP D 101 17.91 -11.52 -29.94
CA ASP D 101 17.71 -12.96 -29.70
C ASP D 101 17.63 -13.15 -28.19
N VAL D 102 16.44 -12.87 -27.66
CA VAL D 102 16.16 -13.06 -26.25
C VAL D 102 16.14 -14.55 -25.90
N ALA D 103 15.39 -15.34 -26.68
CA ALA D 103 15.32 -16.77 -26.43
C ALA D 103 16.73 -17.37 -26.31
N GLY D 104 17.64 -16.94 -27.18
CA GLY D 104 18.99 -17.48 -27.12
C GLY D 104 19.67 -17.11 -25.83
N MET D 105 19.37 -15.94 -25.31
CA MET D 105 19.92 -15.51 -24.04
C MET D 105 19.21 -16.23 -22.89
N ALA D 106 17.97 -16.66 -23.10
CA ALA D 106 17.20 -17.26 -22.03
C ALA D 106 17.61 -18.69 -21.72
N ASN D 107 18.07 -19.45 -22.72
CA ASN D 107 18.30 -20.88 -22.47
C ASN D 107 18.99 -21.54 -23.64
N PRO D 108 20.00 -22.37 -23.38
CA PRO D 108 20.55 -23.16 -24.50
C PRO D 108 19.59 -23.98 -25.36
N GLN D 109 18.50 -24.61 -24.91
CA GLN D 109 17.89 -25.34 -26.03
C GLN D 109 16.98 -24.34 -26.82
N LEU D 110 17.20 -23.02 -26.71
CA LEU D 110 16.49 -22.07 -27.56
C LEU D 110 17.43 -21.30 -28.49
N GLN D 111 18.69 -21.73 -28.60
CA GLN D 111 19.61 -21.08 -29.53
C GLN D 111 19.07 -21.13 -30.94
N ARG D 112 19.44 -20.12 -31.73
CA ARG D 112 19.02 -20.11 -33.12
C ARG D 112 19.74 -21.22 -33.90
N VAL D 113 19.00 -21.90 -34.76
CA VAL D 113 19.52 -22.99 -35.57
C VAL D 113 18.95 -22.82 -36.96
N GLU D 114 19.53 -23.57 -37.91
CA GLU D 114 19.19 -23.38 -39.31
C GLU D 114 17.77 -23.89 -39.60
N PRO D 115 17.00 -23.19 -40.44
CA PRO D 115 15.57 -23.54 -40.56
C PRO D 115 15.37 -24.94 -41.12
N HIS D 116 14.39 -25.62 -40.55
CA HIS D 116 13.86 -26.88 -41.07
C HIS D 116 12.46 -26.51 -41.55
N ARG D 117 12.26 -26.51 -42.86
CA ARG D 117 10.99 -26.08 -43.42
C ARG D 117 10.43 -27.14 -44.35
N PHE D 118 9.56 -26.73 -45.29
CA PHE D 118 8.71 -27.76 -45.91
C PHE D 118 9.50 -28.72 -46.77
N GLY D 119 10.59 -28.25 -47.38
CA GLY D 119 11.52 -29.15 -48.02
C GLY D 119 12.07 -30.20 -47.09
N SER D 120 12.45 -29.80 -45.87
CA SER D 120 12.92 -30.76 -44.86
C SER D 120 11.88 -31.84 -44.59
N THR D 121 10.63 -31.44 -44.36
CA THR D 121 9.63 -32.44 -44.02
C THR D 121 9.41 -33.37 -45.20
N LEU D 122 9.41 -32.80 -46.40
CA LEU D 122 9.37 -33.57 -47.63
C LEU D 122 10.58 -34.52 -47.72
N GLY D 123 11.78 -34.01 -47.47
CA GLY D 123 12.95 -34.87 -47.47
C GLY D 123 12.95 -35.89 -46.33
N HIS D 124 12.39 -35.54 -45.17
CA HIS D 124 12.37 -36.45 -44.04
C HIS D 124 11.35 -37.57 -44.25
N TYR D 125 10.33 -37.34 -45.08
CA TYR D 125 9.36 -38.37 -45.48
C TYR D 125 9.77 -39.00 -46.79
N GLY D 126 11.04 -38.85 -47.17
CA GLY D 126 11.68 -39.61 -48.22
C GLY D 126 11.46 -39.13 -49.63
N VAL D 127 10.97 -37.91 -49.82
CA VAL D 127 10.73 -37.42 -51.17
C VAL D 127 12.07 -36.96 -51.76
N GLY D 128 12.33 -37.33 -53.00
CA GLY D 128 13.57 -36.98 -53.65
C GLY D 128 13.65 -35.53 -54.14
N TYR D 129 14.89 -35.06 -54.29
CA TYR D 129 15.11 -33.72 -54.79
C TYR D 129 14.67 -33.63 -56.24
N GLY D 130 14.68 -32.42 -56.79
CA GLY D 130 14.47 -32.29 -58.21
C GLY D 130 15.71 -32.80 -58.94
N PRO D 131 15.97 -32.29 -60.13
CA PRO D 131 17.25 -32.62 -60.77
C PRO D 131 18.35 -31.94 -59.97
N TYR D 132 18.68 -30.73 -60.40
CA TYR D 132 19.53 -29.78 -59.70
C TYR D 132 19.67 -28.62 -60.66
N VAL D 133 18.90 -27.59 -60.49
CA VAL D 133 19.09 -26.44 -61.37
C VAL D 133 20.11 -25.50 -60.74
N GLN D 134 20.83 -24.77 -61.57
CA GLN D 134 21.64 -23.63 -61.10
C GLN D 134 21.11 -22.41 -61.83
N LEU D 135 20.70 -21.42 -61.09
CA LEU D 135 20.00 -20.33 -61.73
C LEU D 135 20.84 -19.06 -61.81
N PRO D 136 20.60 -18.22 -62.82
CA PRO D 136 21.31 -16.93 -62.91
C PRO D 136 20.79 -15.98 -61.84
N PHE D 137 21.71 -15.35 -61.11
CA PHE D 137 21.45 -14.37 -60.05
C PHE D 137 20.97 -15.02 -58.76
N TYR D 138 20.37 -16.22 -58.85
CA TYR D 138 19.84 -16.95 -57.69
C TYR D 138 20.89 -17.86 -57.03
N GLY D 139 21.32 -18.91 -57.74
CA GLY D 139 22.36 -19.79 -57.24
C GLY D 139 22.20 -21.29 -57.30
N SER D 140 21.17 -21.83 -56.67
CA SER D 140 20.93 -23.28 -56.62
C SER D 140 19.48 -23.47 -56.24
N PHE D 141 18.78 -24.29 -57.02
CA PHE D 141 17.35 -24.46 -56.83
C PHE D 141 17.03 -25.93 -57.11
N THR D 142 16.63 -26.63 -56.06
CA THR D 142 16.06 -27.95 -56.15
C THR D 142 14.55 -27.80 -56.13
N LEU D 143 13.85 -28.68 -56.84
CA LEU D 143 12.40 -28.61 -56.81
C LEU D 143 11.82 -28.90 -55.41
N ARG D 144 12.52 -29.69 -54.59
CA ARG D 144 11.97 -30.10 -53.30
C ARG D 144 12.21 -29.07 -52.19
N ASP D 145 13.43 -28.54 -52.06
CA ASP D 145 13.71 -27.65 -50.95
C ASP D 145 13.41 -26.20 -51.28
N GLU D 146 14.23 -25.56 -52.12
CA GLU D 146 13.90 -24.24 -52.64
C GLU D 146 12.60 -24.34 -53.42
N GLY D 147 11.61 -23.55 -53.08
CA GLY D 147 10.41 -23.79 -53.87
C GLY D 147 9.43 -24.77 -53.26
N GLY D 148 9.90 -25.94 -52.82
CA GLY D 148 9.10 -26.72 -51.88
C GLY D 148 8.91 -25.95 -50.58
N ASP D 149 10.00 -25.28 -50.13
CA ASP D 149 9.91 -24.36 -49.01
C ASP D 149 8.87 -23.28 -49.23
N MET D 150 8.56 -22.96 -50.50
CA MET D 150 7.56 -21.94 -50.75
C MET D 150 6.22 -22.31 -50.15
N ALA D 151 5.98 -23.59 -49.87
CA ALA D 151 4.73 -23.97 -49.23
C ALA D 151 4.57 -23.25 -47.90
N ASP D 152 5.65 -22.81 -47.29
CA ASP D 152 5.54 -22.10 -46.03
C ASP D 152 5.15 -20.65 -46.22
N GLY D 153 4.90 -20.21 -47.44
CA GLY D 153 4.33 -18.90 -47.70
C GLY D 153 2.83 -18.97 -47.85
N LEU D 154 2.21 -20.06 -47.41
CA LEU D 154 0.76 -20.13 -47.43
C LEU D 154 0.15 -19.80 -46.09
N TYR D 155 0.89 -19.98 -45.01
CA TYR D 155 0.44 -19.70 -43.66
C TYR D 155 1.24 -18.56 -43.06
N PRO D 156 0.73 -17.93 -41.99
CA PRO D 156 1.25 -16.65 -41.55
C PRO D 156 2.69 -16.66 -41.08
N VAL D 157 3.17 -15.42 -40.98
CA VAL D 157 4.47 -14.75 -41.07
C VAL D 157 4.91 -14.61 -42.53
N LEU D 158 5.14 -15.70 -43.27
CA LEU D 158 5.68 -15.43 -44.59
C LEU D 158 4.60 -15.17 -45.63
N SER D 159 3.34 -15.47 -45.32
CA SER D 159 2.26 -15.05 -46.19
C SER D 159 1.95 -13.58 -46.02
N TRP D 160 2.55 -12.94 -45.01
CA TRP D 160 2.37 -11.52 -44.78
C TRP D 160 3.32 -10.69 -45.62
N LEU D 161 4.36 -11.30 -46.19
CA LEU D 161 5.30 -10.55 -47.00
C LEU D 161 4.68 -10.35 -48.37
N THR D 162 4.63 -9.12 -48.83
CA THR D 162 4.46 -8.85 -50.25
C THR D 162 5.65 -9.40 -51.02
N TRP D 163 5.49 -9.55 -52.33
CA TRP D 163 6.61 -10.00 -53.14
C TRP D 163 7.80 -9.05 -53.09
N PRO D 164 7.64 -7.72 -53.04
CA PRO D 164 8.80 -6.86 -52.74
C PRO D 164 9.54 -7.21 -51.46
N MET D 165 8.81 -7.41 -50.37
CA MET D 165 9.46 -7.68 -49.10
C MET D 165 10.24 -8.99 -49.15
N SER D 166 9.70 -10.01 -49.83
CA SER D 166 10.35 -11.31 -49.84
C SER D 166 11.73 -11.25 -50.45
N ILE D 167 11.91 -10.39 -51.45
CA ILE D 167 13.23 -10.19 -52.07
C ILE D 167 14.13 -9.32 -51.21
N GLY D 168 13.56 -8.29 -50.56
CA GLY D 168 14.37 -7.55 -49.61
C GLY D 168 14.98 -8.51 -48.60
N LYS D 169 14.13 -9.36 -48.00
CA LYS D 169 14.62 -10.38 -47.09
C LYS D 169 15.65 -11.25 -47.78
N TRP D 170 15.28 -11.76 -48.97
CA TRP D 170 16.20 -12.51 -49.82
C TRP D 170 17.54 -11.80 -49.97
N ALA D 171 17.51 -10.49 -50.26
CA ALA D 171 18.74 -9.77 -50.56
C ALA D 171 19.63 -9.63 -49.33
N VAL D 172 19.11 -9.01 -48.28
CA VAL D 172 19.92 -8.77 -47.08
C VAL D 172 20.46 -10.08 -46.50
N GLU D 173 19.65 -11.15 -46.57
CA GLU D 173 20.18 -12.45 -46.17
C GLU D 173 21.34 -12.84 -47.09
N GLY D 174 21.16 -12.65 -48.40
CA GLY D 174 22.21 -12.99 -49.33
C GLY D 174 23.48 -12.19 -49.13
N ILE D 175 23.35 -10.87 -49.02
CA ILE D 175 24.55 -10.02 -48.91
C ILE D 175 25.27 -10.32 -47.61
N GLU D 176 24.51 -10.65 -46.58
CA GLU D 176 25.14 -11.03 -45.33
C GLU D 176 25.87 -12.36 -45.48
N THR D 177 25.18 -13.36 -46.05
CA THR D 177 25.83 -14.64 -46.33
C THR D 177 27.09 -14.46 -47.16
N ARG D 178 27.01 -13.64 -48.21
CA ARG D 178 28.22 -13.35 -48.94
C ARG D 178 29.23 -12.63 -48.05
N ALA D 179 28.76 -11.65 -47.27
CA ALA D 179 29.68 -10.88 -46.42
C ALA D 179 30.45 -11.77 -45.45
N GLN D 180 29.77 -12.78 -44.89
CA GLN D 180 30.46 -13.68 -43.96
C GLN D 180 31.46 -14.55 -44.70
N LEU D 181 31.11 -15.03 -45.89
CA LEU D 181 32.02 -15.84 -46.70
C LEU D 181 33.18 -15.05 -47.29
N LEU D 182 33.24 -13.72 -47.09
CA LEU D 182 34.28 -12.93 -47.74
C LEU D 182 35.69 -13.38 -47.37
N ASP D 183 35.87 -13.97 -46.19
CA ASP D 183 37.20 -14.24 -45.68
C ASP D 183 37.72 -15.64 -46.01
N SER D 184 36.89 -16.48 -46.62
CA SER D 184 37.33 -17.78 -47.13
C SER D 184 37.17 -17.87 -48.63
N ASP D 185 36.87 -16.77 -49.31
CA ASP D 185 37.03 -16.69 -50.75
C ASP D 185 38.37 -17.30 -51.14
N GLY D 186 38.33 -18.27 -52.04
CA GLY D 186 39.51 -19.07 -52.30
C GLY D 186 39.12 -20.49 -52.05
N LEU D 187 39.85 -21.41 -52.66
CA LEU D 187 39.50 -22.82 -52.65
C LEU D 187 38.14 -23.09 -53.29
N LEU D 188 37.36 -22.04 -53.52
CA LEU D 188 36.44 -22.11 -54.63
C LEU D 188 37.12 -21.53 -55.87
N ARG D 189 38.08 -20.63 -55.67
CA ARG D 189 38.89 -20.06 -56.73
C ARG D 189 40.21 -20.77 -56.92
N GLN D 190 40.71 -21.47 -55.91
CA GLN D 190 41.91 -22.31 -56.07
C GLN D 190 41.53 -23.79 -56.10
N SER D 191 40.61 -24.15 -57.00
CA SER D 191 40.08 -25.50 -57.03
C SER D 191 39.83 -25.92 -58.47
N SER D 192 40.32 -27.11 -58.82
CA SER D 192 40.24 -27.65 -60.17
C SER D 192 38.86 -27.50 -60.81
N ASP D 193 37.81 -27.85 -60.08
CA ASP D 193 36.45 -27.75 -60.58
C ASP D 193 35.48 -27.26 -59.51
N PRO D 194 35.28 -25.94 -59.43
CA PRO D 194 34.43 -25.38 -58.38
C PRO D 194 32.94 -25.61 -58.60
N TYR D 195 32.53 -26.22 -59.70
CA TYR D 195 31.11 -26.54 -59.81
C TYR D 195 30.77 -27.83 -59.05
N ILE D 196 31.62 -28.85 -59.16
CA ILE D 196 31.34 -30.12 -58.47
C ILE D 196 31.42 -29.96 -56.95
N LEU D 197 32.39 -29.19 -56.43
CA LEU D 197 32.48 -28.93 -54.98
C LEU D 197 31.30 -28.09 -54.48
N MET D 198 30.96 -27.02 -55.19
CA MET D 198 29.87 -26.17 -54.75
C MET D 198 28.59 -26.97 -54.72
N ARG D 199 28.43 -27.88 -55.69
CA ARG D 199 27.25 -28.72 -55.76
C ARG D 199 27.28 -29.80 -54.68
N GLU D 200 28.46 -30.36 -54.40
CA GLU D 200 28.57 -31.35 -53.34
C GLU D 200 28.20 -30.74 -52.00
N ALA D 201 28.72 -29.53 -51.72
CA ALA D 201 28.31 -28.83 -50.51
C ALA D 201 26.79 -28.60 -50.49
N TYR D 202 26.20 -28.36 -51.65
CA TYR D 202 24.76 -28.15 -51.69
C TYR D 202 24.01 -29.33 -51.07
N PHE D 203 24.27 -30.53 -51.60
CA PHE D 203 23.47 -31.69 -51.21
C PHE D 203 23.81 -32.17 -49.80
N GLN D 204 25.03 -31.91 -49.33
CA GLN D 204 25.37 -32.30 -47.97
C GLN D 204 24.68 -31.40 -46.96
N ARG D 205 24.67 -30.09 -47.25
CA ARG D 205 23.94 -29.17 -46.38
C ARG D 205 22.44 -29.47 -46.43
N HIS D 206 21.91 -29.81 -47.60
CA HIS D 206 20.46 -29.93 -47.71
C HIS D 206 19.93 -31.28 -47.23
N ASP D 207 20.76 -32.34 -47.33
CA ASP D 207 20.40 -33.66 -46.79
C ASP D 207 20.47 -33.67 -45.27
N PHE D 208 21.38 -32.88 -44.70
CA PHE D 208 21.49 -32.76 -43.26
C PHE D 208 20.25 -32.10 -42.64
N ILE D 209 19.70 -31.07 -43.30
CA ILE D 209 18.52 -30.41 -42.74
C ILE D 209 17.27 -31.27 -42.93
N ALA D 210 17.20 -32.05 -44.02
CA ALA D 210 16.17 -33.07 -44.12
C ALA D 210 16.51 -34.29 -43.30
N ASN D 211 17.68 -34.27 -42.67
CA ASN D 211 18.04 -35.17 -41.59
C ASN D 211 18.14 -36.59 -42.08
N ARG E 13 -19.72 -44.65 58.36
CA ARG E 13 -19.56 -43.29 57.86
C ARG E 13 -20.88 -42.75 57.28
N SER E 14 -21.76 -42.27 58.18
CA SER E 14 -23.09 -41.76 57.87
C SER E 14 -23.97 -42.87 57.30
N ASP E 15 -24.31 -42.79 56.00
CA ASP E 15 -25.05 -43.82 55.25
C ASP E 15 -26.28 -44.41 55.96
N PRO E 16 -27.33 -43.61 56.19
CA PRO E 16 -28.58 -44.18 56.72
C PRO E 16 -29.31 -45.13 55.78
N LEU E 17 -29.14 -45.02 54.46
CA LEU E 17 -29.84 -45.92 53.54
C LEU E 17 -28.95 -47.02 53.01
N GLU E 18 -27.89 -47.37 53.74
CA GLU E 18 -26.93 -48.34 53.24
C GLU E 18 -27.61 -49.62 52.75
N GLY E 19 -28.62 -50.09 53.47
CA GLY E 19 -29.34 -51.28 53.03
C GLY E 19 -29.99 -51.12 51.66
N PHE E 20 -30.80 -50.06 51.49
CA PHE E 20 -31.36 -49.75 50.19
C PHE E 20 -30.26 -49.58 49.15
N ASN E 21 -29.23 -48.82 49.49
CA ASN E 21 -28.21 -48.47 48.51
C ASN E 21 -27.49 -49.71 48.00
N ARG E 22 -27.15 -50.63 48.91
CA ARG E 22 -26.33 -51.75 48.49
C ARG E 22 -27.08 -52.63 47.49
N THR E 23 -28.41 -52.71 47.63
CA THR E 23 -29.19 -53.50 46.67
C THR E 23 -29.36 -52.76 45.33
N MET E 24 -29.60 -51.44 45.33
CA MET E 24 -29.57 -50.74 44.05
C MET E 24 -28.19 -50.79 43.42
N PHE E 25 -27.14 -50.80 44.23
CA PHE E 25 -25.81 -50.81 43.66
C PHE E 25 -25.50 -52.16 43.03
N ASN E 26 -25.96 -53.25 43.66
CA ASN E 26 -25.77 -54.56 43.06
C ASN E 26 -26.59 -54.72 41.78
N PHE E 27 -27.74 -54.04 41.69
CA PHE E 27 -28.47 -54.00 40.42
C PHE E 27 -27.65 -53.27 39.37
N ASN E 28 -27.01 -52.16 39.76
CA ASN E 28 -26.17 -51.43 38.82
C ASN E 28 -24.89 -52.19 38.50
N PHE E 29 -24.35 -52.91 39.48
CA PHE E 29 -23.05 -53.54 39.25
C PHE E 29 -23.16 -54.79 38.40
N ASN E 30 -24.14 -55.67 38.64
CA ASN E 30 -24.16 -56.98 38.02
C ASN E 30 -25.34 -57.27 37.10
N VAL E 31 -26.21 -56.29 36.80
CA VAL E 31 -27.15 -56.51 35.70
C VAL E 31 -27.09 -55.31 34.76
N VAL E 32 -27.12 -54.09 35.29
CA VAL E 32 -27.11 -52.93 34.40
C VAL E 32 -25.75 -52.75 33.75
N ASP E 33 -24.66 -53.06 34.46
CA ASP E 33 -23.32 -52.84 33.89
C ASP E 33 -22.85 -53.94 32.93
N PRO E 34 -22.97 -55.22 33.25
CA PRO E 34 -22.46 -56.24 32.31
C PRO E 34 -23.37 -56.43 31.12
N TYR E 35 -24.67 -56.32 31.32
CA TYR E 35 -25.64 -56.65 30.27
C TYR E 35 -25.95 -55.47 29.37
N VAL E 36 -25.89 -54.24 29.88
CA VAL E 36 -25.96 -53.07 29.01
C VAL E 36 -24.82 -52.16 29.48
N LEU E 37 -24.76 -50.94 28.95
CA LEU E 37 -23.74 -49.98 29.37
C LEU E 37 -22.28 -50.37 29.11
N ARG E 38 -21.81 -51.51 29.64
CA ARG E 38 -20.41 -51.78 29.35
C ARG E 38 -20.22 -52.37 27.95
N PRO E 39 -21.11 -53.25 27.48
CA PRO E 39 -21.10 -53.54 26.05
C PRO E 39 -21.23 -52.29 25.17
N VAL E 40 -22.07 -51.33 25.55
CA VAL E 40 -22.17 -50.09 24.76
C VAL E 40 -20.88 -49.30 24.82
N ALA E 41 -20.14 -49.39 25.93
CA ALA E 41 -18.88 -48.67 26.03
C ALA E 41 -17.73 -49.40 25.35
N VAL E 42 -17.83 -50.72 25.18
CA VAL E 42 -16.80 -51.40 24.42
C VAL E 42 -17.01 -51.16 22.92
N ALA E 43 -18.27 -51.03 22.48
CA ALA E 43 -18.54 -50.66 21.10
C ALA E 43 -18.05 -49.26 20.79
N TRP E 44 -18.27 -48.33 21.72
CA TRP E 44 -17.81 -46.95 21.60
C TRP E 44 -16.31 -46.88 21.35
N ARG E 45 -15.54 -47.65 22.11
CA ARG E 45 -14.08 -47.61 22.05
C ARG E 45 -13.51 -48.21 20.77
N ASP E 46 -14.24 -49.09 20.08
CA ASP E 46 -13.70 -49.73 18.91
C ASP E 46 -14.28 -49.25 17.59
N TYR E 47 -15.35 -48.45 17.59
CA TYR E 47 -16.05 -48.05 16.38
C TYR E 47 -16.19 -46.54 16.18
N VAL E 48 -16.00 -45.72 17.21
CA VAL E 48 -16.07 -44.27 17.07
C VAL E 48 -14.63 -43.73 17.14
N PRO E 49 -14.15 -43.03 16.10
CA PRO E 49 -12.73 -42.67 16.07
C PRO E 49 -12.42 -41.63 17.13
N GLN E 50 -11.16 -41.61 17.55
CA GLN E 50 -10.78 -40.77 18.69
C GLN E 50 -11.13 -39.30 18.51
N PRO E 51 -10.89 -38.65 17.36
CA PRO E 51 -11.31 -37.23 17.21
C PRO E 51 -12.79 -36.96 17.47
N ALA E 52 -13.71 -37.81 17.02
CA ALA E 52 -15.11 -37.55 17.37
C ALA E 52 -15.34 -37.66 18.89
N ARG E 53 -14.61 -38.55 19.57
CA ARG E 53 -14.75 -38.61 21.01
C ARG E 53 -14.21 -37.36 21.68
N ASN E 54 -13.10 -36.85 21.17
CA ASN E 54 -12.54 -35.64 21.73
C ASN E 54 -13.48 -34.47 21.52
N GLY E 55 -14.16 -34.42 20.37
CA GLY E 55 -15.09 -33.32 20.11
C GLY E 55 -16.38 -33.43 20.90
N LEU E 56 -16.90 -34.64 21.05
CA LEU E 56 -18.11 -34.77 21.84
C LEU E 56 -17.81 -34.47 23.31
N SER E 57 -16.64 -34.91 23.78
CA SER E 57 -16.26 -34.65 25.15
C SER E 57 -16.12 -33.16 25.39
N ASN E 58 -15.44 -32.48 24.46
CA ASN E 58 -15.24 -31.05 24.57
C ASN E 58 -16.55 -30.28 24.43
N PHE E 59 -17.43 -30.76 23.54
CA PHE E 59 -18.65 -29.99 23.27
C PHE E 59 -19.56 -29.91 24.49
N THR E 60 -19.79 -31.04 25.19
CA THR E 60 -20.75 -30.99 26.30
C THR E 60 -20.17 -30.28 27.50
N SER E 61 -18.91 -30.60 27.82
CA SER E 61 -18.19 -29.88 28.86
C SER E 61 -18.31 -28.37 28.68
N ASN E 62 -18.30 -27.91 27.43
CA ASN E 62 -18.34 -26.48 27.16
C ASN E 62 -19.63 -25.83 27.63
N LEU E 63 -20.77 -26.54 27.58
CA LEU E 63 -22.02 -25.93 28.02
C LEU E 63 -22.04 -25.70 29.53
N GLU E 64 -21.13 -26.34 30.26
CA GLU E 64 -21.14 -26.19 31.71
C GLU E 64 -20.24 -25.06 32.18
N GLU E 65 -19.47 -24.42 31.27
CA GLU E 65 -18.51 -23.41 31.69
C GLU E 65 -19.15 -22.07 32.04
N PRO E 66 -20.28 -21.68 31.42
CA PRO E 66 -21.03 -20.52 31.96
C PRO E 66 -21.53 -20.73 33.38
N ALA E 67 -21.95 -21.94 33.73
CA ALA E 67 -22.40 -22.19 35.10
C ALA E 67 -21.23 -22.29 36.07
N VAL E 68 -20.12 -22.91 35.67
CA VAL E 68 -18.93 -22.91 36.52
C VAL E 68 -18.51 -21.49 36.80
N MET E 69 -18.61 -20.63 35.78
CA MET E 69 -18.25 -19.22 35.94
C MET E 69 -19.12 -18.56 36.97
N VAL E 70 -20.45 -18.63 36.77
CA VAL E 70 -21.38 -17.95 37.68
C VAL E 70 -21.22 -18.48 39.11
N ASN E 71 -20.76 -19.73 39.25
CA ASN E 71 -20.62 -20.31 40.58
C ASN E 71 -19.27 -20.02 41.23
N TYR E 72 -18.23 -19.78 40.45
CA TYR E 72 -17.00 -19.28 41.04
C TYR E 72 -17.17 -17.85 41.53
N PHE E 73 -17.96 -17.05 40.80
CA PHE E 73 -18.35 -15.73 41.30
C PHE E 73 -19.09 -15.85 42.62
N LEU E 74 -20.00 -16.81 42.74
CA LEU E 74 -20.75 -16.97 43.98
C LEU E 74 -19.86 -17.43 45.11
N GLN E 75 -18.76 -18.12 44.80
CA GLN E 75 -17.86 -18.61 45.84
C GLN E 75 -16.74 -17.65 46.16
N GLY E 76 -16.83 -16.39 45.73
CA GLY E 76 -15.88 -15.42 46.18
C GLY E 76 -14.65 -15.32 45.34
N ASP E 77 -14.50 -16.20 44.36
CA ASP E 77 -13.28 -16.31 43.58
C ASP E 77 -13.59 -15.80 42.17
N PRO E 78 -13.44 -14.50 41.91
CA PRO E 78 -13.81 -13.99 40.58
C PRO E 78 -12.74 -14.22 39.55
N TYR E 79 -11.55 -14.63 39.98
CA TYR E 79 -10.46 -14.93 39.07
C TYR E 79 -10.77 -16.17 38.25
N LYS E 80 -10.91 -17.30 38.94
CA LYS E 80 -11.27 -18.52 38.24
C LYS E 80 -12.62 -18.41 37.60
N GLY E 81 -13.48 -17.52 38.09
CA GLY E 81 -14.69 -17.23 37.37
C GLY E 81 -14.41 -16.86 35.94
N MET E 82 -13.42 -16.02 35.72
CA MET E 82 -13.15 -15.62 34.36
C MET E 82 -12.17 -16.54 33.64
N VAL E 83 -11.46 -17.41 34.37
CA VAL E 83 -10.82 -18.52 33.66
C VAL E 83 -11.87 -19.29 32.87
N HIS E 84 -13.04 -19.50 33.48
CA HIS E 84 -14.08 -20.24 32.78
C HIS E 84 -14.91 -19.37 31.85
N PHE E 85 -14.88 -18.06 32.03
CA PHE E 85 -15.43 -17.22 30.98
C PHE E 85 -14.65 -17.38 29.68
N THR E 86 -13.32 -17.22 29.75
CA THR E 86 -12.55 -17.26 28.52
C THR E 86 -12.59 -18.65 27.89
N ARG E 87 -12.62 -19.71 28.69
CA ARG E 87 -12.73 -21.05 28.12
C ARG E 87 -13.99 -21.17 27.28
N PHE E 88 -15.14 -20.70 27.83
CA PHE E 88 -16.36 -20.72 27.04
C PHE E 88 -16.24 -19.82 25.82
N PHE E 89 -15.54 -18.70 25.95
CA PHE E 89 -15.52 -17.68 24.90
C PHE E 89 -14.64 -18.09 23.74
N LEU E 90 -13.40 -18.50 24.02
CA LEU E 90 -12.54 -19.02 22.94
C LEU E 90 -13.12 -20.27 22.30
N ASN E 91 -13.68 -21.18 23.10
CA ASN E 91 -14.10 -22.47 22.54
C ASN E 91 -15.45 -22.39 21.82
N THR E 92 -16.34 -21.51 22.24
CA THR E 92 -17.57 -21.36 21.46
C THR E 92 -17.29 -20.60 20.16
N ILE E 93 -16.50 -19.52 20.24
CA ILE E 93 -16.31 -18.61 19.11
C ILE E 93 -15.16 -19.02 18.21
N LEU E 94 -14.10 -19.62 18.74
CA LEU E 94 -13.00 -20.05 17.87
C LEU E 94 -12.86 -21.57 17.75
N GLY E 95 -13.28 -22.34 18.75
CA GLY E 95 -13.13 -23.78 18.69
C GLY E 95 -14.36 -24.48 18.17
N MET E 96 -15.11 -23.76 17.34
CA MET E 96 -16.22 -24.31 16.56
C MET E 96 -17.39 -24.72 17.45
N GLY E 97 -18.00 -23.79 18.17
CA GLY E 97 -19.14 -24.14 19.01
C GLY E 97 -18.85 -25.11 20.13
N GLY E 98 -17.59 -25.19 20.55
CA GLY E 98 -17.19 -26.06 21.64
C GLY E 98 -16.46 -27.32 21.21
N LEU E 99 -16.43 -27.64 19.90
CA LEU E 99 -15.82 -28.90 19.50
C LEU E 99 -14.33 -28.94 19.82
N ILE E 100 -13.59 -27.84 19.57
CA ILE E 100 -12.13 -27.81 19.75
C ILE E 100 -11.82 -27.04 21.02
N ASP E 101 -10.83 -27.52 21.79
CA ASP E 101 -10.45 -26.84 23.02
C ASP E 101 -9.34 -25.84 22.71
N VAL E 102 -9.75 -24.68 22.21
CA VAL E 102 -8.78 -23.65 21.88
C VAL E 102 -8.14 -23.07 23.14
N ALA E 103 -8.98 -22.64 24.10
CA ALA E 103 -8.46 -22.08 25.34
C ALA E 103 -7.45 -23.02 25.97
N GLY E 104 -7.70 -24.33 25.88
CA GLY E 104 -6.81 -25.30 26.48
C GLY E 104 -5.46 -25.32 25.80
N MET E 105 -5.44 -25.12 24.48
CA MET E 105 -4.18 -25.01 23.77
C MET E 105 -3.53 -23.66 23.98
N ALA E 106 -4.32 -22.63 24.28
CA ALA E 106 -3.78 -21.28 24.34
C ALA E 106 -2.95 -21.08 25.59
N ASN E 107 -3.29 -21.77 26.67
CA ASN E 107 -2.64 -21.47 27.93
C ASN E 107 -2.89 -22.57 28.95
N PRO E 108 -1.84 -23.05 29.61
CA PRO E 108 -2.04 -24.07 30.65
C PRO E 108 -3.08 -23.69 31.68
N GLN E 109 -3.23 -22.42 32.01
CA GLN E 109 -4.22 -22.24 33.04
C GLN E 109 -5.67 -22.16 32.60
N LEU E 110 -5.95 -22.51 31.36
CA LEU E 110 -7.33 -22.59 30.90
C LEU E 110 -7.66 -24.01 30.48
N GLN E 111 -6.78 -24.95 30.81
CA GLN E 111 -7.04 -26.37 30.58
C GLN E 111 -8.29 -26.82 31.33
N ARG E 112 -8.91 -27.89 30.84
CA ARG E 112 -10.14 -28.36 31.46
C ARG E 112 -9.93 -28.86 32.87
N VAL E 113 -10.95 -28.59 33.71
CA VAL E 113 -11.04 -28.98 35.11
C VAL E 113 -12.48 -29.41 35.31
N GLU E 114 -12.72 -30.11 36.42
CA GLU E 114 -14.04 -30.70 36.52
C GLU E 114 -15.06 -29.63 36.94
N PRO E 115 -16.32 -29.72 36.47
CA PRO E 115 -17.24 -28.59 36.70
C PRO E 115 -17.39 -28.37 38.18
N HIS E 116 -17.71 -27.13 38.57
CA HIS E 116 -18.05 -26.90 39.96
C HIS E 116 -19.54 -26.72 40.17
N ARG E 117 -20.13 -25.67 39.62
CA ARG E 117 -21.59 -25.53 39.71
C ARG E 117 -22.18 -25.47 41.13
N PHE E 118 -23.52 -25.56 41.23
CA PHE E 118 -24.20 -25.08 42.43
C PHE E 118 -24.09 -26.03 43.63
N GLY E 119 -23.96 -27.33 43.40
CA GLY E 119 -23.63 -28.21 44.51
C GLY E 119 -22.34 -27.79 45.18
N SER E 120 -21.31 -27.52 44.37
CA SER E 120 -20.02 -27.02 44.86
C SER E 120 -20.23 -25.80 45.75
N THR E 121 -21.09 -24.89 45.29
CA THR E 121 -21.32 -23.62 45.95
C THR E 121 -21.94 -23.83 47.33
N LEU E 122 -22.90 -24.75 47.42
CA LEU E 122 -23.46 -25.14 48.71
C LEU E 122 -22.39 -25.73 49.62
N GLY E 123 -21.60 -26.69 49.11
CA GLY E 123 -20.57 -27.31 49.92
C GLY E 123 -19.48 -26.37 50.39
N HIS E 124 -19.17 -25.36 49.59
CA HIS E 124 -18.17 -24.36 49.97
C HIS E 124 -18.68 -23.43 51.07
N TYR E 125 -20.00 -23.29 51.19
CA TYR E 125 -20.63 -22.53 52.26
C TYR E 125 -21.11 -23.41 53.40
N GLY E 126 -20.64 -24.66 53.47
CA GLY E 126 -20.81 -25.51 54.64
C GLY E 126 -22.12 -26.24 54.77
N VAL E 127 -22.84 -26.45 53.66
CA VAL E 127 -24.20 -27.01 53.72
C VAL E 127 -24.18 -28.49 54.05
N GLY E 128 -23.39 -29.27 53.34
CA GLY E 128 -23.40 -30.68 53.73
C GLY E 128 -24.41 -31.48 52.92
N TYR E 129 -24.02 -32.73 52.64
CA TYR E 129 -24.74 -33.59 51.73
C TYR E 129 -26.07 -34.01 52.32
N GLY E 130 -26.89 -34.63 51.48
CA GLY E 130 -28.05 -35.29 52.02
C GLY E 130 -27.56 -36.55 52.71
N PRO E 131 -28.34 -37.61 52.69
CA PRO E 131 -27.80 -38.90 53.14
C PRO E 131 -26.75 -39.40 52.16
N TYR E 132 -27.18 -40.25 51.24
CA TYR E 132 -26.37 -40.77 50.14
C TYR E 132 -27.18 -41.84 49.45
N VAL E 133 -27.89 -41.53 48.44
CA VAL E 133 -28.63 -42.54 47.72
C VAL E 133 -27.76 -43.14 46.62
N GLN E 134 -28.05 -44.39 46.28
CA GLN E 134 -27.60 -45.01 45.05
C GLN E 134 -28.84 -45.45 44.29
N LEU E 135 -28.97 -44.99 42.97
CA LEU E 135 -30.14 -45.10 42.12
C LEU E 135 -29.98 -46.22 41.10
N PRO E 136 -31.10 -46.80 40.64
CA PRO E 136 -31.04 -48.07 39.90
C PRO E 136 -30.33 -48.01 38.56
N PHE E 137 -30.37 -46.89 37.85
CA PHE E 137 -29.65 -46.73 36.60
C PHE E 137 -28.73 -45.52 36.64
N TYR E 138 -28.95 -44.62 37.58
CA TYR E 138 -28.16 -43.38 37.67
C TYR E 138 -26.82 -43.67 38.34
N GLY E 139 -26.86 -44.01 39.62
CA GLY E 139 -25.66 -44.32 40.36
C GLY E 139 -25.65 -43.48 41.62
N SER E 140 -24.48 -43.05 42.07
CA SER E 140 -24.39 -42.24 43.26
C SER E 140 -25.17 -40.94 43.09
N PHE E 141 -26.03 -40.63 44.05
CA PHE E 141 -26.83 -39.40 43.97
C PHE E 141 -26.97 -38.80 45.36
N THR E 142 -26.36 -37.64 45.56
CA THR E 142 -26.58 -36.79 46.71
C THR E 142 -27.55 -35.66 46.37
N LEU E 143 -28.34 -35.27 47.37
CA LEU E 143 -29.26 -34.14 47.22
C LEU E 143 -28.55 -32.80 47.06
N ARG E 144 -27.33 -32.64 47.58
CA ARG E 144 -26.72 -31.31 47.50
C ARG E 144 -26.09 -31.08 46.15
N ASP E 145 -25.33 -32.07 45.67
CA ASP E 145 -24.57 -31.97 44.39
C ASP E 145 -25.34 -32.40 43.15
N GLU E 146 -25.57 -33.71 42.99
CA GLU E 146 -26.42 -34.13 41.87
C GLU E 146 -27.78 -33.45 41.85
N GLY E 147 -28.31 -33.08 43.00
CA GLY E 147 -29.58 -32.44 43.06
C GLY E 147 -29.48 -30.92 42.95
N GLY E 148 -28.59 -30.32 43.74
CA GLY E 148 -28.30 -28.90 43.61
C GLY E 148 -27.76 -28.49 42.26
N ASP E 149 -26.93 -29.34 41.64
CA ASP E 149 -26.43 -29.05 40.29
C ASP E 149 -27.57 -28.68 39.34
N MET E 150 -28.77 -29.20 39.58
CA MET E 150 -29.89 -28.84 38.71
C MET E 150 -30.20 -27.34 38.76
N ALA E 151 -29.75 -26.63 39.79
CA ALA E 151 -29.96 -25.20 39.82
C ALA E 151 -29.34 -24.47 38.64
N ASP E 152 -28.31 -25.01 38.00
CA ASP E 152 -27.70 -24.30 36.88
C ASP E 152 -28.41 -24.54 35.56
N GLY E 153 -29.47 -25.33 35.53
CA GLY E 153 -30.27 -25.43 34.34
C GLY E 153 -31.39 -24.42 34.38
N LEU E 154 -31.26 -23.38 35.22
CA LEU E 154 -32.27 -22.33 35.29
C LEU E 154 -31.93 -21.09 34.46
N TYR E 155 -30.65 -20.83 34.20
CA TYR E 155 -30.17 -19.68 33.45
C TYR E 155 -29.41 -20.12 32.21
N PRO E 156 -29.26 -19.25 31.22
CA PRO E 156 -28.87 -19.68 29.89
C PRO E 156 -27.53 -20.40 29.82
N VAL E 157 -27.35 -20.99 28.63
CA VAL E 157 -26.56 -22.14 28.18
C VAL E 157 -27.40 -23.40 28.45
N LEU E 158 -27.62 -23.76 29.71
CA LEU E 158 -28.30 -25.01 30.06
C LEU E 158 -29.82 -24.88 30.16
N SER E 159 -30.39 -23.67 30.18
CA SER E 159 -31.84 -23.56 30.11
C SER E 159 -32.39 -23.71 28.69
N TRP E 160 -31.51 -23.72 27.69
CA TRP E 160 -31.86 -23.79 26.28
C TRP E 160 -32.14 -25.20 25.77
N LEU E 161 -31.83 -26.21 26.57
CA LEU E 161 -31.98 -27.62 26.17
C LEU E 161 -33.41 -28.12 26.34
N THR E 162 -33.88 -28.87 25.34
CA THR E 162 -35.06 -29.72 25.53
C THR E 162 -34.78 -30.60 26.74
N TRP E 163 -35.81 -31.14 27.38
CA TRP E 163 -35.40 -32.12 28.36
C TRP E 163 -34.80 -33.35 27.67
N PRO E 164 -35.22 -33.68 26.45
CA PRO E 164 -34.42 -34.64 25.65
C PRO E 164 -32.93 -34.33 25.56
N MET E 165 -32.52 -33.08 25.31
CA MET E 165 -31.08 -32.78 25.20
C MET E 165 -30.34 -33.03 26.52
N SER E 166 -30.94 -32.66 27.65
CA SER E 166 -30.25 -32.97 28.90
C SER E 166 -30.12 -34.48 29.08
N ILE E 167 -31.10 -35.25 28.60
CA ILE E 167 -30.97 -36.70 28.69
C ILE E 167 -29.90 -37.20 27.71
N GLY E 168 -29.88 -36.64 26.50
CA GLY E 168 -28.81 -36.96 25.57
C GLY E 168 -27.45 -36.70 26.16
N LYS E 169 -27.24 -35.49 26.68
CA LYS E 169 -25.94 -35.07 27.22
C LYS E 169 -25.47 -36.00 28.35
N TRP E 170 -26.35 -36.28 29.32
CA TRP E 170 -26.00 -37.23 30.38
C TRP E 170 -25.52 -38.53 29.76
N ALA E 171 -26.26 -39.00 28.76
CA ALA E 171 -25.96 -40.31 28.17
C ALA E 171 -24.58 -40.32 27.53
N VAL E 172 -24.31 -39.38 26.63
CA VAL E 172 -23.02 -39.35 25.93
C VAL E 172 -21.87 -39.25 26.94
N GLU E 173 -22.01 -38.37 27.96
CA GLU E 173 -20.96 -38.24 28.96
C GLU E 173 -20.77 -39.52 29.75
N GLY E 174 -21.88 -40.14 30.17
CA GLY E 174 -21.77 -41.39 30.90
C GLY E 174 -21.07 -42.47 30.10
N ILE E 175 -21.42 -42.60 28.81
CA ILE E 175 -20.79 -43.63 27.99
C ILE E 175 -19.31 -43.37 27.81
N GLU E 176 -18.91 -42.09 27.75
CA GLU E 176 -17.48 -41.84 27.52
C GLU E 176 -16.65 -42.22 28.75
N THR E 177 -17.04 -41.71 29.93
CA THR E 177 -16.38 -42.05 31.18
C THR E 177 -16.43 -43.56 31.41
N ARG E 178 -17.54 -44.18 31.05
CA ARG E 178 -17.62 -45.63 31.12
C ARG E 178 -16.55 -46.24 30.22
N ALA E 179 -16.42 -45.72 29.00
CA ALA E 179 -15.43 -46.24 28.06
C ALA E 179 -14.01 -46.08 28.61
N GLN E 180 -13.73 -44.96 29.26
CA GLN E 180 -12.38 -44.76 29.78
C GLN E 180 -12.07 -45.70 30.94
N LEU E 181 -13.05 -45.93 31.81
CA LEU E 181 -12.78 -46.83 32.93
C LEU E 181 -12.64 -48.28 32.52
N LEU E 182 -12.79 -48.59 31.22
CA LEU E 182 -12.84 -49.98 30.77
C LEU E 182 -11.58 -50.76 31.12
N ASP E 183 -10.43 -50.11 31.21
CA ASP E 183 -9.18 -50.82 31.47
C ASP E 183 -8.82 -50.84 32.95
N SER E 184 -9.61 -50.16 33.78
CA SER E 184 -9.53 -50.26 35.22
C SER E 184 -10.79 -50.90 35.78
N ASP E 185 -11.66 -51.41 34.90
CA ASP E 185 -12.74 -52.32 35.24
C ASP E 185 -12.30 -53.37 36.24
N GLY E 186 -11.32 -54.18 35.83
CA GLY E 186 -10.92 -55.37 36.53
C GLY E 186 -10.32 -55.17 37.90
N LEU E 187 -10.30 -53.94 38.44
CA LEU E 187 -9.66 -53.71 39.72
C LEU E 187 -10.59 -53.10 40.77
N LEU E 188 -11.81 -52.70 40.41
CA LEU E 188 -12.89 -52.62 41.39
C LEU E 188 -13.54 -53.98 41.57
N ARG E 189 -13.39 -54.87 40.59
CA ARG E 189 -13.97 -56.21 40.64
C ARG E 189 -13.10 -57.19 41.40
N GLN E 190 -11.80 -56.91 41.53
CA GLN E 190 -10.94 -57.75 42.35
C GLN E 190 -10.79 -57.14 43.72
N SER E 191 -11.95 -56.86 44.34
CA SER E 191 -11.99 -56.17 45.61
C SER E 191 -13.19 -56.61 46.44
N SER E 192 -12.90 -57.04 47.67
CA SER E 192 -13.94 -57.16 48.69
C SER E 192 -14.70 -55.85 48.82
N ASP E 193 -16.01 -55.96 49.04
CA ASP E 193 -16.90 -54.82 49.31
C ASP E 193 -16.75 -53.61 48.38
N PRO E 194 -17.24 -53.68 47.15
CA PRO E 194 -17.08 -52.57 46.21
C PRO E 194 -18.06 -51.42 46.38
N TYR E 195 -19.04 -51.51 47.27
CA TYR E 195 -19.91 -50.37 47.52
C TYR E 195 -19.20 -49.33 48.37
N ILE E 196 -18.40 -49.78 49.34
CA ILE E 196 -17.66 -48.87 50.21
C ILE E 196 -16.64 -48.08 49.40
N LEU E 197 -15.91 -48.76 48.50
CA LEU E 197 -14.97 -48.01 47.67
C LEU E 197 -15.68 -47.01 46.78
N MET E 198 -16.77 -47.45 46.13
CA MET E 198 -17.48 -46.54 45.24
C MET E 198 -18.01 -45.36 46.04
N ARG E 199 -18.43 -45.59 47.29
CA ARG E 199 -18.98 -44.51 48.10
C ARG E 199 -17.94 -43.55 48.62
N GLU E 200 -16.78 -44.05 49.08
CA GLU E 200 -15.75 -43.12 49.53
C GLU E 200 -15.23 -42.28 48.37
N ALA E 201 -15.03 -42.92 47.21
CA ALA E 201 -14.59 -42.18 46.05
C ALA E 201 -15.57 -41.07 45.71
N TYR E 202 -16.87 -41.33 45.81
CA TYR E 202 -17.86 -40.29 45.58
C TYR E 202 -17.61 -39.08 46.47
N PHE E 203 -17.55 -39.32 47.79
CA PHE E 203 -17.42 -38.25 48.76
C PHE E 203 -16.05 -37.58 48.73
N GLN E 204 -15.02 -38.27 48.23
CA GLN E 204 -13.74 -37.59 48.07
C GLN E 204 -13.72 -36.66 46.87
N ARG E 205 -14.30 -37.08 45.74
CA ARG E 205 -14.38 -36.14 44.63
C ARG E 205 -15.27 -34.98 44.96
N HIS E 206 -16.36 -35.23 45.65
CA HIS E 206 -17.37 -34.20 45.81
C HIS E 206 -17.02 -33.20 46.89
N ASP E 207 -16.29 -33.64 47.90
CA ASP E 207 -15.78 -32.71 48.90
C ASP E 207 -14.59 -31.95 48.37
N PHE E 208 -13.82 -32.55 47.45
CA PHE E 208 -12.71 -31.85 46.82
C PHE E 208 -13.19 -30.68 45.97
N ILE E 209 -14.31 -30.83 45.25
CA ILE E 209 -14.78 -29.72 44.41
C ILE E 209 -15.35 -28.59 45.27
N ALA E 210 -15.93 -28.91 46.43
CA ALA E 210 -16.36 -27.90 47.38
C ALA E 210 -15.22 -27.36 48.23
N ASN E 211 -14.15 -28.14 48.41
CA ASN E 211 -12.99 -27.81 49.27
C ASN E 211 -13.40 -27.73 50.75
N ARG F 13 44.25 57.97 20.11
CA ARG F 13 43.17 57.40 19.32
C ARG F 13 42.03 58.43 19.17
N SER F 14 42.29 59.51 18.43
CA SER F 14 41.29 60.54 18.22
C SER F 14 40.65 60.97 19.54
N ASP F 15 39.45 60.46 19.78
CA ASP F 15 38.63 60.69 20.96
C ASP F 15 38.49 62.19 21.20
N PRO F 16 37.81 62.90 20.30
CA PRO F 16 37.51 64.31 20.57
C PRO F 16 36.62 64.51 21.78
N LEU F 17 35.76 63.53 22.10
CA LEU F 17 34.86 63.64 23.24
C LEU F 17 35.31 62.80 24.43
N GLU F 18 36.60 62.51 24.54
CA GLU F 18 37.10 61.74 25.67
C GLU F 18 36.67 62.34 27.00
N GLY F 19 36.73 63.67 27.12
CA GLY F 19 36.27 64.32 28.33
C GLY F 19 34.80 64.03 28.59
N PHE F 20 33.96 64.27 27.58
CA PHE F 20 32.54 63.89 27.66
C PHE F 20 32.40 62.40 27.97
N ASN F 21 33.18 61.55 27.30
CA ASN F 21 32.99 60.11 27.40
C ASN F 21 33.26 59.58 28.80
N ARG F 22 34.38 59.97 29.41
CA ARG F 22 34.68 59.45 30.74
C ARG F 22 33.66 59.90 31.77
N THR F 23 32.98 61.02 31.50
CA THR F 23 31.92 61.46 32.39
C THR F 23 30.71 60.53 32.31
N MET F 24 30.31 60.14 31.09
CA MET F 24 29.21 59.17 30.99
C MET F 24 29.61 57.78 31.46
N PHE F 25 30.87 57.39 31.28
CA PHE F 25 31.25 56.04 31.67
C PHE F 25 31.19 55.88 33.18
N ASN F 26 31.64 56.90 33.90
CA ASN F 26 31.57 56.83 35.35
C ASN F 26 30.12 56.80 35.83
N PHE F 27 29.22 57.43 35.08
CA PHE F 27 27.82 57.27 35.38
C PHE F 27 27.34 55.85 35.10
N ASN F 28 27.81 55.25 33.98
CA ASN F 28 27.37 53.90 33.67
C ASN F 28 28.01 52.86 34.57
N PHE F 29 29.25 53.10 34.98
CA PHE F 29 30.02 52.09 35.71
C PHE F 29 29.58 51.99 37.17
N ASN F 30 29.43 53.14 37.87
CA ASN F 30 29.21 53.14 39.30
C ASN F 30 27.85 53.70 39.73
N VAL F 31 26.93 53.93 38.80
CA VAL F 31 25.58 54.23 39.24
C VAL F 31 24.60 53.30 38.54
N VAL F 32 24.65 53.24 37.22
CA VAL F 32 23.68 52.43 36.49
C VAL F 32 23.95 50.94 36.70
N ASP F 33 25.22 50.56 36.83
CA ASP F 33 25.53 49.14 36.94
C ASP F 33 25.31 48.63 38.38
N PRO F 34 25.79 49.30 39.43
CA PRO F 34 25.54 48.76 40.78
C PRO F 34 24.11 48.96 41.27
N TYR F 35 23.49 50.08 40.94
CA TYR F 35 22.17 50.43 41.49
C TYR F 35 21.02 49.84 40.69
N VAL F 36 21.18 49.68 39.38
CA VAL F 36 20.19 48.97 38.58
C VAL F 36 20.95 48.05 37.65
N LEU F 37 20.28 47.42 36.70
CA LEU F 37 20.92 46.55 35.73
C LEU F 37 21.66 45.35 36.32
N ARG F 38 22.62 45.56 37.24
CA ARG F 38 23.28 44.35 37.73
C ARG F 38 22.35 43.66 38.72
N PRO F 39 21.63 44.40 39.57
CA PRO F 39 20.49 43.75 40.23
C PRO F 39 19.51 43.12 39.25
N VAL F 40 19.23 43.79 38.12
CA VAL F 40 18.33 43.21 37.12
C VAL F 40 18.96 41.98 36.47
N ALA F 41 20.28 41.94 36.34
CA ALA F 41 20.89 40.77 35.72
C ALA F 41 21.05 39.61 36.69
N VAL F 42 21.16 39.88 38.01
CA VAL F 42 21.19 38.74 38.93
C VAL F 42 19.79 38.19 39.13
N ALA F 43 18.77 39.04 39.14
CA ALA F 43 17.40 38.55 39.17
C ALA F 43 17.12 37.69 37.93
N TRP F 44 17.63 38.12 36.77
CA TRP F 44 17.54 37.32 35.55
C TRP F 44 18.20 35.96 35.74
N ARG F 45 19.41 35.96 36.29
CA ARG F 45 20.14 34.71 36.44
C ARG F 45 19.58 33.87 37.58
N ASP F 46 18.81 34.46 38.49
CA ASP F 46 18.29 33.70 39.62
C ASP F 46 16.82 33.34 39.47
N TYR F 47 16.09 33.93 38.52
CA TYR F 47 14.65 33.72 38.43
C TYR F 47 14.15 33.24 37.07
N VAL F 48 14.92 33.35 35.99
CA VAL F 48 14.47 32.90 34.68
C VAL F 48 15.21 31.60 34.33
N PRO F 49 14.50 30.52 34.02
CA PRO F 49 15.17 29.23 33.83
C PRO F 49 15.98 29.25 32.55
N GLN F 50 17.07 28.50 32.55
CA GLN F 50 18.00 28.55 31.43
C GLN F 50 17.35 28.30 30.06
N PRO F 51 16.44 27.33 29.87
CA PRO F 51 15.74 27.22 28.57
C PRO F 51 15.03 28.50 28.11
N ALA F 52 14.29 29.20 28.98
CA ALA F 52 13.65 30.44 28.55
C ALA F 52 14.69 31.49 28.19
N ARG F 53 15.88 31.40 28.82
CA ARG F 53 16.99 32.27 28.46
C ARG F 53 17.53 31.89 27.09
N ASN F 54 17.70 30.59 26.82
CA ASN F 54 18.16 30.15 25.50
C ASN F 54 17.10 30.41 24.44
N GLY F 55 15.82 30.29 24.80
CA GLY F 55 14.79 30.53 23.82
C GLY F 55 14.67 32.00 23.47
N LEU F 56 14.82 32.87 24.47
CA LEU F 56 14.80 34.31 24.19
C LEU F 56 16.03 34.74 23.41
N SER F 57 17.21 34.25 23.78
CA SER F 57 18.44 34.64 23.10
C SER F 57 18.43 34.17 21.66
N ASN F 58 17.99 32.92 21.42
CA ASN F 58 17.89 32.41 20.06
C ASN F 58 16.86 33.18 19.28
N PHE F 59 15.74 33.53 19.90
CA PHE F 59 14.67 34.20 19.18
C PHE F 59 15.08 35.59 18.71
N THR F 60 15.79 36.36 19.56
CA THR F 60 16.16 37.71 19.13
C THR F 60 17.28 37.66 18.11
N SER F 61 18.30 36.82 18.37
CA SER F 61 19.38 36.58 17.42
C SER F 61 18.85 36.26 16.03
N ASN F 62 17.78 35.47 15.96
CA ASN F 62 17.22 35.04 14.68
C ASN F 62 16.69 36.23 13.90
N LEU F 63 16.20 37.28 14.57
CA LEU F 63 15.68 38.45 13.86
C LEU F 63 16.76 39.16 13.07
N GLU F 64 18.03 38.89 13.36
CA GLU F 64 19.16 39.52 12.70
C GLU F 64 19.79 38.70 11.59
N GLU F 65 19.41 37.42 11.43
CA GLU F 65 20.11 36.57 10.44
C GLU F 65 19.73 36.88 8.99
N PRO F 66 18.52 37.35 8.68
CA PRO F 66 18.30 37.89 7.31
C PRO F 66 19.21 39.05 7.00
N ALA F 67 19.49 39.90 7.99
CA ALA F 67 20.36 41.04 7.74
C ALA F 67 21.82 40.61 7.60
N VAL F 68 22.26 39.64 8.43
CA VAL F 68 23.62 39.13 8.31
C VAL F 68 23.87 38.57 6.91
N MET F 69 22.88 37.92 6.31
CA MET F 69 23.10 37.45 4.95
C MET F 69 23.17 38.62 3.99
N VAL F 70 22.20 39.55 4.06
CA VAL F 70 22.13 40.61 3.07
C VAL F 70 23.44 41.39 3.01
N ASN F 71 24.14 41.46 4.13
CA ASN F 71 25.41 42.19 4.17
C ASN F 71 26.61 41.32 3.86
N TYR F 72 26.54 40.01 4.11
CA TYR F 72 27.63 39.16 3.66
C TYR F 72 27.67 39.10 2.15
N PHE F 73 26.50 39.19 1.50
CA PHE F 73 26.46 39.37 0.06
C PHE F 73 27.13 40.67 -0.36
N LEU F 74 26.82 41.75 0.36
CA LEU F 74 27.39 43.04 0.03
C LEU F 74 28.89 43.07 0.24
N GLN F 75 29.44 42.19 1.07
CA GLN F 75 30.88 42.10 1.29
C GLN F 75 31.60 41.11 0.40
N GLY F 76 30.98 40.58 -0.64
CA GLY F 76 31.74 39.71 -1.51
C GLY F 76 31.70 38.24 -1.16
N ASP F 77 31.09 37.87 -0.05
CA ASP F 77 31.09 36.48 0.42
C ASP F 77 29.70 35.85 0.49
N PRO F 78 29.26 35.19 -0.59
CA PRO F 78 27.92 34.58 -0.54
C PRO F 78 27.89 33.20 0.11
N TYR F 79 29.04 32.60 0.43
CA TYR F 79 29.01 31.30 1.09
C TYR F 79 28.41 31.42 2.48
N LYS F 80 29.05 32.21 3.36
CA LYS F 80 28.47 32.49 4.66
C LYS F 80 27.18 33.30 4.53
N GLY F 81 26.99 34.00 3.40
CA GLY F 81 25.71 34.62 3.13
C GLY F 81 24.54 33.65 3.23
N MET F 82 24.66 32.45 2.63
CA MET F 82 23.58 31.48 2.80
C MET F 82 23.75 30.59 4.02
N VAL F 83 24.92 30.57 4.65
CA VAL F 83 25.02 29.99 5.99
C VAL F 83 24.03 30.68 6.91
N HIS F 84 23.93 31.99 6.80
CA HIS F 84 22.97 32.66 7.66
C HIS F 84 21.57 32.64 7.06
N PHE F 85 21.44 32.45 5.75
CA PHE F 85 20.13 32.11 5.22
C PHE F 85 19.64 30.77 5.79
N THR F 86 20.52 29.75 5.78
CA THR F 86 20.11 28.44 6.27
C THR F 86 19.74 28.53 7.73
N ARG F 87 20.47 29.34 8.49
CA ARG F 87 20.12 29.55 9.89
C ARG F 87 18.74 30.15 10.01
N PHE F 88 18.46 31.22 9.26
CA PHE F 88 17.16 31.85 9.40
C PHE F 88 16.04 30.89 9.01
N PHE F 89 16.26 30.10 7.96
CA PHE F 89 15.16 29.32 7.39
C PHE F 89 14.86 28.09 8.25
N LEU F 90 15.88 27.32 8.59
CA LEU F 90 15.68 26.20 9.49
C LEU F 90 15.11 26.66 10.83
N ASN F 91 15.65 27.74 11.41
CA ASN F 91 15.26 28.11 12.77
C ASN F 91 13.88 28.75 12.82
N THR F 92 13.48 29.49 11.78
CA THR F 92 12.14 30.07 11.78
C THR F 92 11.05 29.03 11.49
N ILE F 93 11.31 28.12 10.56
CA ILE F 93 10.25 27.22 10.13
C ILE F 93 10.18 25.98 11.00
N LEU F 94 11.32 25.50 11.52
CA LEU F 94 11.36 24.31 12.36
C LEU F 94 11.64 24.59 13.83
N GLY F 95 12.31 25.70 14.17
CA GLY F 95 12.63 26.04 15.54
C GLY F 95 11.66 26.98 16.23
N MET F 96 10.41 26.96 15.80
CA MET F 96 9.28 27.61 16.47
C MET F 96 9.45 29.12 16.42
N GLY F 97 9.52 29.69 15.22
CA GLY F 97 9.74 31.12 15.08
C GLY F 97 11.09 31.60 15.60
N GLY F 98 12.09 30.72 15.63
CA GLY F 98 13.42 31.07 16.05
C GLY F 98 13.82 30.63 17.44
N LEU F 99 12.86 30.12 18.25
CA LEU F 99 13.12 29.79 19.64
C LEU F 99 14.14 28.67 19.79
N ILE F 100 14.10 27.67 18.90
CA ILE F 100 14.98 26.50 18.94
C ILE F 100 16.06 26.68 17.89
N ASP F 101 17.32 26.36 18.23
CA ASP F 101 18.42 26.50 17.28
C ASP F 101 18.53 25.20 16.49
N VAL F 102 17.61 25.04 15.54
CA VAL F 102 17.60 23.82 14.74
C VAL F 102 18.82 23.76 13.85
N ALA F 103 19.12 24.84 13.12
CA ALA F 103 20.31 24.88 12.28
C ALA F 103 21.55 24.54 13.09
N GLY F 104 21.62 24.99 14.36
CA GLY F 104 22.82 24.79 15.15
C GLY F 104 23.10 23.34 15.48
N MET F 105 22.06 22.58 15.89
CA MET F 105 22.27 21.16 16.13
C MET F 105 22.34 20.33 14.86
N ALA F 106 21.83 20.87 13.74
CA ALA F 106 21.78 20.12 12.48
C ALA F 106 23.16 19.96 11.87
N ASN F 107 24.08 20.90 12.10
CA ASN F 107 25.38 20.87 11.44
C ASN F 107 26.35 21.83 12.12
N PRO F 108 27.58 21.39 12.39
CA PRO F 108 28.60 22.30 12.92
C PRO F 108 28.79 23.59 12.12
N GLN F 109 28.62 23.60 10.79
CA GLN F 109 28.86 24.86 10.09
C GLN F 109 27.68 25.84 10.16
N LEU F 110 26.61 25.55 10.90
CA LEU F 110 25.51 26.50 10.99
C LEU F 110 25.31 27.01 12.41
N GLN F 111 26.29 26.83 13.28
CA GLN F 111 26.22 27.34 14.65
C GLN F 111 25.99 28.83 14.65
N ARG F 112 25.32 29.31 15.69
CA ARG F 112 25.11 30.74 15.79
C ARG F 112 26.47 31.41 15.95
N VAL F 113 26.61 32.59 15.36
CA VAL F 113 27.81 33.40 15.48
C VAL F 113 27.34 34.86 15.58
N GLU F 114 28.26 35.78 16.04
CA GLU F 114 27.74 37.14 16.31
C GLU F 114 27.60 37.91 14.99
N PRO F 115 26.55 38.73 14.86
CA PRO F 115 26.19 39.26 13.54
C PRO F 115 27.26 40.11 12.91
N HIS F 116 27.32 40.05 11.58
CA HIS F 116 28.06 40.96 10.71
C HIS F 116 26.99 41.75 9.97
N ARG F 117 26.85 43.03 10.29
CA ARG F 117 25.82 43.84 9.66
C ARG F 117 26.39 45.06 8.95
N PHE F 118 25.57 46.09 8.73
CA PHE F 118 25.97 47.09 7.76
C PHE F 118 27.14 47.91 8.27
N GLY F 119 27.28 48.06 9.59
CA GLY F 119 28.51 48.61 10.11
C GLY F 119 29.72 47.79 9.67
N SER F 120 29.60 46.47 9.78
CA SER F 120 30.68 45.59 9.35
C SER F 120 31.07 45.82 7.91
N THR F 121 30.08 45.90 7.01
CA THR F 121 30.40 46.08 5.59
C THR F 121 30.93 47.48 5.32
N LEU F 122 30.36 48.51 5.98
CA LEU F 122 30.94 49.85 5.92
C LEU F 122 32.40 49.79 6.33
N GLY F 123 32.67 49.15 7.47
CA GLY F 123 34.03 48.95 7.92
C GLY F 123 34.87 48.05 7.04
N HIS F 124 34.24 47.07 6.39
CA HIS F 124 35.04 46.20 5.53
C HIS F 124 35.46 46.91 4.25
N TYR F 125 34.76 47.97 3.88
CA TYR F 125 35.17 48.84 2.79
C TYR F 125 35.90 50.09 3.29
N GLY F 126 36.27 50.12 4.58
CA GLY F 126 37.20 51.10 5.09
C GLY F 126 36.68 52.47 5.46
N VAL F 127 35.39 52.62 5.83
CA VAL F 127 34.78 53.94 5.91
C VAL F 127 35.36 54.74 7.09
N GLY F 128 35.38 54.16 8.27
CA GLY F 128 35.96 54.80 9.43
C GLY F 128 34.91 55.09 10.49
N TYR F 129 35.30 54.90 11.75
CA TYR F 129 34.34 54.95 12.86
C TYR F 129 33.79 56.34 13.10
N GLY F 130 34.67 57.33 13.18
CA GLY F 130 34.30 58.66 13.57
C GLY F 130 34.91 58.86 14.93
N PRO F 131 34.26 59.61 15.79
CA PRO F 131 34.75 59.76 17.16
C PRO F 131 34.70 58.47 17.97
N TYR F 132 33.96 58.54 19.07
CA TYR F 132 33.61 57.43 19.92
C TYR F 132 32.71 58.05 20.98
N VAL F 133 31.42 58.09 20.73
CA VAL F 133 30.53 58.67 21.73
C VAL F 133 30.38 57.62 22.81
N GLN F 134 30.13 58.07 24.04
CA GLN F 134 29.74 57.16 25.09
C GLN F 134 28.38 57.60 25.61
N LEU F 135 27.45 56.75 25.56
CA LEU F 135 26.21 57.35 25.98
C LEU F 135 25.83 56.90 27.38
N PRO F 136 25.11 57.74 28.12
CA PRO F 136 24.57 57.29 29.41
C PRO F 136 23.46 56.27 29.16
N PHE F 137 23.51 55.17 29.91
CA PHE F 137 22.56 54.05 29.83
C PHE F 137 22.78 53.18 28.60
N TYR F 138 23.34 53.71 27.52
CA TYR F 138 23.55 52.90 26.31
C TYR F 138 24.88 52.18 26.36
N GLY F 139 25.97 52.92 26.36
CA GLY F 139 27.29 52.34 26.46
C GLY F 139 28.21 52.90 25.40
N SER F 140 28.53 52.13 24.39
CA SER F 140 29.48 52.55 23.38
C SER F 140 28.74 52.82 22.09
N PHE F 141 28.97 53.98 21.48
CA PHE F 141 28.30 54.29 20.22
C PHE F 141 29.26 55.00 19.29
N THR F 142 29.60 54.32 18.22
CA THR F 142 30.20 54.85 17.00
C THR F 142 29.15 55.18 15.97
N LEU F 143 29.37 56.27 15.25
CA LEU F 143 28.48 56.60 14.13
C LEU F 143 28.56 55.57 13.00
N ARG F 144 29.65 54.81 12.91
CA ARG F 144 29.75 53.84 11.82
C ARG F 144 29.06 52.51 12.15
N ASP F 145 29.30 51.93 13.33
CA ASP F 145 28.74 50.60 13.58
C ASP F 145 27.37 50.65 14.23
N GLU F 146 27.27 51.05 15.50
CA GLU F 146 25.97 51.42 16.01
C GLU F 146 25.44 52.56 15.15
N GLY F 147 24.19 52.53 14.81
CA GLY F 147 23.76 53.60 13.89
C GLY F 147 23.99 53.31 12.41
N GLY F 148 25.21 52.92 12.03
CA GLY F 148 25.36 52.31 10.72
C GLY F 148 24.63 50.98 10.64
N ASP F 149 24.76 50.14 11.68
CA ASP F 149 23.95 48.94 11.73
C ASP F 149 22.46 49.26 11.62
N MET F 150 22.05 50.47 12.02
CA MET F 150 20.63 50.80 11.90
C MET F 150 20.13 50.74 10.46
N ALA F 151 21.00 50.83 9.45
CA ALA F 151 20.50 50.68 8.08
C ALA F 151 19.81 49.34 7.87
N ASP F 152 20.13 48.33 8.68
CA ASP F 152 19.51 47.03 8.49
C ASP F 152 18.11 46.97 9.04
N GLY F 153 17.63 48.09 9.59
CA GLY F 153 16.23 48.22 9.93
C GLY F 153 15.42 48.88 8.81
N LEU F 154 16.01 48.96 7.63
CA LEU F 154 15.26 49.41 6.45
C LEU F 154 14.74 48.27 5.59
N TYR F 155 15.32 47.08 5.68
CA TYR F 155 14.79 45.93 4.95
C TYR F 155 14.42 44.80 5.92
N PRO F 156 13.50 43.92 5.53
CA PRO F 156 13.04 42.88 6.48
C PRO F 156 14.18 41.94 6.85
N VAL F 157 14.01 41.17 7.94
CA VAL F 157 12.81 41.16 8.78
C VAL F 157 12.91 42.16 9.91
N LEU F 158 14.02 42.90 9.97
CA LEU F 158 14.26 43.78 11.10
C LEU F 158 13.50 45.08 11.00
N SER F 159 13.02 45.41 9.81
CA SER F 159 12.16 46.58 9.59
C SER F 159 10.73 46.31 10.04
N TRP F 160 10.43 45.07 10.41
CA TRP F 160 9.09 44.69 10.82
C TRP F 160 8.81 45.01 12.28
N LEU F 161 9.84 45.35 13.05
CA LEU F 161 9.63 45.60 14.48
C LEU F 161 9.06 46.99 14.69
N THR F 162 8.01 47.09 15.52
CA THR F 162 7.69 48.39 16.11
C THR F 162 8.90 48.87 16.90
N TRP F 163 8.94 50.17 17.18
CA TRP F 163 10.01 50.66 18.04
C TRP F 163 9.92 50.09 19.45
N PRO F 164 8.73 49.85 20.03
CA PRO F 164 8.69 49.05 21.26
C PRO F 164 9.41 47.72 21.12
N MET F 165 9.21 47.01 20.01
CA MET F 165 9.86 45.71 19.84
C MET F 165 11.37 45.87 19.77
N SER F 166 11.84 46.93 19.12
CA SER F 166 13.28 47.18 19.07
C SER F 166 13.85 47.44 20.46
N ILE F 167 13.07 48.09 21.33
CA ILE F 167 13.54 48.35 22.70
C ILE F 167 13.56 47.07 23.51
N GLY F 168 12.51 46.26 23.38
CA GLY F 168 12.51 44.97 24.04
C GLY F 168 13.73 44.14 23.70
N LYS F 169 13.99 43.99 22.39
CA LYS F 169 15.09 43.14 21.96
C LYS F 169 16.42 43.61 22.54
N TRP F 170 16.73 44.92 22.42
CA TRP F 170 17.91 45.50 23.05
C TRP F 170 17.93 45.25 24.57
N ALA F 171 16.78 45.41 25.23
CA ALA F 171 16.69 45.20 26.67
C ALA F 171 16.99 43.74 27.03
N VAL F 172 16.21 42.81 26.43
CA VAL F 172 16.39 41.38 26.74
C VAL F 172 17.82 40.93 26.43
N GLU F 173 18.36 41.34 25.27
CA GLU F 173 19.75 41.04 24.93
C GLU F 173 20.72 41.69 25.90
N GLY F 174 20.46 42.97 26.23
CA GLY F 174 21.32 43.66 27.18
C GLY F 174 21.34 43.01 28.54
N ILE F 175 20.16 42.66 29.07
CA ILE F 175 20.13 42.01 30.38
C ILE F 175 20.80 40.66 30.30
N GLU F 176 20.65 39.96 29.17
CA GLU F 176 21.28 38.64 29.07
C GLU F 176 22.79 38.79 29.00
N THR F 177 23.28 39.68 28.13
CA THR F 177 24.71 39.95 28.06
C THR F 177 25.27 40.36 29.42
N ARG F 178 24.56 41.21 30.16
CA ARG F 178 25.00 41.53 31.51
C ARG F 178 24.90 40.30 32.41
N ALA F 179 23.81 39.54 32.27
CA ALA F 179 23.66 38.33 33.08
C ALA F 179 24.83 37.38 32.86
N GLN F 180 25.28 37.23 31.61
CA GLN F 180 26.43 36.35 31.39
C GLN F 180 27.71 36.98 31.90
N LEU F 181 27.88 38.30 31.73
CA LEU F 181 29.05 38.95 32.31
C LEU F 181 29.01 39.00 33.83
N LEU F 182 27.96 38.49 34.48
CA LEU F 182 27.86 38.59 35.93
C LEU F 182 29.03 37.96 36.64
N ASP F 183 29.71 37.02 36.00
CA ASP F 183 30.80 36.29 36.64
C ASP F 183 32.17 36.89 36.32
N SER F 184 32.25 37.90 35.44
CA SER F 184 33.49 38.65 35.23
C SER F 184 33.38 40.16 35.47
N ASP F 185 32.18 40.68 35.80
CA ASP F 185 32.06 42.05 36.26
C ASP F 185 33.06 42.39 37.35
N GLY F 186 33.30 41.46 38.27
CA GLY F 186 34.09 41.76 39.45
C GLY F 186 35.57 41.93 39.19
N LEU F 187 36.01 41.74 37.95
CA LEU F 187 37.43 41.76 37.60
C LEU F 187 37.77 42.90 36.64
N LEU F 188 36.78 43.65 36.17
CA LEU F 188 36.97 44.99 35.62
C LEU F 188 36.96 46.10 36.67
N ARG F 189 36.35 45.87 37.84
CA ARG F 189 36.13 46.98 38.75
C ARG F 189 37.42 47.36 39.45
N GLN F 190 38.31 46.41 39.66
CA GLN F 190 39.69 46.70 40.03
C GLN F 190 40.59 46.30 38.87
N SER F 191 41.26 47.29 38.29
CA SER F 191 42.11 47.27 37.11
C SER F 191 42.28 48.74 36.77
N SER F 192 43.51 49.23 36.67
CA SER F 192 43.74 50.63 36.34
C SER F 192 42.94 51.02 35.09
N ASP F 193 42.45 52.26 35.10
CA ASP F 193 41.71 52.92 34.02
C ASP F 193 40.68 52.00 33.36
N PRO F 194 39.52 51.82 34.00
CA PRO F 194 38.49 50.94 33.44
C PRO F 194 37.74 51.56 32.28
N TYR F 195 38.06 52.81 31.92
CA TYR F 195 37.52 53.41 30.71
C TYR F 195 38.31 52.96 29.49
N ILE F 196 39.63 52.82 29.65
CA ILE F 196 40.50 52.43 28.55
C ILE F 196 40.22 51.00 28.10
N LEU F 197 40.01 50.08 29.05
CA LEU F 197 39.75 48.70 28.67
C LEU F 197 38.45 48.59 27.90
N MET F 198 37.40 49.22 28.42
CA MET F 198 36.12 49.19 27.75
C MET F 198 36.20 49.83 26.37
N ARG F 199 37.04 50.83 26.21
CA ARG F 199 37.18 51.42 24.88
C ARG F 199 38.02 50.52 23.97
N GLU F 200 39.09 49.91 24.49
CA GLU F 200 39.87 48.99 23.68
C GLU F 200 39.08 47.72 23.37
N ALA F 201 38.43 47.15 24.38
CA ALA F 201 37.62 45.95 24.13
C ALA F 201 36.60 46.21 23.04
N TYR F 202 36.02 47.42 23.01
CA TYR F 202 35.11 47.78 21.93
C TYR F 202 35.80 47.67 20.58
N PHE F 203 36.90 48.42 20.40
CA PHE F 203 37.57 48.48 19.10
C PHE F 203 38.28 47.18 18.75
N GLN F 204 38.60 46.33 19.72
CA GLN F 204 39.17 45.03 19.43
C GLN F 204 38.09 44.08 18.91
N ARG F 205 36.93 44.06 19.59
CA ARG F 205 35.79 43.25 19.14
C ARG F 205 35.21 43.77 17.83
N HIS F 206 35.15 45.10 17.66
CA HIS F 206 34.49 45.68 16.49
C HIS F 206 35.37 45.69 15.24
N ASP F 207 36.70 45.75 15.40
CA ASP F 207 37.58 45.63 14.24
C ASP F 207 37.72 44.19 13.78
N PHE F 208 37.57 43.24 14.70
CA PHE F 208 37.63 41.84 14.31
C PHE F 208 36.47 41.47 13.38
N ILE F 209 35.31 42.10 13.56
CA ILE F 209 34.12 41.75 12.78
C ILE F 209 34.23 42.19 11.31
N ALA F 210 35.00 43.25 11.00
CA ALA F 210 35.27 43.59 9.60
C ALA F 210 36.37 42.67 9.04
N ASN F 211 35.95 41.67 8.25
CA ASN F 211 36.75 40.54 7.78
C ASN F 211 37.36 39.79 8.94
N GLY F 212 36.84 38.60 9.20
CA GLY F 212 37.12 37.89 10.42
C GLY F 212 35.80 37.77 11.15
N GLY F 213 35.59 36.65 11.82
CA GLY F 213 34.31 36.42 12.44
C GLY F 213 34.34 35.18 13.29
N LYS F 214 34.19 35.36 14.59
CA LYS F 214 34.11 34.28 15.55
C LYS F 214 33.17 34.72 16.65
N LEU F 215 32.54 33.76 17.32
CA LEU F 215 31.64 34.12 18.42
C LEU F 215 31.13 32.95 19.24
N THR F 216 30.02 33.20 19.93
CA THR F 216 29.36 32.26 20.81
C THR F 216 27.95 32.78 21.04
C1 C8E G . 13.62 -33.62 -23.26
C2 C8E G . 13.58 -34.41 -24.57
C3 C8E G . 12.49 -35.47 -24.47
C4 C8E G . 11.23 -35.03 -25.21
C5 C8E G . 10.18 -34.49 -24.25
C6 C8E G . 8.79 -34.86 -24.74
C7 C8E G . 8.28 -33.84 -25.74
C8 C8E G . 6.78 -33.99 -25.93
O9 C8E G . 6.10 -32.81 -25.53
C10 C8E G . 5.44 -32.19 -26.60
C11 C8E G . 3.96 -32.04 -26.29
O12 C8E G . 3.56 -30.70 -26.38
C13 C8E G . 3.28 -30.26 -27.69
C14 C8E G . 1.86 -29.66 -27.75
O15 C8E G . 1.88 -28.26 -27.96
C16 C8E G . 0.58 -27.67 -27.92
C1 C8E H . -23.14 -36.02 -14.10
C2 C8E H . -23.84 -36.66 -15.31
C3 C8E H . -24.51 -35.61 -16.19
C4 C8E H . -25.50 -34.77 -15.40
C5 C8E H . -26.91 -34.79 -15.97
C6 C8E H . -27.87 -34.06 -15.02
C7 C8E H . -29.28 -34.00 -15.60
C8 C8E H . -29.64 -32.63 -16.16
O9 C8E H . -30.59 -31.96 -15.34
C10 C8E H . -30.13 -31.59 -14.05
C1 C8E I . -16.09 -34.77 -15.42
C2 C8E I . -15.18 -34.56 -14.21
C3 C8E I . -15.96 -34.47 -12.88
C5 C8E I . -19.07 -35.99 -11.96
C6 C8E I . -19.16 -34.93 -10.87
C7 C8E I . -20.59 -34.40 -10.78
C8 C8E I . -20.84 -33.41 -9.64
O9 C8E I . -22.02 -32.67 -9.91
C10 C8E I . -23.17 -33.19 -9.28
C11 C8E I . -24.35 -32.86 -10.19
O12 C8E I . -25.56 -33.16 -9.54
C13 C8E I . -26.31 -32.00 -9.22
C14 C8E I . -27.74 -32.04 -9.79
C13 C8E J . 5.24 -37.47 -22.73
C14 C8E J . 3.88 -36.99 -23.23
O15 C8E J . 3.60 -35.68 -22.74
C16 C8E J . 2.23 -35.31 -22.81
C17 C8E J . 2.03 -34.09 -23.72
O18 C8E J . 0.71 -33.58 -23.61
C19 C8E J . 0.63 -32.23 -23.17
C20 C8E J . -0.56 -31.49 -23.81
O21 C8E J . -0.32 -30.09 -23.94
C1 C8E K . -14.60 -14.64 14.77
C2 C8E K . -15.75 -14.02 13.96
C3 C8E K . -16.84 -15.00 13.51
C4 C8E K . -18.08 -14.28 12.97
C5 C8E K . -19.02 -15.17 12.12
C6 C8E K . -20.49 -14.96 12.51
C7 C8E K . -21.53 -15.08 11.40
C8 C8E K . -22.93 -15.25 12.01
O9 C8E K . -23.97 -14.48 11.40
C10 C8E K . -25.22 -14.66 12.07
C11 C8E K . -26.33 -13.78 11.48
O12 C8E K . -27.46 -13.75 12.34
C13 C8E K . -28.64 -14.29 11.75
C14 C8E K . -29.87 -13.39 11.93
O15 C8E K . -30.90 -14.08 12.61
C16 C8E K . -31.86 -14.65 11.74
C1 C8E L . 0.16 -22.01 -27.59
C2 C8E L . 0.43 -20.85 -28.56
C3 C8E L . -0.70 -19.82 -28.63
C4 C8E L . -0.33 -18.69 -29.61
C5 C8E L . -1.60 -17.95 -30.08
C6 C8E L . -1.37 -16.88 -31.14
C7 C8E L . -2.70 -16.11 -31.29
C8 C8E L . -2.76 -15.10 -32.44
O9 C8E L . -4.12 -14.96 -32.85
C10 C8E L . -4.57 -13.64 -33.11
C11 C8E L . -5.77 -13.61 -34.09
C1 C8E M . 15.68 31.17 -1.57
C2 C8E M . 14.22 31.62 -1.72
C3 C8E M . 13.52 31.88 -0.38
C4 C8E M . 12.56 33.06 -0.50
C5 C8E M . 11.25 32.78 0.22
C6 C8E M . 10.13 33.55 -0.45
C7 C8E M . 9.27 34.33 0.55
C8 C8E M . 8.31 35.21 -0.24
O9 C8E M . 7.11 35.50 0.46
C10 C8E M . 6.21 36.25 -0.34
C11 C8E M . 4.85 36.37 0.34
C1 C8E N . 13.38 22.14 -31.13
C2 C8E N . 14.38 21.31 -31.93
C3 C8E N . 13.80 20.89 -33.29
C4 C8E N . 12.70 21.82 -33.85
C5 C8E N . 12.31 21.42 -35.29
C6 C8E N . 10.85 21.72 -35.62
C7 C8E N . 10.32 20.76 -36.70
C8 C8E N . 10.03 21.45 -38.04
O9 C8E N . 8.83 20.97 -38.61
C10 C8E N . 7.77 21.91 -38.66
C11 C8E N . 6.53 21.23 -39.21
O12 C8E N . 6.10 20.23 -38.30
C13 C8E N . 4.88 19.63 -38.70
C14 C8E N . 3.78 20.70 -38.70
O15 C8E N . 2.57 20.08 -38.35
C16 C8E N . 1.67 20.06 -39.44
C17 C8E N . 1.42 21.49 -39.90
O18 C8E N . 0.97 22.25 -38.81
C1 C8E O . 34.60 26.97 2.15
C2 C8E O . 33.73 25.85 1.59
C3 C8E O . 33.60 25.85 0.06
C4 C8E O . 33.64 27.25 -0.57
C5 C8E O . 32.80 27.34 -1.85
C6 C8E O . 31.90 28.58 -1.87
C7 C8E O . 31.14 28.75 -3.19
C8 C8E O . 29.94 29.69 -2.99
O9 C8E O . 29.16 29.97 -4.16
C10 C8E O . 27.80 30.12 -3.76
C11 C8E O . 26.92 30.82 -4.80
O12 C8E O . 25.93 31.56 -4.11
C13 C8E O . 24.61 31.03 -4.19
C14 C8E O . 23.57 32.05 -4.67
O15 C8E O . 22.49 32.14 -3.75
C16 C8E O . 21.32 32.80 -4.23
C1 C8E P . 36.35 25.68 -5.38
C2 C8E P . 35.56 26.89 -5.88
C3 C8E P . 34.20 26.49 -6.48
C4 C8E P . 33.20 27.65 -6.43
C5 C8E P . 31.99 27.43 -7.35
C6 C8E P . 31.75 28.60 -8.31
C7 C8E P . 30.49 29.40 -8.02
C8 C8E P . 29.29 28.87 -8.83
O9 C8E P . 28.15 29.71 -8.69
C10 C8E P . 27.03 29.18 -9.36
C11 C8E P . 25.77 29.91 -8.91
O12 C8E P . 24.63 29.11 -9.12
C13 C8E P . 23.43 29.82 -8.95
C14 C8E P . 22.47 29.12 -8.02
O15 C8E P . 21.21 29.78 -8.09
C1B LMT Q . 2.20 40.73 -19.32
C2B LMT Q . 1.27 41.61 -20.20
C3B LMT Q . 0.73 42.83 -19.42
C4B LMT Q . 0.19 42.41 -18.04
C5B LMT Q . 1.34 41.67 -17.35
C6B LMT Q . 1.00 41.36 -15.89
O1B LMT Q . 3.46 41.33 -19.21
O2B LMT Q . 1.99 42.03 -21.29
O3B LMT Q . -0.20 43.52 -20.15
O4' LMT Q . -0.19 43.52 -17.31
O5B LMT Q . 1.68 40.50 -18.05
O6B LMT Q . 1.25 40.05 -15.63
C1' LMT Q . 7.51 40.52 -19.12
C2' LMT Q . 6.93 40.68 -20.56
C3' LMT Q . 5.50 41.30 -20.50
C4' LMT Q . 4.60 40.55 -19.50
C5' LMT Q . 5.41 40.45 -18.19
C6' LMT Q . 4.65 39.82 -17.06
O1' LMT Q . 8.69 39.83 -19.12
O2' LMT Q . 7.75 41.53 -21.29
O3' LMT Q . 4.93 41.30 -21.76
O5' LMT Q . 6.58 39.72 -18.40
O6' LMT Q . 4.14 38.66 -17.59
C1 LMT Q . 8.95 39.12 -17.93
C2 LMT Q . 10.18 38.30 -18.19
C3 LMT Q . 11.20 38.34 -17.11
C4 LMT Q . 11.98 37.05 -17.13
C5 LMT Q . 13.06 37.16 -16.10
C6 LMT Q . 13.91 35.93 -15.99
C7 LMT Q . 14.02 35.58 -14.54
C8 LMT Q . 15.44 35.24 -14.19
C9 LMT Q . 15.95 33.96 -14.78
C10 LMT Q . 16.60 33.16 -13.67
C11 LMT Q . 17.80 32.38 -14.17
C12 LMT Q . 17.57 30.88 -14.26
C1B LMT R . 9.25 38.61 -24.04
C2B LMT R . 8.41 37.60 -23.26
C3B LMT R . 8.99 36.17 -23.46
C4B LMT R . 9.20 35.81 -24.96
C5B LMT R . 9.80 36.99 -25.72
C6B LMT R . 9.74 36.68 -27.22
O1B LMT R . 10.53 38.57 -23.48
O2B LMT R . 8.43 37.98 -21.94
O3B LMT R . 8.20 35.24 -22.84
O4' LMT R . 10.07 34.72 -25.08
O5B LMT R . 9.23 38.25 -25.40
O6B LMT R . 9.37 37.78 -27.93
C1' LMT R . 13.66 40.11 -21.63
C2' LMT R . 12.47 41.05 -21.46
C3' LMT R . 11.19 40.32 -21.89
C4' LMT R . 11.30 39.76 -23.34
C5' LMT R . 12.75 39.26 -23.66
C6' LMT R . 13.00 39.24 -25.14
O1' LMT R . 14.82 40.67 -21.14
O2' LMT R . 12.35 41.40 -20.14
O3' LMT R . 10.12 41.17 -21.79
O5' LMT R . 13.83 39.95 -23.03
O6' LMT R . 14.27 38.83 -25.29
C1 LMT R . 15.99 39.87 -21.20
C3 LMT R . 26.98 37.58 -20.23
C1 C8E S . -16.59 -9.68 30.12
C2 C8E S . -17.48 -9.17 29.00
C3 C8E S . -18.46 -10.23 28.45
C4 C8E S . -19.54 -9.59 27.56
C5 C8E S . -20.31 -10.63 26.76
C6 C8E S . -21.61 -9.99 26.28
C7 C8E S . -22.57 -10.99 25.65
C8 C8E S . -23.89 -10.26 25.44
O9 C8E S . -24.77 -10.92 24.54
C10 C8E S . -26.01 -10.23 24.41
C11 C8E S . -26.89 -10.97 23.41
O12 C8E S . -28.18 -10.37 23.28
C13 C8E S . -28.70 -10.60 22.00
C14 C8E S . -30.14 -11.08 22.12
O15 C8E S . -31.01 -10.22 21.42
C16 C8E S . -32.08 -10.90 20.81
C1 C8E T . -15.61 -9.25 35.50
C2 C8E T . -14.79 -8.81 36.72
C3 C8E T . -13.40 -9.44 36.82
C4 C8E T . -12.52 -8.78 37.89
C5 C8E T . -11.60 -9.82 38.53
C6 C8E T . -10.33 -9.30 39.19
C7 C8E T . -9.74 -10.41 40.05
C8 C8E T . -8.38 -10.08 40.68
O9 C8E T . -7.80 -11.28 41.17
C10 C8E T . -6.39 -11.34 41.17
C11 C8E T . -6.05 -12.81 41.33
O12 C8E T . -4.65 -13.03 41.24
C13 C8E T . -4.27 -14.28 41.78
C14 C8E T . -2.82 -14.59 41.41
O15 C8E T . -2.79 -15.31 40.19
C16 C8E T . -3.11 -16.67 40.40
C17 C8E T . -2.01 -17.61 39.91
O18 C8E T . -2.16 -18.90 40.49
C19 C8E T . -3.45 -19.45 40.30
C20 C8E T . -3.67 -20.59 41.28
O21 C8E T . -4.72 -21.42 40.82
C1 C8E U . -12.81 -4.49 35.73
C2 C8E U . -12.13 -3.96 36.99
C3 C8E U . -11.36 -5.03 37.79
C4 C8E U . -10.51 -4.44 38.94
C5 C8E U . -10.98 -4.84 40.35
C6 C8E U . -9.87 -4.88 41.41
C7 C8E U . -9.20 -6.25 41.52
C8 C8E U . -8.38 -6.42 42.79
O9 C8E U . -7.00 -6.62 42.53
C10 C8E U . -6.53 -7.86 43.04
C11 C8E U . -5.03 -7.87 43.39
O12 C8E U . -4.21 -7.95 42.25
C13 C8E U . -2.91 -7.42 42.44
C1 C8E V . 7.59 22.20 7.07
C2 C8E V . 6.35 23.07 6.82
C3 C8E V . 5.43 23.28 8.03
C4 C8E V . 4.25 24.14 7.57
C5 C8E V . 3.56 24.87 8.72
C6 C8E V . 2.06 25.05 8.46
C7 C8E V . 1.57 26.51 8.48
C8 C8E V . 0.04 26.54 8.46
O9 C8E V . -0.55 27.80 8.77
C10 C8E V . -0.92 28.59 7.65
C11 C8E V . -2.14 29.45 8.03
O12 C8E V . -2.42 30.48 7.09
C13 C8E V . -1.72 31.69 7.36
C14 C8E V . -2.64 32.85 7.76
O15 C8E V . -3.92 32.85 7.13
C16 C8E V . -4.31 34.14 6.70
C1 C8E W . 14.14 -36.90 -30.92
C2 C8E W . 12.78 -37.19 -31.56
C3 C8E W . 11.88 -37.99 -30.60
C4 C8E W . 10.69 -37.17 -30.09
C5 C8E W . 9.41 -37.99 -30.24
C6 C8E W . 8.31 -37.48 -29.31
C7 C8E W . 7.08 -38.35 -29.54
C8 C8E W . 5.81 -37.51 -29.64
O9 C8E W . 5.42 -37.13 -28.33
C10 C8E W . 4.02 -37.18 -28.14
C11 C8E W . 3.51 -35.86 -27.58
O12 C8E W . 2.41 -35.45 -28.37
C13 C8E W . 1.62 -34.42 -27.80
C2 C8E X . 9.60 -41.15 -35.78
C3 C8E X . 8.53 -40.42 -36.57
C4 C8E X . 7.11 -40.94 -36.25
C5 C8E X . 6.13 -39.84 -35.82
C6 C8E X . 5.48 -39.12 -37.01
C7 C8E X . 4.33 -38.20 -36.58
C8 C8E X . 3.82 -37.33 -37.74
O9 C8E X . 2.52 -36.80 -37.51
C10 C8E X . 2.47 -35.38 -37.65
C11 C8E X . 1.08 -34.76 -37.77
O12 C8E X . 0.84 -33.86 -36.68
C13 C8E X . 0.42 -32.55 -37.06
C1 C8E Y . -13.51 -31.44 16.10
C2 C8E Y . -12.11 -32.07 16.14
C3 C8E Y . -11.63 -32.37 17.55
C4 C8E Y . -10.34 -33.19 17.53
C5 C8E Y . -9.44 -32.89 18.75
C6 C8E Y . -7.95 -32.74 18.41
C7 C8E Y . -7.17 -34.05 18.54
C8 C8E Y . -7.40 -35.01 17.37
C1 C8E Z . -18.24 -15.18 24.53
C2 C8E Z . -19.38 -14.36 25.13
C3 C8E Z . -20.24 -13.75 24.03
C4 C8E Z . -20.11 -14.54 22.71
C5 C8E Z . -21.47 -14.81 22.09
C6 C8E Z . -22.08 -13.54 21.48
C7 C8E Z . -23.24 -13.86 20.54
C8 C8E Z . -23.98 -12.61 20.08
O9 C8E Z . -24.78 -12.86 18.95
C10 C8E Z . -26.03 -12.24 19.07
C11 C8E Z . -26.75 -12.29 17.73
O12 C8E Z . -28.04 -11.70 17.84
C13 C8E Z . -28.14 -10.52 17.09
C14 C8E Z . -29.30 -10.61 16.10
O15 C8E Z . -28.83 -10.36 14.78
C16 C8E Z . -29.66 -9.45 14.08
C17 C8E Z . -31.08 -10.02 13.97
O18 C8E Z . -32.01 -8.98 13.75
C19 C8E Z . -31.91 -8.40 12.46
C20 C8E Z . -33.22 -8.58 11.69
C3 C8E AA . 16.16 23.18 26.07
C4 C8E AA . 16.45 23.65 24.63
C5 C8E AA . 16.77 25.15 24.56
C6 C8E AA . 15.71 25.98 23.84
C7 C8E AA . 14.28 25.57 24.20
C8 C8E AA . 13.28 26.67 23.82
O9 C8E AA . 11.94 26.25 23.96
C1B LMT BA . 36.17 33.77 -0.17
C2B LMT BA . 35.35 34.26 1.03
C3B LMT BA . 35.65 33.36 2.25
C4B LMT BA . 36.89 32.47 1.98
C5B LMT BA . 37.98 33.36 1.31
C6B LMT BA . 39.27 32.57 1.15
O1B LMT BA . 35.73 34.39 -1.34
O2B LMT BA . 35.76 35.55 1.26
O3B LMT BA . 34.51 32.65 2.63
O4' LMT BA . 37.41 31.93 3.15
O5B LMT BA . 37.55 33.93 0.08
O6B LMT BA . 40.29 33.16 1.86
C1' LMT BA . 32.68 33.82 -4.12
C2' LMT BA . 32.91 32.68 -3.10
C3' LMT BA . 33.69 33.21 -1.90
C4' LMT BA . 35.12 33.57 -2.33
C5' LMT BA . 35.03 34.39 -3.65
C6' LMT BA . 35.77 33.80 -4.82
O1' LMT BA . 32.54 33.33 -5.40
O2' LMT BA . 31.69 32.30 -2.64
O3' LMT BA . 33.68 32.26 -0.91
O5' LMT BA . 33.71 34.83 -4.02
O6' LMT BA . 36.90 34.58 -4.99
C1 LMT BA . 31.22 33.35 -5.93
#